data_3DTU
#
_entry.id   3DTU
#
_cell.length_a   123.243
_cell.length_b   132.052
_cell.length_c   167.966
_cell.angle_alpha   90.000
_cell.angle_beta   90.000
_cell.angle_gamma   90.000
#
_symmetry.space_group_name_H-M   'P 21 21 21'
#
loop_
_entity.id
_entity.type
_entity.pdbx_description
1 polymer 'Cytochrome c oxidase subunit 1'
2 polymer 'Cytochrome c oxidase subunit 2'
3 non-polymer DECYL-BETA-D-MALTOPYRANOSIDE
4 non-polymer 'COPPER (II) ION'
5 non-polymer 'MAGNESIUM ION'
6 non-polymer 'CALCIUM ION'
7 non-polymer 'HYDROXIDE ION'
8 non-polymer 'PHOSPHATE ION'
9 non-polymer HEME-A
10 non-polymer TRIDECANE
11 non-polymer 'CADMIUM ION'
12 non-polymer HEPTANE-1,2,3-TRIOL
13 non-polymer '(3ALPHA,5BETA,12ALPHA)-3,12-DIHYDROXYCHOLAN-24-OIC ACID'
14 water water
#
loop_
_entity_poly.entity_id
_entity_poly.type
_entity_poly.pdbx_seq_one_letter_code
_entity_poly.pdbx_strand_id
1 'polypeptide(L)'
;MADAAIHGHEHDRRGFFTRWFMSTNHKDIGVLYLFTGGLVGLISVAFTVYMRMELMAPGVQFMCAEHLESGLVKGFFQSL
WPSAVENCTPNGHLWNVMITGHGILMMFFVVIPALFGGFGNYFMPLHIGAPDMAFPRMNNLSYWLYVAGTSLAVASLFAP
GGNGQLGSGIGWVLYPPLSTSESGYSTDLAIFAVHLSGASSILGAINMITTFLNMRAPGMTMHKVPLFAWSIFVTAWLIL
LALPVLAGAITMLLTDRNFGTTFFQPSGGGDPVLYQHILWFFGHPEVYIIVLPAFGIVSHVIATFAKKPIFGYLPMVYAM
VAIGVLGFVVWAHHMYTAGLSLTQQSYFMMATMVIAVPTGIKIFSWIATMWGGSIELKTPMLWALGFLFLFTVGGVTGIV
LSQASVDRYYHDTYYVVAHFHYVMSLGAVFGIFAGIYFWIGKMSGRQYPEWAGKLHFWMMFVGANLTFFPQHFLGRQGMP
RRYIDYPEAFATWNFVSSLGAFLSFASFLFFLGVIFYTLTRGARVTANNYWNEHADTLEWTLTSPPPEHTFEQLPKREDW
ERAPAH
;
A,C
2 'polypeptide(L)'
;QQQSLEIIGRPQPGGTGFQPSASPVATQIHWLDGFILVIIAAITIFVTLLILYAVWRFHEKRNKVPARFTHNSPLEIAWT
IVPIVILVAIGAFSLPVLFNQQEIPEADVTVKVTGYQWYWGYEYPDEEISFESYMIGSPATGGDNRMSPEVEQQLIEAGY
SRDEFLLATDTAMVVPVNKTVVVQVTGADVIHSWTVPAFGVKQDAVPGRLAQLWFRAEREGIFFGQCSELCGISHAYMPI
TVKVVSEEAYAAWLEQHHHHHH
;
B,D
#
# COMPACT_ATOMS: atom_id res chain seq x y z
N ARG A 13 -13.25 -31.29 -52.81
CA ARG A 13 -14.73 -31.39 -53.03
C ARG A 13 -15.51 -30.77 -51.86
N ARG A 14 -15.43 -31.41 -50.70
CA ARG A 14 -16.08 -30.93 -49.48
C ARG A 14 -15.20 -29.92 -48.78
N GLY A 15 -15.80 -28.80 -48.36
CA GLY A 15 -15.12 -27.80 -47.53
C GLY A 15 -14.84 -28.36 -46.14
N PHE A 16 -13.96 -27.69 -45.41
CA PHE A 16 -13.52 -28.16 -44.10
C PHE A 16 -14.67 -28.37 -43.10
N PHE A 17 -15.64 -27.46 -43.09
CA PHE A 17 -16.80 -27.57 -42.20
C PHE A 17 -17.69 -28.78 -42.53
N THR A 18 -17.98 -28.97 -43.81
CA THR A 18 -18.80 -30.08 -44.30
C THR A 18 -18.13 -31.44 -44.11
N ARG A 19 -16.84 -31.51 -44.44
CA ARG A 19 -16.03 -32.72 -44.29
C ARG A 19 -16.06 -33.24 -42.85
N TRP A 20 -15.98 -32.32 -41.88
CA TRP A 20 -15.83 -32.69 -40.47
C TRP A 20 -17.07 -32.49 -39.64
N PHE A 21 -17.46 -31.24 -39.45
CA PHE A 21 -18.53 -30.90 -38.52
C PHE A 21 -19.92 -31.39 -38.92
N MET A 22 -20.11 -31.67 -40.21
CA MET A 22 -21.40 -32.13 -40.74
C MET A 22 -21.47 -33.65 -40.88
N SER A 23 -20.34 -34.30 -40.71
CA SER A 23 -20.24 -35.75 -40.85
C SER A 23 -21.06 -36.50 -39.79
N THR A 24 -21.71 -37.58 -40.20
CA THR A 24 -22.45 -38.42 -39.28
C THR A 24 -21.71 -39.72 -39.00
N ASN A 25 -20.52 -39.85 -39.57
CA ASN A 25 -19.71 -41.06 -39.38
C ASN A 25 -19.03 -41.11 -38.01
N HIS A 26 -19.10 -42.25 -37.34
CA HIS A 26 -18.57 -42.42 -35.99
C HIS A 26 -17.08 -42.06 -35.85
N LYS A 27 -16.29 -42.39 -36.87
CA LYS A 27 -14.85 -42.09 -36.86
C LYS A 27 -14.60 -40.59 -36.92
N ASP A 28 -15.40 -39.87 -37.71
CA ASP A 28 -15.23 -38.43 -37.83
C ASP A 28 -15.71 -37.71 -36.57
N ILE A 29 -16.85 -38.14 -36.03
CA ILE A 29 -17.39 -37.61 -34.79
C ILE A 29 -16.44 -37.88 -33.63
N GLY A 30 -15.91 -39.11 -33.55
CA GLY A 30 -14.83 -39.44 -32.63
C GLY A 30 -13.68 -38.45 -32.64
N VAL A 31 -13.16 -38.17 -33.84
CA VAL A 31 -12.06 -37.22 -34.02
C VAL A 31 -12.46 -35.80 -33.57
N LEU A 32 -13.69 -35.38 -33.88
CA LEU A 32 -14.19 -34.07 -33.46
C LEU A 32 -14.19 -33.98 -31.91
N TYR A 33 -14.71 -35.00 -31.25
CA TYR A 33 -14.72 -35.06 -29.77
C TYR A 33 -13.30 -35.02 -29.17
N LEU A 34 -12.37 -35.72 -29.80
CA LEU A 34 -10.98 -35.71 -29.35
C LEU A 34 -10.29 -34.37 -29.44
N PHE A 35 -10.44 -33.68 -30.57
CA PHE A 35 -9.79 -32.37 -30.74
C PHE A 35 -10.42 -31.32 -29.84
N THR A 36 -11.75 -31.36 -29.75
CA THR A 36 -12.49 -30.40 -28.96
C THR A 36 -12.15 -30.59 -27.48
N GLY A 37 -12.20 -31.84 -27.03
CA GLY A 37 -11.82 -32.19 -25.67
C GLY A 37 -10.42 -31.72 -25.34
N GLY A 38 -9.50 -31.87 -26.29
CA GLY A 38 -8.14 -31.37 -26.17
C GLY A 38 -8.03 -29.85 -26.09
N LEU A 39 -8.88 -29.15 -26.85
CA LEU A 39 -8.90 -27.69 -26.83
C LEU A 39 -9.47 -27.16 -25.51
N VAL A 40 -10.62 -27.69 -25.10
CA VAL A 40 -11.19 -27.34 -23.80
C VAL A 40 -10.25 -27.77 -22.68
N GLY A 41 -9.60 -28.93 -22.81
CA GLY A 41 -8.55 -29.36 -21.89
C GLY A 41 -7.46 -28.29 -21.73
N LEU A 42 -6.98 -27.75 -22.85
CA LEU A 42 -5.94 -26.72 -22.80
C LEU A 42 -6.42 -25.46 -22.05
N ILE A 43 -7.64 -25.03 -22.32
CA ILE A 43 -8.23 -23.90 -21.60
C ILE A 43 -8.29 -24.16 -20.10
N SER A 44 -8.89 -25.27 -19.70
CA SER A 44 -8.99 -25.62 -18.30
C SER A 44 -7.63 -25.79 -17.62
N VAL A 45 -6.66 -26.35 -18.35
CA VAL A 45 -5.30 -26.46 -17.80
C VAL A 45 -4.67 -25.07 -17.64
N ALA A 46 -4.95 -24.15 -18.56
CA ALA A 46 -4.42 -22.76 -18.44
C ALA A 46 -4.95 -22.06 -17.18
N PHE A 47 -6.23 -22.28 -16.86
CA PHE A 47 -6.83 -21.79 -15.61
C PHE A 47 -6.03 -22.26 -14.40
N THR A 48 -5.64 -23.55 -14.40
CA THR A 48 -4.87 -24.12 -13.29
C THR A 48 -3.48 -23.54 -13.14
N VAL A 49 -2.87 -23.11 -14.24
CA VAL A 49 -1.56 -22.46 -14.18
C VAL A 49 -1.70 -21.12 -13.43
N TYR A 50 -2.75 -20.38 -13.76
CA TYR A 50 -3.04 -19.12 -13.10
C TYR A 50 -3.36 -19.40 -11.62
N MET A 51 -4.23 -20.38 -11.37
CA MET A 51 -4.53 -20.83 -10.01
C MET A 51 -3.23 -21.07 -9.23
N ARG A 52 -2.31 -21.81 -9.84
CA ARG A 52 -1.07 -22.16 -9.16
C ARG A 52 -0.09 -21.02 -9.10
N MET A 53 -0.25 -20.04 -9.98
CA MET A 53 0.52 -18.82 -9.86
C MET A 53 0.12 -18.11 -8.56
N GLU A 54 -1.18 -17.97 -8.33
CA GLU A 54 -1.67 -17.38 -7.08
C GLU A 54 -1.35 -18.22 -5.84
N LEU A 55 -1.34 -19.55 -5.95
CA LEU A 55 -1.05 -20.39 -4.76
C LEU A 55 0.44 -20.61 -4.50
N MET A 56 1.29 -20.14 -5.42
CA MET A 56 2.74 -20.31 -5.25
C MET A 56 3.27 -19.72 -3.96
N ALA A 57 2.74 -18.56 -3.58
CA ALA A 57 3.16 -17.87 -2.35
C ALA A 57 1.97 -17.34 -1.56
N PRO A 58 2.05 -17.37 -0.21
CA PRO A 58 1.02 -16.76 0.64
C PRO A 58 0.96 -15.26 0.40
N GLY A 59 -0.21 -14.66 0.64
CA GLY A 59 -0.51 -13.29 0.23
C GLY A 59 -1.09 -13.36 -1.17
N VAL A 60 -1.99 -12.43 -1.52
CA VAL A 60 -2.56 -12.39 -2.86
C VAL A 60 -1.79 -11.36 -3.70
N GLN A 61 -1.26 -11.79 -4.85
CA GLN A 61 -0.37 -10.98 -5.71
C GLN A 61 -0.90 -10.80 -7.15
N PHE A 62 -1.83 -11.66 -7.57
CA PHE A 62 -2.30 -11.66 -8.97
C PHE A 62 -3.76 -11.31 -9.06
N MET A 63 -4.56 -11.85 -8.15
CA MET A 63 -6.00 -11.67 -8.21
C MET A 63 -6.45 -10.46 -7.39
N CYS A 64 -6.08 -9.29 -7.91
CA CYS A 64 -6.31 -8.00 -7.27
C CYS A 64 -7.61 -7.38 -7.77
N ALA A 65 -8.42 -6.86 -6.84
CA ALA A 65 -9.64 -6.13 -7.21
C ALA A 65 -9.36 -4.92 -8.09
N GLU A 66 -8.14 -4.37 -7.97
CA GLU A 66 -7.71 -3.22 -8.76
C GLU A 66 -7.76 -3.47 -10.28
N HIS A 67 -7.65 -4.75 -10.68
CA HIS A 67 -7.68 -5.12 -12.09
C HIS A 67 -9.08 -5.03 -12.71
N LEU A 68 -10.11 -4.87 -11.88
CA LEU A 68 -11.49 -4.77 -12.39
C LEU A 68 -11.78 -3.42 -13.07
N GLU A 69 -11.11 -2.35 -12.63
CA GLU A 69 -11.32 -0.98 -13.14
C GLU A 69 -10.73 -0.73 -14.53
N SER A 70 -9.81 -1.60 -14.95
CA SER A 70 -9.26 -1.56 -16.29
C SER A 70 -10.25 -2.23 -17.25
N GLY A 71 -9.86 -2.39 -18.51
CA GLY A 71 -10.69 -3.13 -19.46
C GLY A 71 -10.72 -4.62 -19.14
N LEU A 72 -11.37 -5.40 -20.01
CA LEU A 72 -11.33 -6.85 -19.91
C LEU A 72 -9.98 -7.38 -20.42
N VAL A 73 -9.43 -6.71 -21.43
CA VAL A 73 -8.18 -7.12 -22.06
C VAL A 73 -6.95 -6.66 -21.26
N LYS A 74 -6.87 -5.36 -20.97
CA LYS A 74 -5.77 -4.81 -20.18
C LYS A 74 -5.80 -5.31 -18.73
N GLY A 75 -7.01 -5.53 -18.21
CA GLY A 75 -7.22 -6.16 -16.91
C GLY A 75 -6.69 -7.58 -16.86
N PHE A 76 -6.88 -8.30 -17.98
CA PHE A 76 -6.34 -9.65 -18.16
C PHE A 76 -4.81 -9.68 -18.08
N PHE A 77 -4.14 -8.79 -18.82
CA PHE A 77 -2.69 -8.76 -18.87
C PHE A 77 -2.06 -8.28 -17.56
N GLN A 78 -2.75 -7.36 -16.88
CA GLN A 78 -2.37 -6.91 -15.54
C GLN A 78 -2.40 -8.05 -14.53
N SER A 79 -3.44 -8.88 -14.65
CA SER A 79 -3.65 -10.04 -13.80
C SER A 79 -2.51 -11.05 -13.80
N LEU A 80 -1.73 -11.07 -14.88
CA LEU A 80 -0.67 -12.06 -15.08
C LEU A 80 0.67 -11.69 -14.45
N TRP A 81 0.82 -10.43 -14.09
CA TRP A 81 2.05 -9.96 -13.46
C TRP A 81 1.81 -9.72 -11.95
N PRO A 82 2.74 -10.18 -11.09
CA PRO A 82 2.53 -10.07 -9.64
C PRO A 82 2.58 -8.64 -9.10
N SER A 83 1.67 -8.31 -8.19
CA SER A 83 1.68 -7.03 -7.46
C SER A 83 2.19 -7.23 -6.05
N ALA A 84 2.67 -6.16 -5.43
CA ALA A 84 2.93 -6.16 -3.99
C ALA A 84 1.60 -6.37 -3.27
N VAL A 85 1.65 -7.02 -2.12
CA VAL A 85 0.44 -7.22 -1.31
C VAL A 85 -0.22 -5.86 -1.04
N GLU A 86 0.59 -4.86 -0.73
CA GLU A 86 0.03 -3.55 -0.37
C GLU A 86 -0.60 -2.79 -1.54
N ASN A 87 -0.35 -3.26 -2.77
CA ASN A 87 -1.04 -2.75 -3.96
C ASN A 87 -2.14 -3.66 -4.51
N CYS A 88 -2.38 -4.77 -3.82
CA CYS A 88 -3.29 -5.81 -4.31
C CYS A 88 -4.41 -6.10 -3.30
N THR A 89 -5.62 -5.63 -3.59
CA THR A 89 -6.78 -5.93 -2.75
C THR A 89 -7.31 -7.31 -3.15
N PRO A 90 -7.26 -8.30 -2.24
CA PRO A 90 -7.65 -9.68 -2.63
C PRO A 90 -9.03 -9.73 -3.25
N ASN A 91 -9.16 -10.42 -4.37
CA ASN A 91 -10.48 -10.66 -4.98
C ASN A 91 -10.82 -12.15 -4.99
N GLY A 92 -11.43 -12.62 -3.91
CA GLY A 92 -11.82 -14.01 -3.74
C GLY A 92 -12.79 -14.53 -4.78
N HIS A 93 -13.58 -13.62 -5.37
CA HIS A 93 -14.54 -14.02 -6.39
C HIS A 93 -13.86 -14.53 -7.66
N LEU A 94 -12.78 -13.89 -8.10
CA LEU A 94 -12.04 -14.37 -9.26
C LEU A 94 -11.50 -15.78 -8.99
N TRP A 95 -10.88 -15.97 -7.82
CA TRP A 95 -10.44 -17.30 -7.45
C TRP A 95 -11.58 -18.32 -7.55
N ASN A 96 -12.70 -18.01 -6.91
CA ASN A 96 -13.85 -18.91 -6.91
C ASN A 96 -14.37 -19.22 -8.32
N VAL A 97 -14.34 -18.21 -9.20
CA VAL A 97 -14.77 -18.36 -10.60
C VAL A 97 -13.82 -19.28 -11.39
N MET A 98 -12.51 -19.06 -11.27
CA MET A 98 -11.48 -19.88 -11.91
C MET A 98 -11.59 -21.36 -11.54
N ILE A 99 -11.72 -21.61 -10.24
CA ILE A 99 -11.87 -22.93 -9.63
C ILE A 99 -13.11 -23.66 -10.13
N THR A 100 -14.21 -22.92 -10.21
CA THR A 100 -15.49 -23.44 -10.68
C THR A 100 -15.41 -23.76 -12.17
N GLY A 101 -14.78 -22.85 -12.92
CA GLY A 101 -14.59 -22.99 -14.37
C GLY A 101 -13.71 -24.18 -14.71
N HIS A 102 -12.56 -24.26 -14.05
CA HIS A 102 -11.66 -25.41 -14.18
C HIS A 102 -12.39 -26.75 -13.94
N GLY A 103 -13.12 -26.84 -12.83
CA GLY A 103 -13.83 -28.06 -12.46
C GLY A 103 -14.98 -28.42 -13.39
N ILE A 104 -15.82 -27.44 -13.73
CA ILE A 104 -16.93 -27.70 -14.65
C ILE A 104 -16.42 -28.10 -16.05
N LEU A 105 -15.41 -27.38 -16.55
CA LEU A 105 -14.83 -27.73 -17.85
C LEU A 105 -14.31 -29.17 -17.84
N MET A 106 -13.49 -29.53 -16.84
CA MET A 106 -12.93 -30.88 -16.74
C MET A 106 -14.00 -31.98 -16.67
N MET A 107 -14.97 -31.81 -15.77
CA MET A 107 -15.92 -32.85 -15.43
C MET A 107 -17.02 -33.06 -16.45
N PHE A 108 -17.40 -31.98 -17.15
CA PHE A 108 -18.46 -32.06 -18.16
C PHE A 108 -17.97 -31.92 -19.60
N PHE A 109 -16.84 -31.25 -19.81
CA PHE A 109 -16.46 -30.83 -21.15
C PHE A 109 -15.07 -31.25 -21.60
N VAL A 110 -14.38 -32.11 -20.84
CA VAL A 110 -13.02 -32.52 -21.22
C VAL A 110 -12.82 -34.04 -21.29
N VAL A 111 -12.74 -34.70 -20.14
CA VAL A 111 -12.29 -36.09 -20.10
C VAL A 111 -13.29 -37.12 -20.62
N ILE A 112 -14.57 -36.94 -20.31
CA ILE A 112 -15.61 -37.84 -20.81
C ILE A 112 -15.86 -37.67 -22.32
N PRO A 113 -16.00 -36.41 -22.81
CA PRO A 113 -16.01 -36.24 -24.26
C PRO A 113 -14.80 -36.86 -24.99
N ALA A 114 -13.61 -36.80 -24.39
CA ALA A 114 -12.41 -37.39 -24.99
C ALA A 114 -12.44 -38.93 -25.00
N LEU A 115 -12.78 -39.50 -23.86
CA LEU A 115 -12.76 -40.96 -23.68
C LEU A 115 -13.98 -41.67 -24.26
N PHE A 116 -15.16 -41.20 -23.86
CA PHE A 116 -16.43 -41.76 -24.27
C PHE A 116 -16.83 -41.23 -25.64
N GLY A 117 -16.89 -39.92 -25.80
CA GLY A 117 -17.31 -39.32 -27.07
C GLY A 117 -16.28 -39.47 -28.18
N GLY A 118 -15.01 -39.57 -27.79
CA GLY A 118 -13.89 -39.57 -28.72
C GLY A 118 -13.49 -40.98 -29.10
N PHE A 119 -12.75 -41.64 -28.21
CA PHE A 119 -12.34 -43.03 -28.44
C PHE A 119 -13.51 -44.01 -28.46
N GLY A 120 -14.50 -43.76 -27.59
CA GLY A 120 -15.76 -44.51 -27.61
C GLY A 120 -16.44 -44.51 -28.98
N ASN A 121 -16.76 -43.32 -29.51
CA ASN A 121 -17.35 -43.22 -30.84
C ASN A 121 -16.48 -43.79 -31.95
N TYR A 122 -15.16 -43.53 -31.89
CA TYR A 122 -14.24 -44.03 -32.88
C TYR A 122 -14.11 -45.56 -32.87
N PHE A 123 -13.71 -46.12 -31.73
CA PHE A 123 -13.26 -47.50 -31.70
C PHE A 123 -14.26 -48.57 -31.34
N MET A 124 -15.29 -48.19 -30.58
CA MET A 124 -16.29 -49.18 -30.16
C MET A 124 -16.94 -49.91 -31.36
N PRO A 125 -17.44 -49.16 -32.36
CA PRO A 125 -17.97 -49.84 -33.55
C PRO A 125 -16.92 -50.70 -34.26
N LEU A 126 -15.71 -50.17 -34.43
CA LEU A 126 -14.61 -50.97 -34.99
C LEU A 126 -14.40 -52.26 -34.21
N HIS A 127 -14.43 -52.18 -32.88
CA HIS A 127 -14.15 -53.33 -32.03
C HIS A 127 -15.20 -54.46 -32.13
N ILE A 128 -16.46 -54.09 -32.38
CA ILE A 128 -17.55 -55.07 -32.47
C ILE A 128 -17.91 -55.42 -33.94
N GLY A 129 -17.20 -54.81 -34.89
CA GLY A 129 -17.44 -55.05 -36.31
C GLY A 129 -18.71 -54.42 -36.83
N ALA A 130 -19.06 -53.25 -36.27
CA ALA A 130 -20.21 -52.47 -36.73
C ALA A 130 -19.74 -51.37 -37.68
N PRO A 131 -20.49 -51.14 -38.78
CA PRO A 131 -20.08 -50.15 -39.78
C PRO A 131 -20.25 -48.72 -39.27
N ASP A 132 -21.21 -48.52 -38.38
CA ASP A 132 -21.50 -47.21 -37.81
C ASP A 132 -22.29 -47.38 -36.53
N MET A 133 -22.68 -46.25 -35.94
CA MET A 133 -23.60 -46.27 -34.81
C MET A 133 -25.00 -46.49 -35.34
N ALA A 134 -25.89 -47.01 -34.49
CA ALA A 134 -27.28 -47.20 -34.82
C ALA A 134 -27.95 -45.93 -35.36
N PHE A 135 -27.67 -44.78 -34.73
CA PHE A 135 -28.31 -43.52 -35.11
C PHE A 135 -27.28 -42.43 -35.42
N PRO A 136 -26.69 -42.49 -36.63
CA PRO A 136 -25.61 -41.57 -37.01
C PRO A 136 -25.92 -40.07 -36.93
N ARG A 137 -27.15 -39.66 -37.25
CA ARG A 137 -27.49 -38.23 -37.16
C ARG A 137 -27.64 -37.78 -35.69
N MET A 138 -28.10 -38.69 -34.82
CA MET A 138 -28.21 -38.46 -33.38
C MET A 138 -26.80 -38.29 -32.83
N ASN A 139 -25.88 -39.12 -33.31
CA ASN A 139 -24.47 -39.04 -32.94
C ASN A 139 -23.87 -37.67 -33.27
N ASN A 140 -24.20 -37.13 -34.43
CA ASN A 140 -23.74 -35.81 -34.81
C ASN A 140 -24.34 -34.71 -33.91
N LEU A 141 -25.61 -34.87 -33.55
CA LEU A 141 -26.30 -33.94 -32.68
C LEU A 141 -25.65 -33.95 -31.30
N SER A 142 -25.31 -35.14 -30.80
CA SER A 142 -24.62 -35.27 -29.52
C SER A 142 -23.40 -34.35 -29.47
N TYR A 143 -22.63 -34.31 -30.56
CA TYR A 143 -21.44 -33.46 -30.60
C TYR A 143 -21.80 -31.98 -30.53
N TRP A 144 -22.83 -31.59 -31.27
CA TRP A 144 -23.23 -30.18 -31.28
C TRP A 144 -23.77 -29.71 -29.93
N LEU A 145 -24.48 -30.59 -29.23
CA LEU A 145 -24.97 -30.27 -27.89
C LEU A 145 -23.79 -30.08 -26.93
N TYR A 146 -22.75 -30.90 -27.13
CA TYR A 146 -21.49 -30.76 -26.40
C TYR A 146 -20.84 -29.39 -26.61
N VAL A 147 -20.74 -28.96 -27.86
CA VAL A 147 -20.13 -27.67 -28.19
C VAL A 147 -20.98 -26.50 -27.66
N ALA A 148 -22.29 -26.62 -27.78
CA ALA A 148 -23.22 -25.62 -27.27
C ALA A 148 -23.09 -25.50 -25.75
N GLY A 149 -22.98 -26.64 -25.07
CA GLY A 149 -22.78 -26.64 -23.61
C GLY A 149 -21.47 -26.00 -23.23
N THR A 150 -20.39 -26.35 -23.92
CA THR A 150 -19.08 -25.75 -23.70
C THR A 150 -19.17 -24.23 -23.89
N SER A 151 -19.86 -23.80 -24.95
CA SER A 151 -19.97 -22.38 -25.25
C SER A 151 -20.67 -21.62 -24.12
N LEU A 152 -21.73 -22.21 -23.57
CA LEU A 152 -22.45 -21.63 -22.44
C LEU A 152 -21.64 -21.59 -21.14
N ALA A 153 -20.91 -22.67 -20.83
CA ALA A 153 -20.00 -22.70 -19.70
C ALA A 153 -18.98 -21.57 -19.80
N VAL A 154 -18.36 -21.44 -20.98
CA VAL A 154 -17.43 -20.36 -21.26
C VAL A 154 -18.11 -18.97 -21.17
N ALA A 155 -19.34 -18.86 -21.70
CA ALA A 155 -20.08 -17.60 -21.65
C ALA A 155 -20.41 -17.20 -20.21
N SER A 156 -20.66 -18.17 -19.34
CA SER A 156 -20.95 -17.89 -17.94
C SER A 156 -19.81 -17.12 -17.28
N LEU A 157 -18.58 -17.32 -17.77
CA LEU A 157 -17.41 -16.65 -17.20
C LEU A 157 -17.41 -15.14 -17.43
N PHE A 158 -18.10 -14.70 -18.48
CA PHE A 158 -18.11 -13.29 -18.89
C PHE A 158 -19.49 -12.67 -18.73
N ALA A 159 -20.37 -13.38 -18.04
CA ALA A 159 -21.73 -12.92 -17.79
C ALA A 159 -21.85 -12.39 -16.36
N PRO A 160 -22.78 -11.43 -16.14
CA PRO A 160 -23.02 -10.91 -14.79
C PRO A 160 -23.23 -12.04 -13.77
N GLY A 161 -22.41 -12.04 -12.73
CA GLY A 161 -22.39 -13.13 -11.76
C GLY A 161 -22.40 -12.64 -10.32
N GLY A 162 -21.73 -13.39 -9.46
CA GLY A 162 -21.74 -13.11 -8.03
C GLY A 162 -20.99 -11.85 -7.66
N ASN A 163 -21.43 -11.22 -6.58
CA ASN A 163 -20.74 -10.08 -5.97
C ASN A 163 -20.59 -8.87 -6.89
N GLY A 164 -21.54 -8.69 -7.81
CA GLY A 164 -21.45 -7.62 -8.80
C GLY A 164 -20.25 -7.69 -9.74
N GLN A 165 -19.71 -8.90 -9.93
CA GLN A 165 -18.63 -9.11 -10.89
C GLN A 165 -19.13 -10.04 -11.98
N LEU A 166 -18.23 -10.58 -12.80
CA LEU A 166 -18.60 -11.60 -13.77
C LEU A 166 -18.32 -13.00 -13.24
N GLY A 167 -19.11 -13.99 -13.68
CA GLY A 167 -18.86 -15.40 -13.38
C GLY A 167 -19.48 -15.97 -12.12
N SER A 168 -19.61 -17.31 -12.09
CA SER A 168 -20.10 -18.05 -10.93
C SER A 168 -18.98 -18.59 -10.07
N GLY A 169 -18.92 -18.15 -8.82
CA GLY A 169 -17.91 -18.65 -7.88
C GLY A 169 -18.54 -19.58 -6.88
N ILE A 170 -19.08 -20.70 -7.38
CA ILE A 170 -19.97 -21.53 -6.59
C ILE A 170 -19.54 -22.99 -6.44
N GLY A 171 -18.38 -23.34 -7.01
CA GLY A 171 -17.89 -24.72 -6.98
C GLY A 171 -18.55 -25.53 -8.07
N TRP A 172 -17.86 -26.54 -8.60
CA TRP A 172 -18.39 -27.29 -9.76
C TRP A 172 -19.69 -28.05 -9.44
N VAL A 173 -19.97 -28.27 -8.15
CA VAL A 173 -21.16 -29.00 -7.71
C VAL A 173 -22.36 -28.12 -7.29
N LEU A 174 -22.18 -26.80 -7.36
CA LEU A 174 -23.29 -25.84 -7.28
C LEU A 174 -24.20 -25.97 -6.03
N TYR A 175 -23.62 -26.13 -4.85
CA TYR A 175 -24.39 -26.25 -3.61
C TYR A 175 -25.26 -25.03 -3.36
N PRO A 176 -26.57 -25.25 -3.12
CA PRO A 176 -27.42 -24.18 -2.59
C PRO A 176 -27.35 -24.15 -1.05
N PRO A 177 -27.75 -23.02 -0.43
CA PRO A 177 -28.25 -21.76 -0.98
C PRO A 177 -27.25 -20.86 -1.67
N LEU A 178 -25.95 -21.17 -1.60
CA LEU A 178 -24.96 -20.33 -2.30
C LEU A 178 -25.32 -20.20 -3.79
N SER A 179 -25.50 -21.33 -4.46
CA SER A 179 -25.75 -21.33 -5.90
C SER A 179 -27.10 -20.69 -6.25
N THR A 180 -28.09 -20.88 -5.39
CA THR A 180 -29.42 -20.27 -5.61
C THR A 180 -29.51 -18.78 -5.24
N SER A 181 -28.49 -18.25 -4.56
CA SER A 181 -28.46 -16.83 -4.18
C SER A 181 -27.45 -16.00 -4.96
N GLU A 182 -26.54 -16.65 -5.68
CA GLU A 182 -25.52 -15.95 -6.47
C GLU A 182 -26.22 -14.98 -7.40
N SER A 183 -25.79 -13.72 -7.37
CA SER A 183 -26.43 -12.69 -8.19
C SER A 183 -26.09 -12.85 -9.69
N GLY A 184 -26.80 -12.11 -10.53
CA GLY A 184 -26.60 -12.17 -11.97
C GLY A 184 -27.26 -13.41 -12.56
N TYR A 185 -26.90 -13.72 -13.80
CA TYR A 185 -27.49 -14.88 -14.49
C TYR A 185 -26.41 -15.87 -14.96
N SER A 186 -25.16 -15.57 -14.61
CA SER A 186 -24.04 -16.43 -14.91
C SER A 186 -24.27 -17.87 -14.44
N THR A 187 -24.85 -18.01 -13.25
CA THR A 187 -25.18 -19.32 -12.70
C THR A 187 -26.24 -20.07 -13.51
N ASP A 188 -27.19 -19.32 -14.08
CA ASP A 188 -28.24 -19.94 -14.90
C ASP A 188 -27.62 -20.48 -16.19
N LEU A 189 -26.70 -19.71 -16.78
CA LEU A 189 -25.95 -20.15 -17.96
C LEU A 189 -25.16 -21.44 -17.71
N ALA A 190 -24.51 -21.53 -16.54
CA ALA A 190 -23.78 -22.74 -16.15
C ALA A 190 -24.71 -23.93 -16.00
N ILE A 191 -25.89 -23.70 -15.44
CA ILE A 191 -26.90 -24.75 -15.33
C ILE A 191 -27.33 -25.26 -16.73
N PHE A 192 -27.58 -24.33 -17.66
CA PHE A 192 -27.95 -24.70 -19.03
C PHE A 192 -26.83 -25.48 -19.74
N ALA A 193 -25.59 -25.02 -19.56
CA ALA A 193 -24.41 -25.74 -20.06
C ALA A 193 -24.39 -27.19 -19.61
N VAL A 194 -24.69 -27.40 -18.32
CA VAL A 194 -24.67 -28.73 -17.75
C VAL A 194 -25.83 -29.57 -18.28
N HIS A 195 -27.00 -28.96 -18.44
CA HIS A 195 -28.13 -29.61 -19.14
C HIS A 195 -27.73 -30.11 -20.53
N LEU A 196 -27.08 -29.25 -21.32
CA LEU A 196 -26.65 -29.58 -22.68
C LEU A 196 -25.56 -30.64 -22.71
N SER A 197 -24.67 -30.63 -21.72
CA SER A 197 -23.69 -31.70 -21.57
C SER A 197 -24.39 -33.02 -21.30
N GLY A 198 -25.40 -32.97 -20.43
CA GLY A 198 -26.16 -34.15 -20.02
C GLY A 198 -26.86 -34.81 -21.19
N ALA A 199 -27.49 -33.98 -22.01
CA ALA A 199 -28.18 -34.41 -23.21
C ALA A 199 -27.20 -35.05 -24.18
N SER A 200 -26.09 -34.36 -24.43
CA SER A 200 -24.99 -34.91 -25.23
C SER A 200 -24.61 -36.32 -24.81
N SER A 201 -24.42 -36.51 -23.50
CA SER A 201 -23.99 -37.79 -22.92
C SER A 201 -25.07 -38.86 -23.06
N ILE A 202 -26.33 -38.47 -22.86
CA ILE A 202 -27.45 -39.38 -22.99
C ILE A 202 -27.61 -39.87 -24.45
N LEU A 203 -27.54 -38.94 -25.41
CA LEU A 203 -27.62 -39.31 -26.83
C LEU A 203 -26.49 -40.27 -27.21
N GLY A 204 -25.28 -39.96 -26.78
CA GLY A 204 -24.14 -40.85 -26.95
C GLY A 204 -24.41 -42.22 -26.37
N ALA A 205 -24.98 -42.24 -25.17
CA ALA A 205 -25.25 -43.47 -24.43
C ALA A 205 -26.29 -44.36 -25.11
N ILE A 206 -27.34 -43.75 -25.65
CA ILE A 206 -28.37 -44.44 -26.41
C ILE A 206 -27.75 -45.12 -27.64
N ASN A 207 -26.94 -44.37 -28.38
CA ASN A 207 -26.15 -44.94 -29.48
C ASN A 207 -25.25 -46.10 -29.09
N MET A 208 -24.43 -45.93 -28.06
CA MET A 208 -23.50 -46.99 -27.63
C MET A 208 -24.25 -48.29 -27.31
N ILE A 209 -25.36 -48.16 -26.59
CA ILE A 209 -26.10 -49.32 -26.11
C ILE A 209 -26.82 -50.05 -27.25
N THR A 210 -27.52 -49.30 -28.10
CA THR A 210 -28.22 -49.87 -29.25
C THR A 210 -27.23 -50.56 -30.21
N THR A 211 -26.13 -49.87 -30.51
CA THR A 211 -25.08 -50.43 -31.38
C THR A 211 -24.46 -51.70 -30.83
N PHE A 212 -24.06 -51.67 -29.56
CA PHE A 212 -23.42 -52.81 -28.89
C PHE A 212 -24.33 -54.05 -28.87
N LEU A 213 -25.62 -53.82 -28.75
CA LEU A 213 -26.56 -54.92 -28.60
C LEU A 213 -27.03 -55.47 -29.95
N ASN A 214 -27.25 -54.57 -30.92
CA ASN A 214 -27.92 -54.93 -32.16
C ASN A 214 -27.03 -55.04 -33.39
N MET A 215 -25.79 -54.55 -33.29
CA MET A 215 -24.97 -54.38 -34.48
C MET A 215 -23.57 -55.02 -34.42
N ARG A 216 -23.38 -55.99 -33.54
CA ARG A 216 -22.15 -56.77 -33.52
C ARG A 216 -22.04 -57.63 -34.79
N ALA A 217 -20.83 -57.88 -35.25
CA ALA A 217 -20.59 -58.71 -36.42
C ALA A 217 -21.01 -60.16 -36.20
N PRO A 218 -21.41 -60.89 -37.27
CA PRO A 218 -21.63 -62.34 -37.22
C PRO A 218 -20.51 -63.08 -36.46
N GLY A 219 -20.90 -63.84 -35.44
CA GLY A 219 -19.94 -64.57 -34.63
C GLY A 219 -19.46 -63.83 -33.39
N MET A 220 -19.54 -62.49 -33.45
CA MET A 220 -19.14 -61.62 -32.33
C MET A 220 -20.11 -61.78 -31.16
N THR A 221 -19.87 -62.80 -30.35
CA THR A 221 -20.65 -63.07 -29.14
C THR A 221 -20.24 -62.13 -28.01
N MET A 222 -21.14 -61.93 -27.05
CA MET A 222 -20.87 -61.04 -25.91
C MET A 222 -19.55 -61.37 -25.19
N HIS A 223 -19.23 -62.65 -25.03
CA HIS A 223 -17.98 -63.06 -24.38
C HIS A 223 -16.75 -63.09 -25.30
N LYS A 224 -16.89 -62.58 -26.51
CA LYS A 224 -15.75 -62.36 -27.42
C LYS A 224 -15.51 -60.87 -27.72
N VAL A 225 -16.41 -60.02 -27.24
CA VAL A 225 -16.31 -58.56 -27.41
C VAL A 225 -15.08 -58.00 -26.67
N PRO A 226 -14.29 -57.13 -27.34
CA PRO A 226 -13.07 -56.66 -26.67
C PRO A 226 -13.39 -55.75 -25.47
N LEU A 227 -12.46 -55.70 -24.53
CA LEU A 227 -12.66 -55.05 -23.22
C LEU A 227 -12.98 -53.56 -23.32
N PHE A 228 -12.38 -52.87 -24.28
CA PHE A 228 -12.69 -51.45 -24.42
C PHE A 228 -14.16 -51.24 -24.77
N ALA A 229 -14.70 -52.05 -25.67
CA ALA A 229 -16.11 -51.95 -26.04
C ALA A 229 -17.05 -52.29 -24.88
N TRP A 230 -16.65 -53.25 -24.05
CA TRP A 230 -17.32 -53.52 -22.77
C TRP A 230 -17.32 -52.29 -21.82
N SER A 231 -16.15 -51.68 -21.66
CA SER A 231 -15.99 -50.50 -20.81
C SER A 231 -16.92 -49.37 -21.24
N ILE A 232 -17.04 -49.17 -22.55
CA ILE A 232 -17.94 -48.16 -23.14
C ILE A 232 -19.42 -48.53 -22.95
N PHE A 233 -19.71 -49.83 -23.07
CA PHE A 233 -21.06 -50.34 -22.84
C PHE A 233 -21.53 -50.12 -21.41
N VAL A 234 -20.71 -50.52 -20.44
CA VAL A 234 -21.01 -50.29 -19.02
C VAL A 234 -21.17 -48.80 -18.73
N THR A 235 -20.23 -47.98 -19.21
CA THR A 235 -20.28 -46.52 -19.03
C THR A 235 -21.59 -45.90 -19.53
N ALA A 236 -22.07 -46.35 -20.68
CA ALA A 236 -23.33 -45.84 -21.23
C ALA A 236 -24.54 -46.10 -20.32
N TRP A 237 -24.57 -47.25 -19.66
CA TRP A 237 -25.67 -47.55 -18.72
C TRP A 237 -25.67 -46.59 -17.53
N LEU A 238 -24.47 -46.35 -16.99
CA LEU A 238 -24.31 -45.44 -15.86
C LEU A 238 -24.81 -44.06 -16.23
N ILE A 239 -24.46 -43.61 -17.42
CA ILE A 239 -24.93 -42.32 -17.93
C ILE A 239 -26.46 -42.23 -17.95
N LEU A 240 -27.12 -43.29 -18.39
CA LEU A 240 -28.58 -43.29 -18.49
C LEU A 240 -29.27 -43.17 -17.15
N LEU A 241 -28.67 -43.73 -16.10
CA LEU A 241 -29.25 -43.61 -14.76
C LEU A 241 -28.82 -42.31 -14.07
N ALA A 242 -27.52 -41.99 -14.17
CA ALA A 242 -26.95 -40.83 -13.48
C ALA A 242 -27.36 -39.45 -14.02
N LEU A 243 -27.29 -39.26 -15.33
CA LEU A 243 -27.50 -37.92 -15.90
C LEU A 243 -28.92 -37.31 -15.81
N PRO A 244 -29.98 -38.15 -15.95
CA PRO A 244 -31.34 -37.60 -15.73
C PRO A 244 -31.56 -37.14 -14.28
N VAL A 245 -30.97 -37.84 -13.32
CA VAL A 245 -31.00 -37.45 -11.90
C VAL A 245 -30.36 -36.06 -11.69
N LEU A 246 -29.22 -35.81 -12.35
CA LEU A 246 -28.58 -34.51 -12.31
C LEU A 246 -29.47 -33.44 -12.94
N ALA A 247 -30.06 -33.75 -14.09
CA ALA A 247 -30.93 -32.80 -14.77
C ALA A 247 -32.04 -32.34 -13.82
N GLY A 248 -32.53 -33.27 -13.00
CA GLY A 248 -33.50 -32.95 -11.95
C GLY A 248 -32.92 -31.98 -10.92
N ALA A 249 -31.79 -32.37 -10.32
CA ALA A 249 -31.12 -31.55 -9.29
C ALA A 249 -30.92 -30.12 -9.74
N ILE A 250 -30.39 -29.94 -10.95
CA ILE A 250 -30.07 -28.60 -11.42
C ILE A 250 -31.31 -27.84 -11.90
N THR A 251 -32.36 -28.56 -12.29
CA THR A 251 -33.59 -27.88 -12.72
C THR A 251 -34.25 -27.29 -11.47
N MET A 252 -34.16 -28.03 -10.37
CA MET A 252 -34.62 -27.52 -9.08
C MET A 252 -33.85 -26.26 -8.65
N LEU A 253 -32.54 -26.20 -8.91
CA LEU A 253 -31.77 -24.98 -8.64
C LEU A 253 -32.28 -23.83 -9.49
N LEU A 254 -32.53 -24.11 -10.77
CA LEU A 254 -33.03 -23.10 -11.68
C LEU A 254 -34.41 -22.58 -11.24
N THR A 255 -35.28 -23.46 -10.75
CA THR A 255 -36.60 -23.01 -10.32
C THR A 255 -36.56 -22.24 -9.00
N ASP A 256 -35.73 -22.67 -8.04
CA ASP A 256 -35.48 -21.87 -6.81
C ASP A 256 -34.95 -20.47 -7.14
N ARG A 257 -34.08 -20.39 -8.15
CA ARG A 257 -33.49 -19.13 -8.59
C ARG A 257 -34.47 -18.19 -9.33
N ASN A 258 -35.34 -18.77 -10.16
CA ASN A 258 -36.11 -17.97 -11.13
C ASN A 258 -37.63 -18.10 -11.06
N PHE A 259 -38.12 -19.22 -10.55
CA PHE A 259 -39.55 -19.55 -10.64
C PHE A 259 -40.23 -19.77 -9.28
N GLY A 260 -39.71 -19.12 -8.25
CA GLY A 260 -40.36 -19.04 -6.95
C GLY A 260 -40.47 -20.30 -6.12
N THR A 261 -39.87 -21.41 -6.55
CA THR A 261 -39.86 -22.62 -5.71
C THR A 261 -38.91 -22.48 -4.52
N THR A 262 -39.07 -23.36 -3.54
CA THR A 262 -38.23 -23.31 -2.35
C THR A 262 -37.74 -24.71 -1.96
N PHE A 263 -37.32 -25.48 -2.97
CA PHE A 263 -36.83 -26.85 -2.76
C PHE A 263 -35.71 -26.92 -1.74
N PHE A 264 -34.80 -25.94 -1.79
CA PHE A 264 -33.60 -25.97 -0.96
C PHE A 264 -33.49 -24.74 -0.04
N GLN A 265 -34.59 -24.00 0.08
CA GLN A 265 -34.64 -22.79 0.89
C GLN A 265 -35.45 -23.06 2.17
N PRO A 266 -34.78 -23.04 3.33
CA PRO A 266 -35.42 -23.41 4.61
C PRO A 266 -36.60 -22.50 4.99
N SER A 267 -36.54 -21.23 4.62
CA SER A 267 -37.65 -20.28 4.83
C SER A 267 -38.96 -20.75 4.18
N GLY A 268 -38.85 -21.40 3.03
CA GLY A 268 -40.01 -21.94 2.34
C GLY A 268 -40.30 -23.39 2.66
N GLY A 269 -39.54 -23.97 3.60
CA GLY A 269 -39.72 -25.36 3.99
C GLY A 269 -38.79 -26.36 3.31
N GLY A 270 -37.81 -25.86 2.57
CA GLY A 270 -36.85 -26.70 1.86
C GLY A 270 -35.64 -27.10 2.69
N ASP A 271 -34.74 -27.88 2.08
CA ASP A 271 -33.59 -28.42 2.76
C ASP A 271 -32.39 -28.45 1.79
N PRO A 272 -31.34 -27.65 2.09
CA PRO A 272 -30.15 -27.64 1.25
C PRO A 272 -29.53 -29.03 1.06
N VAL A 273 -29.64 -29.88 2.08
CA VAL A 273 -29.02 -31.20 2.06
C VAL A 273 -29.73 -32.17 1.11
N LEU A 274 -31.00 -31.89 0.78
CA LEU A 274 -31.72 -32.67 -0.20
C LEU A 274 -31.03 -32.56 -1.56
N TYR A 275 -30.58 -31.35 -1.91
CA TYR A 275 -29.84 -31.14 -3.16
C TYR A 275 -28.61 -32.03 -3.25
N GLN A 276 -27.89 -32.13 -2.14
CA GLN A 276 -26.64 -32.86 -2.07
C GLN A 276 -26.86 -34.34 -2.36
N HIS A 277 -27.92 -34.94 -1.79
CA HIS A 277 -28.27 -36.34 -2.04
C HIS A 277 -28.56 -36.59 -3.53
N ILE A 278 -29.35 -35.71 -4.14
CA ILE A 278 -29.67 -35.82 -5.55
C ILE A 278 -28.41 -35.61 -6.42
N LEU A 279 -27.66 -34.53 -6.12
CA LEU A 279 -26.42 -34.23 -6.82
C LEU A 279 -25.42 -35.38 -6.76
N TRP A 280 -25.11 -35.86 -5.56
CA TRP A 280 -24.11 -36.92 -5.43
C TRP A 280 -24.59 -38.27 -5.95
N PHE A 281 -25.90 -38.43 -6.06
CA PHE A 281 -26.44 -39.61 -6.72
C PHE A 281 -25.96 -39.66 -8.19
N PHE A 282 -25.85 -38.50 -8.84
CA PHE A 282 -25.14 -38.37 -10.13
C PHE A 282 -23.62 -38.31 -9.95
N GLY A 283 -23.19 -37.56 -8.93
CA GLY A 283 -21.79 -37.19 -8.73
C GLY A 283 -20.81 -38.32 -8.52
N HIS A 284 -21.21 -39.36 -7.80
CA HIS A 284 -20.32 -40.53 -7.76
C HIS A 284 -20.26 -41.36 -9.07
N PRO A 285 -21.41 -41.81 -9.60
CA PRO A 285 -21.39 -42.47 -10.92
C PRO A 285 -20.53 -41.69 -11.93
N GLU A 286 -20.68 -40.36 -11.95
CA GLU A 286 -19.84 -39.45 -12.78
C GLU A 286 -18.38 -39.86 -12.86
N VAL A 287 -17.77 -40.22 -11.74
CA VAL A 287 -16.34 -40.52 -11.72
C VAL A 287 -16.04 -41.92 -12.27
N TYR A 288 -17.01 -42.83 -12.14
CA TYR A 288 -16.85 -44.15 -12.78
C TYR A 288 -17.12 -44.05 -14.28
N ILE A 289 -18.05 -43.19 -14.67
CA ILE A 289 -18.22 -42.82 -16.08
C ILE A 289 -16.91 -42.30 -16.69
N ILE A 290 -16.18 -41.50 -15.91
CA ILE A 290 -14.88 -41.00 -16.35
C ILE A 290 -13.86 -42.13 -16.55
N VAL A 291 -13.69 -42.98 -15.55
CA VAL A 291 -12.51 -43.86 -15.50
C VAL A 291 -12.69 -45.23 -16.20
N LEU A 292 -13.93 -45.69 -16.39
CA LEU A 292 -14.14 -47.01 -17.00
C LEU A 292 -13.55 -47.14 -18.41
N PRO A 293 -13.85 -46.18 -19.32
CA PRO A 293 -13.25 -46.20 -20.65
C PRO A 293 -11.73 -46.20 -20.60
N ALA A 294 -11.16 -45.58 -19.56
CA ALA A 294 -9.71 -45.63 -19.36
C ALA A 294 -9.25 -47.02 -18.92
N PHE A 295 -10.05 -47.71 -18.11
CA PHE A 295 -9.75 -49.11 -17.75
C PHE A 295 -9.66 -49.94 -19.08
N GLY A 296 -10.67 -49.75 -19.94
CA GLY A 296 -10.73 -50.43 -21.24
C GLY A 296 -9.50 -50.24 -22.07
N ILE A 297 -9.05 -48.97 -22.20
CA ILE A 297 -7.88 -48.61 -22.99
C ILE A 297 -6.62 -49.22 -22.44
N VAL A 298 -6.44 -49.11 -21.13
CA VAL A 298 -5.31 -49.74 -20.46
C VAL A 298 -5.27 -51.26 -20.74
N SER A 299 -6.43 -51.92 -20.78
CA SER A 299 -6.44 -53.36 -21.05
C SER A 299 -5.87 -53.68 -22.44
N HIS A 300 -6.35 -52.97 -23.46
CA HIS A 300 -5.87 -53.15 -24.82
C HIS A 300 -4.38 -52.84 -24.92
N VAL A 301 -3.94 -51.80 -24.24
CA VAL A 301 -2.56 -51.36 -24.36
C VAL A 301 -1.59 -52.34 -23.69
N ILE A 302 -1.91 -52.78 -22.48
CA ILE A 302 -1.01 -53.68 -21.76
C ILE A 302 -0.86 -55.04 -22.48
N ALA A 303 -1.99 -55.56 -22.95
CA ALA A 303 -2.01 -56.82 -23.70
C ALA A 303 -1.12 -56.71 -24.95
N THR A 304 -1.21 -55.59 -25.67
CA THR A 304 -0.40 -55.36 -26.87
C THR A 304 1.10 -55.34 -26.59
N PHE A 305 1.52 -54.57 -25.59
CA PHE A 305 2.96 -54.34 -25.38
C PHE A 305 3.62 -55.33 -24.44
N ALA A 306 2.82 -56.11 -23.74
CA ALA A 306 3.34 -57.28 -23.02
C ALA A 306 3.34 -58.49 -23.97
N LYS A 307 2.70 -58.30 -25.13
CA LYS A 307 2.58 -59.32 -26.18
C LYS A 307 1.96 -60.61 -25.64
N LYS A 308 0.85 -60.43 -24.96
CA LYS A 308 0.23 -61.47 -24.16
C LYS A 308 -1.24 -61.13 -24.02
N PRO A 309 -2.14 -62.14 -24.07
CA PRO A 309 -3.54 -61.75 -23.98
C PRO A 309 -3.92 -61.36 -22.56
N ILE A 310 -4.99 -60.58 -22.43
CA ILE A 310 -5.44 -60.09 -21.13
C ILE A 310 -5.72 -61.23 -20.16
N PHE A 311 -5.17 -61.10 -18.95
CA PHE A 311 -5.40 -62.06 -17.89
C PHE A 311 -6.81 -61.86 -17.32
N GLY A 312 -7.56 -62.96 -17.24
CA GLY A 312 -8.91 -62.97 -16.66
C GLY A 312 -9.91 -62.09 -17.37
N TYR A 313 -10.17 -62.39 -18.65
CA TYR A 313 -11.10 -61.59 -19.45
C TYR A 313 -12.48 -61.43 -18.79
N LEU A 314 -13.05 -62.52 -18.28
CA LEU A 314 -14.41 -62.49 -17.72
C LEU A 314 -14.49 -61.74 -16.38
N PRO A 315 -13.60 -62.03 -15.42
CA PRO A 315 -13.46 -61.19 -14.21
C PRO A 315 -13.27 -59.70 -14.53
N MET A 316 -12.53 -59.39 -15.60
CA MET A 316 -12.35 -58.01 -16.06
C MET A 316 -13.67 -57.37 -16.46
N VAL A 317 -14.50 -58.10 -17.19
CA VAL A 317 -15.83 -57.65 -17.59
C VAL A 317 -16.72 -57.48 -16.36
N TYR A 318 -16.75 -58.50 -15.51
CA TYR A 318 -17.63 -58.51 -14.35
C TYR A 318 -17.23 -57.50 -13.27
N ALA A 319 -15.92 -57.23 -13.17
CA ALA A 319 -15.40 -56.22 -12.26
C ALA A 319 -15.87 -54.81 -12.64
N MET A 320 -15.85 -54.49 -13.93
CA MET A 320 -16.37 -53.21 -14.41
C MET A 320 -17.87 -53.09 -14.17
N VAL A 321 -18.58 -54.21 -14.32
CA VAL A 321 -20.03 -54.25 -14.07
C VAL A 321 -20.29 -54.02 -12.58
N ALA A 322 -19.52 -54.70 -11.73
CA ALA A 322 -19.66 -54.57 -10.28
C ALA A 322 -19.33 -53.14 -9.82
N ILE A 323 -18.24 -52.58 -10.34
CA ILE A 323 -17.86 -51.19 -10.09
C ILE A 323 -19.00 -50.22 -10.48
N GLY A 324 -19.55 -50.39 -11.68
CA GLY A 324 -20.64 -49.57 -12.16
C GLY A 324 -21.87 -49.58 -11.26
N VAL A 325 -22.27 -50.77 -10.81
CA VAL A 325 -23.45 -50.97 -9.95
C VAL A 325 -23.20 -50.39 -8.55
N LEU A 326 -22.07 -50.77 -7.94
CA LEU A 326 -21.66 -50.26 -6.65
C LEU A 326 -21.53 -48.73 -6.65
N GLY A 327 -21.14 -48.16 -7.78
CA GLY A 327 -21.01 -46.72 -7.95
C GLY A 327 -22.31 -45.98 -7.69
N PHE A 328 -23.43 -46.71 -7.71
CA PHE A 328 -24.74 -46.09 -7.48
C PHE A 328 -25.25 -46.09 -6.04
N VAL A 329 -24.55 -46.79 -5.14
CA VAL A 329 -25.04 -46.97 -3.78
C VAL A 329 -24.08 -46.44 -2.71
N VAL A 330 -23.23 -45.48 -3.10
CA VAL A 330 -22.16 -44.99 -2.23
C VAL A 330 -22.12 -43.46 -2.10
N TRP A 331 -23.08 -42.77 -2.70
CA TRP A 331 -23.01 -41.31 -2.90
C TRP A 331 -22.77 -40.45 -1.66
N ALA A 332 -23.32 -40.85 -0.51
CA ALA A 332 -23.22 -40.03 0.71
C ALA A 332 -21.84 -40.01 1.38
N HIS A 333 -20.85 -40.70 0.83
CA HIS A 333 -19.48 -40.51 1.32
C HIS A 333 -18.93 -39.12 0.94
N HIS A 334 -19.69 -38.39 0.14
CA HIS A 334 -19.42 -36.97 -0.13
C HIS A 334 -20.15 -36.05 0.87
N MET A 335 -20.82 -36.67 1.84
CA MET A 335 -21.72 -35.97 2.76
C MET A 335 -21.52 -36.32 4.24
N TYR A 336 -20.36 -36.87 4.60
CA TYR A 336 -20.10 -37.28 5.97
C TYR A 336 -20.20 -36.15 7.03
N THR A 337 -19.94 -34.91 6.62
CA THR A 337 -19.98 -33.78 7.54
C THR A 337 -21.23 -32.93 7.32
N ALA A 338 -22.14 -33.39 6.46
CA ALA A 338 -23.31 -32.59 6.09
C ALA A 338 -24.52 -32.82 6.99
N GLY A 339 -24.36 -33.63 8.03
CA GLY A 339 -25.44 -33.90 8.97
C GLY A 339 -26.09 -35.26 8.77
N LEU A 340 -25.27 -36.26 8.43
CA LEU A 340 -25.77 -37.61 8.27
C LEU A 340 -25.78 -38.31 9.61
N SER A 341 -26.81 -39.12 9.86
CA SER A 341 -26.86 -39.97 11.04
C SER A 341 -25.70 -40.95 11.06
N LEU A 342 -25.36 -41.43 12.25
CA LEU A 342 -24.31 -42.41 12.42
C LEU A 342 -24.57 -43.70 11.62
N THR A 343 -25.84 -44.07 11.52
CA THR A 343 -26.26 -45.24 10.75
C THR A 343 -25.96 -45.07 9.25
N GLN A 344 -26.35 -43.92 8.69
CA GLN A 344 -26.09 -43.62 7.30
C GLN A 344 -24.59 -43.57 7.02
N GLN A 345 -23.82 -42.98 7.93
CA GLN A 345 -22.37 -42.87 7.78
C GLN A 345 -21.69 -44.22 7.76
N SER A 346 -22.12 -45.09 8.68
CA SER A 346 -21.59 -46.45 8.77
C SER A 346 -21.87 -47.24 7.49
N TYR A 347 -23.12 -47.18 7.00
CA TYR A 347 -23.47 -47.92 5.79
C TYR A 347 -22.62 -47.47 4.61
N PHE A 348 -22.62 -46.16 4.35
CA PHE A 348 -21.97 -45.61 3.18
C PHE A 348 -20.47 -45.83 3.19
N MET A 349 -19.89 -45.80 4.38
CA MET A 349 -18.51 -46.19 4.58
C MET A 349 -18.24 -47.62 4.12
N MET A 350 -19.03 -48.57 4.62
CA MET A 350 -18.82 -49.98 4.31
C MET A 350 -19.13 -50.29 2.85
N ALA A 351 -20.21 -49.74 2.32
CA ALA A 351 -20.50 -49.87 0.90
C ALA A 351 -19.32 -49.39 0.05
N THR A 352 -18.76 -48.24 0.41
CA THR A 352 -17.67 -47.63 -0.36
C THR A 352 -16.45 -48.53 -0.37
N MET A 353 -16.13 -49.09 0.78
CA MET A 353 -14.97 -49.98 0.93
C MET A 353 -15.02 -51.17 -0.02
N VAL A 354 -16.22 -51.67 -0.30
CA VAL A 354 -16.40 -52.84 -1.18
C VAL A 354 -15.80 -52.60 -2.57
N ILE A 355 -15.86 -51.36 -3.06
CA ILE A 355 -15.35 -50.98 -4.41
C ILE A 355 -13.88 -51.32 -4.64
N ALA A 356 -13.07 -51.28 -3.59
CA ALA A 356 -11.67 -51.71 -3.70
C ALA A 356 -11.48 -53.15 -4.19
N VAL A 357 -12.49 -54.01 -3.98
CA VAL A 357 -12.33 -55.43 -4.31
C VAL A 357 -12.35 -55.69 -5.82
N PRO A 358 -13.44 -55.30 -6.53
CA PRO A 358 -13.38 -55.45 -7.99
C PRO A 358 -12.30 -54.62 -8.67
N THR A 359 -11.96 -53.46 -8.10
CA THR A 359 -10.90 -52.63 -8.67
C THR A 359 -9.53 -53.29 -8.52
N GLY A 360 -9.31 -53.90 -7.36
CA GLY A 360 -8.10 -54.67 -7.13
C GLY A 360 -7.96 -55.85 -8.07
N ILE A 361 -9.08 -56.51 -8.37
CA ILE A 361 -9.06 -57.61 -9.35
C ILE A 361 -8.48 -57.13 -10.68
N LYS A 362 -8.92 -55.95 -11.15
CA LYS A 362 -8.40 -55.36 -12.38
C LYS A 362 -6.89 -55.02 -12.28
N ILE A 363 -6.48 -54.36 -11.21
CA ILE A 363 -5.06 -53.98 -11.06
C ILE A 363 -4.16 -55.21 -11.11
N PHE A 364 -4.54 -56.22 -10.32
CA PHE A 364 -3.78 -57.47 -10.24
C PHE A 364 -3.79 -58.24 -11.57
N SER A 365 -4.91 -58.22 -12.27
CA SER A 365 -5.01 -58.85 -13.58
C SER A 365 -4.11 -58.20 -14.63
N TRP A 366 -3.96 -56.88 -14.57
CA TRP A 366 -3.07 -56.16 -15.47
C TRP A 366 -1.62 -56.51 -15.19
N ILE A 367 -1.25 -56.63 -13.92
CA ILE A 367 0.09 -57.08 -13.58
C ILE A 367 0.31 -58.54 -14.03
N ALA A 368 -0.71 -59.37 -13.88
CA ALA A 368 -0.62 -60.77 -14.29
C ALA A 368 -0.55 -60.90 -15.82
N THR A 369 -1.15 -59.95 -16.53
CA THR A 369 -1.02 -59.82 -17.98
C THR A 369 0.44 -59.56 -18.38
N MET A 370 1.11 -58.66 -17.66
CA MET A 370 2.51 -58.38 -17.92
C MET A 370 3.39 -59.56 -17.56
N TRP A 371 2.95 -60.34 -16.58
CA TRP A 371 3.77 -61.42 -16.01
C TRP A 371 4.01 -62.50 -17.06
N GLY A 372 5.27 -62.82 -17.31
CA GLY A 372 5.64 -63.83 -18.30
C GLY A 372 5.52 -63.34 -19.74
N GLY A 373 5.41 -62.03 -19.92
CA GLY A 373 5.28 -61.45 -21.25
C GLY A 373 6.61 -61.02 -21.83
N SER A 374 6.56 -60.41 -23.01
CA SER A 374 7.75 -59.86 -23.64
C SER A 374 7.51 -58.36 -23.79
N ILE A 375 7.93 -57.62 -22.76
CA ILE A 375 7.46 -56.25 -22.56
C ILE A 375 8.23 -55.21 -23.33
N GLU A 376 7.50 -54.49 -24.18
CA GLU A 376 8.06 -53.44 -25.00
C GLU A 376 7.65 -52.08 -24.41
N LEU A 377 8.64 -51.30 -24.01
CA LEU A 377 8.40 -50.03 -23.32
C LEU A 377 8.18 -48.84 -24.25
N LYS A 378 7.32 -49.01 -25.25
CA LYS A 378 6.92 -47.91 -26.11
C LYS A 378 6.03 -46.92 -25.35
N THR A 379 5.94 -45.69 -25.85
CA THR A 379 5.19 -44.61 -25.19
C THR A 379 3.79 -45.04 -24.68
N PRO A 380 2.98 -45.74 -25.51
CA PRO A 380 1.66 -46.06 -24.97
C PRO A 380 1.71 -46.93 -23.72
N MET A 381 2.71 -47.83 -23.68
CA MET A 381 2.91 -48.71 -22.53
C MET A 381 3.39 -47.97 -21.28
N LEU A 382 4.20 -46.92 -21.48
CA LEU A 382 4.67 -46.10 -20.36
C LEU A 382 3.47 -45.44 -19.65
N TRP A 383 2.55 -44.88 -20.44
CA TRP A 383 1.33 -44.30 -19.92
C TRP A 383 0.47 -45.30 -19.13
N ALA A 384 0.31 -46.51 -19.68
CA ALA A 384 -0.47 -47.57 -19.00
C ALA A 384 0.19 -48.04 -17.70
N LEU A 385 1.51 -48.16 -17.70
CA LEU A 385 2.25 -48.57 -16.50
C LEU A 385 2.19 -47.49 -15.40
N GLY A 386 2.33 -46.23 -15.81
CA GLY A 386 2.12 -45.08 -14.94
C GLY A 386 0.72 -45.11 -14.36
N PHE A 387 -0.28 -45.33 -15.21
CA PHE A 387 -1.66 -45.49 -14.74
C PHE A 387 -1.77 -46.51 -13.59
N LEU A 388 -1.17 -47.69 -13.74
CA LEU A 388 -1.29 -48.74 -12.73
C LEU A 388 -0.82 -48.22 -11.37
N PHE A 389 0.38 -47.67 -11.34
CA PHE A 389 0.99 -47.15 -10.15
C PHE A 389 0.24 -45.92 -9.59
N LEU A 390 -0.15 -44.99 -10.46
CA LEU A 390 -0.68 -43.71 -10.02
C LEU A 390 -2.17 -43.80 -9.66
N PHE A 391 -2.94 -44.55 -10.45
CA PHE A 391 -4.30 -44.87 -10.07
C PHE A 391 -4.38 -45.63 -8.75
N THR A 392 -3.37 -46.45 -8.46
CA THR A 392 -3.34 -47.13 -7.16
C THR A 392 -3.14 -46.13 -6.01
N VAL A 393 -2.18 -45.21 -6.18
CA VAL A 393 -1.95 -44.14 -5.19
C VAL A 393 -3.26 -43.36 -4.90
N GLY A 394 -3.97 -43.00 -5.97
CA GLY A 394 -5.24 -42.29 -5.82
C GLY A 394 -6.37 -43.12 -5.25
N GLY A 395 -6.40 -44.41 -5.61
CA GLY A 395 -7.44 -45.30 -5.12
C GLY A 395 -7.37 -45.57 -3.62
N VAL A 396 -6.16 -45.77 -3.11
CA VAL A 396 -5.97 -46.03 -1.69
C VAL A 396 -6.30 -44.81 -0.82
N THR A 397 -6.01 -43.60 -1.31
CA THR A 397 -6.40 -42.40 -0.56
C THR A 397 -7.92 -42.25 -0.61
N GLY A 398 -8.56 -42.76 -1.64
CA GLY A 398 -10.03 -42.86 -1.68
C GLY A 398 -10.59 -43.72 -0.55
N ILE A 399 -9.95 -44.87 -0.31
CA ILE A 399 -10.30 -45.75 0.79
C ILE A 399 -10.11 -45.06 2.17
N VAL A 400 -8.96 -44.44 2.39
CA VAL A 400 -8.79 -43.55 3.57
C VAL A 400 -10.00 -42.64 3.78
N LEU A 401 -10.39 -41.93 2.71
CA LEU A 401 -11.46 -40.96 2.77
C LEU A 401 -12.83 -41.57 3.04
N SER A 402 -13.01 -42.84 2.65
CA SER A 402 -14.26 -43.57 2.87
C SER A 402 -14.50 -43.81 4.36
N GLN A 403 -13.42 -43.83 5.13
CA GLN A 403 -13.48 -43.89 6.60
C GLN A 403 -13.97 -42.55 7.14
N ALA A 404 -15.26 -42.48 7.49
CA ALA A 404 -15.89 -41.24 7.91
C ALA A 404 -15.19 -40.60 9.11
N SER A 405 -14.65 -41.44 9.99
CA SER A 405 -13.91 -40.98 11.17
C SER A 405 -12.65 -40.19 10.82
N VAL A 406 -11.96 -40.62 9.76
CA VAL A 406 -10.78 -39.92 9.24
C VAL A 406 -11.21 -38.77 8.30
N ASP A 407 -12.26 -39.01 7.51
CA ASP A 407 -12.80 -37.98 6.66
C ASP A 407 -13.27 -36.72 7.41
N ARG A 408 -13.60 -36.86 8.69
CA ARG A 408 -13.96 -35.71 9.54
C ARG A 408 -12.86 -34.67 9.45
N TYR A 409 -11.63 -35.14 9.47
CA TYR A 409 -10.46 -34.29 9.36
C TYR A 409 -10.17 -33.87 7.91
N TYR A 410 -10.21 -34.84 6.97
CA TYR A 410 -9.82 -34.58 5.57
C TYR A 410 -10.84 -33.85 4.70
N HIS A 411 -12.12 -33.98 5.02
CA HIS A 411 -13.16 -33.39 4.18
C HIS A 411 -12.94 -31.89 3.99
N ASP A 412 -13.13 -31.45 2.74
CA ASP A 412 -12.93 -30.07 2.32
C ASP A 412 -11.50 -29.58 2.58
N THR A 413 -10.53 -30.47 2.46
CA THR A 413 -9.11 -30.10 2.53
C THR A 413 -8.40 -30.59 1.27
N TYR A 414 -7.12 -30.21 1.13
CA TYR A 414 -6.32 -30.58 -0.03
C TYR A 414 -5.93 -32.05 -0.13
N TYR A 415 -6.19 -32.82 0.93
CA TYR A 415 -6.00 -34.27 0.84
C TYR A 415 -7.01 -34.86 -0.14
N VAL A 416 -8.24 -34.32 -0.15
CA VAL A 416 -9.26 -34.75 -1.07
C VAL A 416 -8.84 -34.39 -2.50
N VAL A 417 -8.37 -33.15 -2.66
CA VAL A 417 -7.84 -32.64 -3.93
C VAL A 417 -6.70 -33.53 -4.47
N ALA A 418 -5.80 -33.94 -3.58
CA ALA A 418 -4.75 -34.86 -3.92
C ALA A 418 -5.33 -36.20 -4.40
N HIS A 419 -6.28 -36.74 -3.64
CA HIS A 419 -6.97 -37.98 -4.03
C HIS A 419 -7.49 -37.89 -5.45
N PHE A 420 -8.36 -36.91 -5.70
CA PHE A 420 -9.05 -36.92 -6.97
C PHE A 420 -8.19 -36.56 -8.18
N HIS A 421 -7.12 -35.80 -7.98
CA HIS A 421 -6.19 -35.53 -9.08
C HIS A 421 -5.30 -36.73 -9.41
N TYR A 422 -4.94 -37.55 -8.42
CA TYR A 422 -4.28 -38.82 -8.71
C TYR A 422 -5.13 -39.76 -9.57
N VAL A 423 -6.39 -39.98 -9.19
CA VAL A 423 -7.26 -40.83 -10.02
C VAL A 423 -7.69 -40.20 -11.37
N MET A 424 -7.80 -38.87 -11.42
CA MET A 424 -8.23 -38.19 -12.65
C MET A 424 -7.07 -37.69 -13.51
N SER A 425 -6.21 -36.85 -12.96
CA SER A 425 -5.14 -36.26 -13.75
C SER A 425 -3.92 -37.17 -13.88
N LEU A 426 -3.79 -38.15 -13.00
CA LEU A 426 -2.67 -39.09 -13.12
C LEU A 426 -3.22 -40.50 -13.42
N GLY A 427 -4.53 -40.58 -13.64
CA GLY A 427 -5.19 -41.86 -13.88
C GLY A 427 -5.91 -41.79 -15.19
N ALA A 428 -7.16 -41.30 -15.17
CA ALA A 428 -7.95 -41.14 -16.38
C ALA A 428 -7.18 -40.48 -17.51
N VAL A 429 -6.51 -39.38 -17.21
CA VAL A 429 -5.71 -38.65 -18.17
C VAL A 429 -4.52 -39.46 -18.73
N PHE A 430 -3.87 -40.26 -17.89
CA PHE A 430 -2.83 -41.16 -18.40
C PHE A 430 -3.45 -42.16 -19.39
N GLY A 431 -4.70 -42.52 -19.15
CA GLY A 431 -5.51 -43.37 -20.04
C GLY A 431 -5.77 -42.69 -21.38
N ILE A 432 -6.09 -41.41 -21.34
CA ILE A 432 -6.27 -40.61 -22.54
C ILE A 432 -5.00 -40.58 -23.38
N PHE A 433 -3.87 -40.27 -22.74
CA PHE A 433 -2.59 -40.22 -23.46
C PHE A 433 -2.21 -41.61 -23.99
N ALA A 434 -2.45 -42.65 -23.19
CA ALA A 434 -2.20 -44.03 -23.62
C ALA A 434 -2.90 -44.30 -24.94
N GLY A 435 -4.20 -43.97 -24.99
CA GLY A 435 -5.02 -44.14 -26.17
C GLY A 435 -4.57 -43.29 -27.36
N ILE A 436 -4.20 -42.04 -27.09
CA ILE A 436 -3.75 -41.15 -28.17
C ILE A 436 -2.51 -41.71 -28.87
N TYR A 437 -1.51 -42.10 -28.09
CA TYR A 437 -0.26 -42.63 -28.64
C TYR A 437 -0.45 -44.01 -29.28
N PHE A 438 -1.31 -44.83 -28.67
CA PHE A 438 -1.69 -46.16 -29.18
C PHE A 438 -2.36 -46.07 -30.56
N TRP A 439 -3.21 -45.06 -30.73
CA TRP A 439 -4.13 -45.04 -31.84
C TRP A 439 -3.92 -43.90 -32.86
N ILE A 440 -2.99 -42.98 -32.61
CA ILE A 440 -2.84 -41.85 -33.54
C ILE A 440 -2.46 -42.33 -34.97
N GLY A 441 -1.51 -43.26 -35.07
CA GLY A 441 -1.16 -43.88 -36.36
C GLY A 441 -2.38 -44.42 -37.10
N LYS A 442 -3.26 -45.09 -36.34
CA LYS A 442 -4.47 -45.69 -36.88
C LYS A 442 -5.51 -44.66 -37.33
N MET A 443 -5.70 -43.61 -36.54
CA MET A 443 -6.69 -42.59 -36.86
C MET A 443 -6.23 -41.64 -37.97
N SER A 444 -4.92 -41.35 -38.02
CA SER A 444 -4.40 -40.29 -38.87
C SER A 444 -3.64 -40.74 -40.13
N GLY A 445 -3.06 -41.95 -40.07
CA GLY A 445 -2.15 -42.44 -41.11
C GLY A 445 -0.70 -42.06 -40.88
N ARG A 446 -0.43 -41.33 -39.80
CA ARG A 446 0.93 -40.89 -39.48
C ARG A 446 1.30 -41.27 -38.07
N GLN A 447 2.57 -41.63 -37.87
CA GLN A 447 3.06 -42.08 -36.58
C GLN A 447 3.81 -40.96 -35.85
N TYR A 448 3.73 -40.99 -34.53
CA TYR A 448 4.39 -40.01 -33.66
C TYR A 448 5.88 -40.39 -33.53
N PRO A 449 6.77 -39.39 -33.32
CA PRO A 449 8.18 -39.70 -33.05
C PRO A 449 8.40 -40.28 -31.65
N GLU A 450 8.94 -41.48 -31.58
CA GLU A 450 9.03 -42.19 -30.31
C GLU A 450 9.71 -41.39 -29.20
N TRP A 451 10.84 -40.75 -29.50
CA TRP A 451 11.61 -40.05 -28.46
C TRP A 451 10.79 -38.95 -27.77
N ALA A 452 9.89 -38.33 -28.52
CA ALA A 452 9.11 -37.19 -28.05
C ALA A 452 7.92 -37.64 -27.21
N GLY A 453 7.28 -38.74 -27.60
CA GLY A 453 6.30 -39.41 -26.77
C GLY A 453 6.88 -39.76 -25.41
N LYS A 454 8.13 -40.24 -25.38
CA LYS A 454 8.77 -40.65 -24.14
C LYS A 454 9.13 -39.45 -23.26
N LEU A 455 9.64 -38.39 -23.88
CA LEU A 455 9.92 -37.13 -23.17
C LEU A 455 8.63 -36.54 -22.58
N HIS A 456 7.58 -36.44 -23.39
CA HIS A 456 6.27 -36.07 -22.88
C HIS A 456 5.91 -36.87 -21.63
N PHE A 457 5.96 -38.20 -21.73
CA PHE A 457 5.62 -39.07 -20.60
C PHE A 457 6.39 -38.70 -19.34
N TRP A 458 7.70 -38.59 -19.44
CA TRP A 458 8.54 -38.36 -18.27
C TRP A 458 8.38 -36.96 -17.67
N MET A 459 8.20 -35.96 -18.52
CA MET A 459 7.94 -34.61 -18.06
C MET A 459 6.62 -34.57 -17.28
N MET A 460 5.60 -35.23 -17.81
CA MET A 460 4.28 -35.28 -17.20
C MET A 460 4.30 -36.07 -15.90
N PHE A 461 5.02 -37.19 -15.91
CA PHE A 461 5.17 -38.04 -14.73
C PHE A 461 5.79 -37.31 -13.53
N VAL A 462 6.96 -36.71 -13.75
CA VAL A 462 7.63 -35.91 -12.73
C VAL A 462 6.78 -34.69 -12.33
N GLY A 463 6.25 -33.99 -13.32
CA GLY A 463 5.53 -32.75 -13.07
C GLY A 463 4.23 -32.93 -12.32
N ALA A 464 3.43 -33.92 -12.72
CA ALA A 464 2.16 -34.16 -12.07
C ALA A 464 2.33 -34.69 -10.65
N ASN A 465 3.36 -35.52 -10.43
CA ASN A 465 3.64 -35.99 -9.08
C ASN A 465 4.09 -34.87 -8.12
N LEU A 466 4.97 -34.00 -8.61
CA LEU A 466 5.35 -32.79 -7.87
C LEU A 466 4.19 -31.85 -7.59
N THR A 467 3.24 -31.78 -8.52
CA THR A 467 2.07 -30.96 -8.32
C THR A 467 1.19 -31.53 -7.20
N PHE A 468 0.85 -32.81 -7.28
CA PHE A 468 -0.21 -33.32 -6.42
C PHE A 468 0.22 -34.06 -5.17
N PHE A 469 1.36 -34.74 -5.20
CA PHE A 469 1.74 -35.44 -3.99
C PHE A 469 1.80 -34.55 -2.74
N PRO A 470 2.40 -33.34 -2.84
CA PRO A 470 2.50 -32.44 -1.69
C PRO A 470 1.15 -31.93 -1.17
N GLN A 471 0.11 -32.02 -2.00
CA GLN A 471 -1.21 -31.65 -1.55
C GLN A 471 -1.75 -32.54 -0.42
N HIS A 472 -1.27 -33.78 -0.35
CA HIS A 472 -1.58 -34.67 0.78
C HIS A 472 -1.06 -34.04 2.07
N PHE A 473 0.16 -33.49 2.02
CA PHE A 473 0.78 -32.83 3.18
C PHE A 473 -0.04 -31.61 3.60
N LEU A 474 -0.40 -30.79 2.62
CA LEU A 474 -1.19 -29.60 2.86
C LEU A 474 -2.52 -29.97 3.52
N GLY A 475 -3.14 -31.05 3.05
CA GLY A 475 -4.40 -31.54 3.63
C GLY A 475 -4.27 -32.05 5.06
N ARG A 476 -3.22 -32.82 5.33
CA ARG A 476 -2.93 -33.26 6.68
C ARG A 476 -2.69 -32.07 7.63
N GLN A 477 -2.03 -31.03 7.12
CA GLN A 477 -1.82 -29.81 7.90
C GLN A 477 -3.07 -28.94 8.00
N GLY A 478 -4.12 -29.35 7.29
CA GLY A 478 -5.44 -28.73 7.41
C GLY A 478 -5.75 -27.61 6.43
N MET A 479 -5.07 -27.55 5.29
CA MET A 479 -5.38 -26.50 4.29
C MET A 479 -6.71 -26.80 3.61
N PRO A 480 -7.68 -25.87 3.71
CA PRO A 480 -8.99 -26.07 3.11
C PRO A 480 -9.04 -25.88 1.59
N ARG A 481 -10.06 -26.49 0.97
CA ARG A 481 -10.33 -26.32 -0.45
C ARG A 481 -10.93 -24.96 -0.70
N ARG A 482 -10.72 -24.47 -1.91
CA ARG A 482 -11.43 -23.30 -2.45
C ARG A 482 -10.99 -21.96 -1.86
N TYR A 483 -9.71 -21.90 -1.45
CA TYR A 483 -9.10 -20.72 -0.83
C TYR A 483 -8.17 -20.01 -1.77
N ILE A 484 -8.41 -18.72 -2.01
CA ILE A 484 -7.49 -17.83 -2.72
C ILE A 484 -6.15 -17.63 -2.00
N ASP A 485 -6.17 -17.70 -0.67
CA ASP A 485 -4.98 -17.42 0.13
C ASP A 485 -4.94 -18.35 1.35
N TYR A 486 -3.77 -18.48 1.94
CA TYR A 486 -3.58 -19.43 3.01
C TYR A 486 -2.57 -18.95 4.04
N PRO A 487 -2.72 -19.40 5.30
CA PRO A 487 -1.69 -19.15 6.33
C PRO A 487 -0.27 -19.49 5.89
N GLU A 488 0.67 -18.66 6.31
CA GLU A 488 2.07 -18.71 5.90
C GLU A 488 2.71 -20.10 6.06
N ALA A 489 2.33 -20.83 7.09
CA ALA A 489 2.90 -22.16 7.33
C ALA A 489 2.70 -23.15 6.18
N PHE A 490 1.74 -22.86 5.28
CA PHE A 490 1.46 -23.72 4.11
C PHE A 490 2.34 -23.40 2.88
N ALA A 491 3.24 -22.43 3.03
CA ALA A 491 4.02 -21.90 1.90
C ALA A 491 4.88 -22.93 1.16
N THR A 492 5.61 -23.75 1.91
CA THR A 492 6.56 -24.67 1.31
C THR A 492 5.94 -25.63 0.29
N TRP A 493 4.90 -26.36 0.68
CA TRP A 493 4.35 -27.38 -0.21
C TRP A 493 3.48 -26.80 -1.30
N ASN A 494 2.95 -25.59 -1.07
CA ASN A 494 2.25 -24.87 -2.12
C ASN A 494 3.21 -24.42 -3.23
N PHE A 495 4.41 -24.02 -2.82
CA PHE A 495 5.43 -23.59 -3.78
C PHE A 495 5.88 -24.77 -4.67
N VAL A 496 6.18 -25.90 -4.04
CA VAL A 496 6.54 -27.14 -4.73
C VAL A 496 5.42 -27.57 -5.69
N SER A 497 4.19 -27.65 -5.19
CA SER A 497 3.04 -27.96 -6.02
C SER A 497 2.94 -27.08 -7.27
N SER A 498 3.14 -25.77 -7.10
CA SER A 498 3.10 -24.82 -8.20
C SER A 498 4.19 -25.05 -9.24
N LEU A 499 5.41 -25.33 -8.78
CA LEU A 499 6.51 -25.70 -9.70
C LEU A 499 6.16 -26.94 -10.52
N GLY A 500 5.54 -27.92 -9.86
CA GLY A 500 5.05 -29.11 -10.54
C GLY A 500 4.03 -28.78 -11.60
N ALA A 501 3.11 -27.88 -11.27
CA ALA A 501 2.08 -27.47 -12.22
C ALA A 501 2.67 -26.79 -13.45
N PHE A 502 3.74 -26.02 -13.25
CA PHE A 502 4.35 -25.30 -14.36
C PHE A 502 5.11 -26.25 -15.29
N LEU A 503 5.82 -27.22 -14.69
CA LEU A 503 6.49 -28.27 -15.46
C LEU A 503 5.47 -29.14 -16.22
N SER A 504 4.40 -29.54 -15.53
CA SER A 504 3.28 -30.25 -16.16
C SER A 504 2.73 -29.50 -17.36
N PHE A 505 2.59 -28.17 -17.22
CA PHE A 505 2.07 -27.35 -18.31
C PHE A 505 2.99 -27.31 -19.54
N ALA A 506 4.30 -27.25 -19.28
CA ALA A 506 5.31 -27.32 -20.32
C ALA A 506 5.18 -28.63 -21.08
N SER A 507 5.01 -29.74 -20.34
CA SER A 507 4.83 -31.07 -20.95
C SER A 507 3.61 -31.12 -21.85
N PHE A 508 2.56 -30.39 -21.47
CA PHE A 508 1.34 -30.38 -22.26
C PHE A 508 1.50 -29.57 -23.53
N LEU A 509 2.22 -28.45 -23.43
CA LEU A 509 2.49 -27.64 -24.61
C LEU A 509 3.36 -28.44 -25.57
N PHE A 510 4.35 -29.14 -25.02
CA PHE A 510 5.21 -30.04 -25.78
C PHE A 510 4.38 -31.10 -26.49
N PHE A 511 3.52 -31.78 -25.74
CA PHE A 511 2.56 -32.73 -26.31
C PHE A 511 1.79 -32.16 -27.50
N LEU A 512 1.27 -30.94 -27.37
CA LEU A 512 0.52 -30.32 -28.48
C LEU A 512 1.43 -30.09 -29.70
N GLY A 513 2.71 -29.82 -29.44
CA GLY A 513 3.71 -29.74 -30.49
C GLY A 513 3.97 -31.09 -31.14
N VAL A 514 4.03 -32.14 -30.32
CA VAL A 514 4.16 -33.51 -30.80
C VAL A 514 3.00 -33.91 -31.71
N ILE A 515 1.78 -33.51 -31.35
CA ILE A 515 0.61 -33.83 -32.17
C ILE A 515 0.64 -33.07 -33.49
N PHE A 516 0.96 -31.78 -33.42
CA PHE A 516 1.09 -30.95 -34.61
C PHE A 516 2.11 -31.55 -35.60
N TYR A 517 3.31 -31.84 -35.10
CA TYR A 517 4.34 -32.46 -35.91
C TYR A 517 3.88 -33.79 -36.51
N THR A 518 3.33 -34.65 -35.65
CA THR A 518 2.82 -35.95 -36.09
C THR A 518 1.86 -35.79 -37.27
N LEU A 519 0.88 -34.90 -37.14
CA LEU A 519 -0.20 -34.80 -38.11
C LEU A 519 0.22 -34.09 -39.41
N THR A 520 1.35 -33.41 -39.37
CA THR A 520 1.85 -32.67 -40.52
C THR A 520 3.08 -33.32 -41.17
N ARG A 521 3.99 -33.83 -40.34
CA ARG A 521 5.28 -34.37 -40.82
C ARG A 521 5.58 -35.80 -40.34
N GLY A 522 4.68 -36.42 -39.60
CA GLY A 522 4.95 -37.74 -39.04
C GLY A 522 5.13 -38.82 -40.10
N ALA A 523 6.06 -39.73 -39.85
CA ALA A 523 6.30 -40.88 -40.72
C ALA A 523 4.98 -41.56 -41.07
N ARG A 524 4.76 -41.75 -42.36
CA ARG A 524 3.55 -42.39 -42.84
C ARG A 524 3.47 -43.85 -42.38
N VAL A 525 2.28 -44.27 -41.98
CA VAL A 525 2.03 -45.63 -41.54
C VAL A 525 1.87 -46.53 -42.79
N THR A 526 2.62 -47.63 -42.85
CA THR A 526 2.64 -48.48 -44.05
C THR A 526 1.97 -49.84 -43.83
N ALA A 527 1.39 -50.02 -42.64
CA ALA A 527 0.80 -51.29 -42.27
C ALA A 527 -0.54 -51.11 -41.56
N ASN A 528 -1.45 -52.05 -41.79
CA ASN A 528 -2.71 -52.14 -41.06
C ASN A 528 -2.49 -52.24 -39.55
N ASN A 529 -1.52 -53.07 -39.17
CA ASN A 529 -1.11 -53.19 -37.78
C ASN A 529 0.36 -52.84 -37.64
N TYR A 530 0.62 -51.62 -37.17
CA TYR A 530 1.99 -51.14 -37.01
C TYR A 530 2.60 -51.47 -35.64
N TRP A 531 1.84 -52.16 -34.78
CA TRP A 531 2.38 -52.62 -33.50
C TRP A 531 2.92 -54.05 -33.57
N ASN A 532 2.05 -55.02 -33.28
CA ASN A 532 2.41 -56.45 -33.30
C ASN A 532 1.14 -57.30 -33.30
N GLU A 533 1.30 -58.60 -33.41
CA GLU A 533 0.16 -59.46 -33.63
C GLU A 533 -0.74 -59.57 -32.43
N HIS A 534 -0.25 -59.16 -31.27
CA HIS A 534 -1.06 -59.14 -30.04
C HIS A 534 -1.92 -57.88 -29.88
N ALA A 535 -1.77 -56.93 -30.81
CA ALA A 535 -2.84 -55.97 -31.08
C ALA A 535 -3.77 -56.73 -32.01
N ASP A 536 -4.77 -57.40 -31.42
CA ASP A 536 -5.52 -58.44 -32.14
C ASP A 536 -7.02 -58.16 -32.25
N THR A 537 -7.36 -56.88 -32.27
CA THR A 537 -8.75 -56.47 -32.42
C THR A 537 -8.96 -55.90 -33.80
N LEU A 538 -10.22 -55.73 -34.20
CA LEU A 538 -10.56 -55.47 -35.60
C LEU A 538 -9.98 -54.21 -36.25
N GLU A 539 -9.67 -53.16 -35.48
CA GLU A 539 -9.16 -51.93 -36.09
C GLU A 539 -7.80 -52.20 -36.74
N TRP A 540 -7.08 -53.19 -36.21
CA TRP A 540 -5.75 -53.54 -36.70
C TRP A 540 -5.77 -54.40 -37.98
N THR A 541 -6.95 -54.82 -38.41
CA THR A 541 -7.10 -55.50 -39.70
C THR A 541 -7.46 -54.52 -40.81
N LEU A 542 -7.80 -53.28 -40.42
CA LEU A 542 -8.17 -52.23 -41.38
C LEU A 542 -6.98 -51.36 -41.76
N THR A 543 -7.15 -50.51 -42.78
CA THR A 543 -6.08 -49.59 -43.17
C THR A 543 -5.92 -48.46 -42.15
N SER A 544 -4.83 -47.69 -42.28
CA SER A 544 -4.50 -46.58 -41.40
C SER A 544 -4.34 -45.30 -42.22
N PRO A 545 -5.37 -44.43 -42.23
CA PRO A 545 -6.67 -44.52 -41.54
C PRO A 545 -7.65 -45.50 -42.17
N PRO A 546 -8.63 -46.00 -41.39
CA PRO A 546 -9.63 -46.90 -41.96
C PRO A 546 -10.38 -46.22 -43.10
N PRO A 547 -10.99 -47.00 -44.01
CA PRO A 547 -11.74 -46.38 -45.12
C PRO A 547 -12.96 -45.60 -44.62
N GLU A 548 -13.45 -44.66 -45.42
CA GLU A 548 -14.62 -43.85 -45.06
C GLU A 548 -15.78 -44.72 -44.63
N HIS A 549 -16.10 -45.73 -45.44
CA HIS A 549 -17.12 -46.72 -45.06
C HIS A 549 -16.45 -48.06 -44.73
N THR A 550 -16.58 -48.49 -43.49
CA THR A 550 -15.94 -49.73 -43.01
C THR A 550 -16.92 -50.89 -42.95
N PHE A 551 -16.40 -52.11 -43.10
CA PHE A 551 -17.17 -53.36 -43.06
C PHE A 551 -18.28 -53.44 -44.14
N SER B 4 1.30 -16.41 28.91
CA SER B 4 0.15 -16.39 27.95
C SER B 4 -0.19 -17.80 27.48
N LEU B 5 -1.16 -17.92 26.59
CA LEU B 5 -1.53 -19.22 26.03
C LEU B 5 -0.58 -19.63 24.90
N GLU B 6 -0.22 -20.91 24.92
CA GLU B 6 0.57 -21.52 23.87
C GLU B 6 -0.30 -21.73 22.60
N ILE B 7 0.24 -21.35 21.45
CA ILE B 7 -0.43 -21.61 20.18
C ILE B 7 -0.15 -23.05 19.72
N ILE B 8 -1.19 -23.88 19.76
CA ILE B 8 -1.02 -25.32 19.53
C ILE B 8 -1.71 -25.80 18.24
N GLY B 9 -2.99 -25.47 18.09
CA GLY B 9 -3.76 -25.88 16.92
C GLY B 9 -3.51 -24.93 15.75
N ARG B 10 -2.40 -25.16 15.06
CA ARG B 10 -2.04 -24.36 13.90
C ARG B 10 -1.16 -25.19 12.96
N PRO B 11 -1.16 -24.86 11.65
CA PRO B 11 -0.19 -25.51 10.76
C PRO B 11 1.24 -25.01 11.02
N GLN B 12 2.23 -25.84 10.74
CA GLN B 12 3.64 -25.50 10.95
C GLN B 12 4.42 -25.58 9.64
N PRO B 13 5.46 -24.73 9.44
CA PRO B 13 6.13 -24.64 8.13
C PRO B 13 6.70 -25.98 7.63
N GLY B 14 6.37 -26.32 6.38
CA GLY B 14 6.83 -27.56 5.78
C GLY B 14 6.18 -28.81 6.34
N GLY B 15 5.15 -28.65 7.16
CA GLY B 15 4.52 -29.79 7.82
C GLY B 15 3.98 -30.84 6.88
N THR B 16 4.06 -32.09 7.31
CA THR B 16 3.64 -33.23 6.48
C THR B 16 2.64 -34.10 7.23
N GLY B 17 2.51 -33.86 8.54
CA GLY B 17 1.59 -34.63 9.37
C GLY B 17 0.37 -33.84 9.81
N PHE B 18 -0.45 -34.46 10.65
CA PHE B 18 -1.60 -33.79 11.25
C PHE B 18 -1.15 -32.66 12.17
N GLN B 19 -2.05 -31.71 12.44
CA GLN B 19 -1.83 -30.73 13.51
C GLN B 19 -1.81 -31.47 14.85
N PRO B 20 -1.17 -30.91 15.88
CA PRO B 20 -1.16 -31.63 17.16
C PRO B 20 -2.55 -32.00 17.64
N SER B 21 -2.66 -33.12 18.36
CA SER B 21 -3.91 -33.51 19.00
C SER B 21 -4.08 -32.76 20.31
N ALA B 22 -5.31 -32.35 20.59
CA ALA B 22 -5.65 -31.78 21.88
C ALA B 22 -6.96 -32.35 22.41
N SER B 23 -7.40 -33.48 21.87
CA SER B 23 -8.62 -34.15 22.33
C SER B 23 -8.50 -35.67 22.16
N PRO B 24 -9.28 -36.45 22.94
CA PRO B 24 -9.21 -37.90 22.74
C PRO B 24 -9.64 -38.32 21.32
N VAL B 25 -10.59 -37.58 20.74
CA VAL B 25 -11.08 -37.84 19.38
C VAL B 25 -10.00 -37.61 18.32
N ALA B 26 -9.30 -36.47 18.40
CA ALA B 26 -8.18 -36.20 17.49
C ALA B 26 -7.08 -37.27 17.59
N THR B 27 -6.79 -37.73 18.81
CA THR B 27 -5.79 -38.77 19.03
C THR B 27 -6.18 -40.11 18.37
N GLN B 28 -7.47 -40.46 18.42
CA GLN B 28 -8.01 -41.63 17.75
C GLN B 28 -7.89 -41.54 16.22
N ILE B 29 -8.13 -40.33 15.68
CA ILE B 29 -7.99 -40.06 14.24
C ILE B 29 -6.53 -40.26 13.85
N HIS B 30 -5.61 -39.70 14.63
CA HIS B 30 -4.19 -39.84 14.37
C HIS B 30 -3.79 -41.31 14.37
N TRP B 31 -4.27 -42.06 15.36
CA TRP B 31 -3.96 -43.49 15.44
C TRP B 31 -4.54 -44.28 14.26
N LEU B 32 -5.83 -44.09 13.99
CA LEU B 32 -6.50 -44.76 12.89
C LEU B 32 -5.87 -44.44 11.52
N ASP B 33 -5.59 -43.18 11.26
CA ASP B 33 -4.96 -42.78 10.00
C ASP B 33 -3.54 -43.37 9.90
N GLY B 34 -2.81 -43.39 11.01
CA GLY B 34 -1.48 -44.00 11.05
C GLY B 34 -1.53 -45.49 10.71
N PHE B 35 -2.56 -46.16 11.22
CA PHE B 35 -2.81 -47.57 11.00
C PHE B 35 -3.12 -47.81 9.52
N ILE B 36 -4.07 -47.05 8.99
CA ILE B 36 -4.45 -47.16 7.58
C ILE B 36 -3.31 -46.79 6.65
N LEU B 37 -2.51 -45.80 7.04
CA LEU B 37 -1.41 -45.35 6.21
C LEU B 37 -0.36 -46.45 6.01
N VAL B 38 0.00 -47.14 7.09
CA VAL B 38 0.93 -48.27 7.03
C VAL B 38 0.42 -49.33 6.05
N ILE B 39 -0.86 -49.68 6.18
CA ILE B 39 -1.50 -50.65 5.31
C ILE B 39 -1.49 -50.20 3.84
N ILE B 40 -2.00 -48.99 3.57
CA ILE B 40 -2.04 -48.51 2.19
C ILE B 40 -0.64 -48.27 1.59
N ALA B 41 0.33 -47.91 2.42
CA ALA B 41 1.71 -47.78 1.94
C ALA B 41 2.26 -49.15 1.55
N ALA B 42 1.99 -50.15 2.38
CA ALA B 42 2.39 -51.53 2.11
C ALA B 42 1.81 -51.99 0.78
N ILE B 43 0.49 -51.84 0.62
CA ILE B 43 -0.21 -52.17 -0.63
C ILE B 43 0.41 -51.46 -1.86
N THR B 44 0.57 -50.15 -1.76
CA THR B 44 1.16 -49.34 -2.82
C THR B 44 2.59 -49.76 -3.19
N ILE B 45 3.42 -50.00 -2.16
CA ILE B 45 4.79 -50.46 -2.37
C ILE B 45 4.78 -51.86 -3.03
N PHE B 46 3.87 -52.72 -2.57
CA PHE B 46 3.68 -54.04 -3.14
C PHE B 46 3.34 -53.97 -4.63
N VAL B 47 2.30 -53.20 -4.96
CA VAL B 47 1.89 -53.03 -6.35
C VAL B 47 3.01 -52.46 -7.22
N THR B 48 3.73 -51.45 -6.68
CA THR B 48 4.84 -50.81 -7.38
C THR B 48 6.01 -51.76 -7.64
N LEU B 49 6.41 -52.50 -6.61
CA LEU B 49 7.48 -53.50 -6.74
C LEU B 49 7.13 -54.63 -7.72
N LEU B 50 5.87 -55.08 -7.72
CA LEU B 50 5.41 -56.07 -8.69
C LEU B 50 5.50 -55.57 -10.13
N ILE B 51 5.11 -54.31 -10.35
CA ILE B 51 5.20 -53.68 -11.66
C ILE B 51 6.65 -53.54 -12.11
N LEU B 52 7.49 -52.96 -11.26
CA LEU B 52 8.91 -52.77 -11.57
C LEU B 52 9.66 -54.08 -11.81
N TYR B 53 9.35 -55.10 -11.00
CA TYR B 53 9.90 -56.43 -11.19
C TYR B 53 9.49 -57.03 -12.54
N ALA B 54 8.18 -57.09 -12.81
CA ALA B 54 7.66 -57.60 -14.08
C ALA B 54 8.33 -56.94 -15.29
N VAL B 55 8.49 -55.62 -15.25
CA VAL B 55 9.16 -54.88 -16.33
C VAL B 55 10.63 -55.29 -16.43
N TRP B 56 11.29 -55.44 -15.28
CA TRP B 56 12.71 -55.80 -15.27
C TRP B 56 12.92 -57.25 -15.71
N ARG B 57 12.05 -58.13 -15.23
CA ARG B 57 12.16 -59.55 -15.48
C ARG B 57 11.71 -59.92 -16.89
N PHE B 58 10.60 -59.35 -17.35
CA PHE B 58 9.98 -59.78 -18.59
C PHE B 58 10.08 -58.75 -19.71
N HIS B 59 11.00 -57.81 -19.55
CA HIS B 59 11.37 -56.89 -20.62
C HIS B 59 11.76 -57.68 -21.87
N GLU B 60 11.38 -57.16 -23.03
CA GLU B 60 11.57 -57.85 -24.32
C GLU B 60 13.02 -58.27 -24.65
N LYS B 61 14.02 -57.54 -24.15
CA LYS B 61 15.44 -57.89 -24.34
C LYS B 61 15.89 -59.07 -23.46
N ARG B 62 15.09 -59.38 -22.44
CA ARG B 62 15.37 -60.45 -21.50
C ARG B 62 14.48 -61.67 -21.80
N ASN B 63 13.18 -61.43 -21.91
CA ASN B 63 12.23 -62.45 -22.30
C ASN B 63 11.67 -62.16 -23.70
N LYS B 64 12.14 -62.91 -24.68
CA LYS B 64 11.76 -62.70 -26.08
C LYS B 64 10.54 -63.51 -26.46
N VAL B 65 10.20 -64.51 -25.64
CA VAL B 65 9.06 -65.37 -25.92
C VAL B 65 8.01 -65.23 -24.81
N PRO B 66 6.88 -64.58 -25.13
CA PRO B 66 5.82 -64.37 -24.15
C PRO B 66 5.05 -65.64 -23.82
N ALA B 67 4.55 -65.75 -22.59
CA ALA B 67 3.69 -66.85 -22.19
C ALA B 67 2.27 -66.63 -22.70
N ARG B 68 1.36 -67.62 -22.42
CA ARG B 68 0.04 -67.58 -23.02
C ARG B 68 -1.05 -67.79 -21.97
N PHE B 69 -0.72 -68.02 -20.74
CA PHE B 69 -1.72 -68.22 -19.68
C PHE B 69 -2.64 -67.01 -19.52
N THR B 70 -3.90 -67.28 -19.18
CA THR B 70 -4.86 -66.24 -18.86
C THR B 70 -5.62 -66.56 -17.57
N HIS B 71 -5.18 -67.59 -16.84
CA HIS B 71 -5.82 -68.00 -15.58
C HIS B 71 -4.83 -68.54 -14.55
N ASN B 72 -5.19 -68.38 -13.27
CA ASN B 72 -4.49 -68.97 -12.14
C ASN B 72 -5.41 -68.88 -10.91
N SER B 73 -6.32 -69.85 -10.80
CA SER B 73 -7.34 -69.87 -9.75
C SER B 73 -6.83 -69.63 -8.32
N PRO B 74 -5.84 -70.42 -7.85
CA PRO B 74 -5.29 -70.16 -6.51
C PRO B 74 -4.97 -68.68 -6.27
N LEU B 75 -4.35 -68.04 -7.26
CA LEU B 75 -3.97 -66.64 -7.14
C LEU B 75 -5.17 -65.69 -7.25
N GLU B 76 -6.07 -65.97 -8.18
CA GLU B 76 -7.27 -65.15 -8.38
C GLU B 76 -8.21 -65.17 -7.18
N ILE B 77 -8.17 -66.25 -6.42
CA ILE B 77 -8.97 -66.38 -5.20
C ILE B 77 -8.28 -65.57 -4.11
N ALA B 78 -6.97 -65.78 -3.97
CA ALA B 78 -6.18 -65.11 -2.94
C ALA B 78 -6.25 -63.58 -3.07
N TRP B 79 -6.25 -63.07 -4.30
CA TRP B 79 -6.26 -61.63 -4.49
C TRP B 79 -7.66 -61.01 -4.49
N THR B 80 -8.67 -61.84 -4.25
CA THR B 80 -10.00 -61.35 -3.95
C THR B 80 -10.19 -61.38 -2.43
N ILE B 81 -9.74 -62.47 -1.81
CA ILE B 81 -9.98 -62.71 -0.40
C ILE B 81 -9.11 -61.82 0.49
N VAL B 82 -7.83 -61.68 0.15
CA VAL B 82 -6.93 -60.87 0.96
C VAL B 82 -7.37 -59.39 1.06
N PRO B 83 -7.72 -58.74 -0.08
CA PRO B 83 -8.29 -57.40 0.03
C PRO B 83 -9.54 -57.34 0.90
N ILE B 84 -10.37 -58.39 0.88
CA ILE B 84 -11.56 -58.43 1.75
C ILE B 84 -11.14 -58.44 3.22
N VAL B 85 -10.16 -59.27 3.58
CA VAL B 85 -9.69 -59.36 4.96
C VAL B 85 -9.16 -58.02 5.47
N ILE B 86 -8.27 -57.41 4.69
CA ILE B 86 -7.72 -56.08 4.99
C ILE B 86 -8.83 -55.03 5.23
N LEU B 87 -9.80 -54.97 4.31
CA LEU B 87 -10.91 -54.05 4.47
C LEU B 87 -11.71 -54.33 5.75
N VAL B 88 -11.94 -55.61 6.04
CA VAL B 88 -12.63 -55.99 7.28
C VAL B 88 -11.82 -55.58 8.53
N ALA B 89 -10.51 -55.78 8.49
CA ALA B 89 -9.61 -55.33 9.55
C ALA B 89 -9.69 -53.80 9.76
N ILE B 90 -9.66 -53.04 8.67
CA ILE B 90 -9.77 -51.57 8.75
C ILE B 90 -11.12 -51.19 9.36
N GLY B 91 -12.21 -51.74 8.83
CA GLY B 91 -13.53 -51.50 9.36
C GLY B 91 -13.64 -51.78 10.85
N ALA B 92 -12.99 -52.85 11.31
CA ALA B 92 -13.06 -53.28 12.69
C ALA B 92 -12.55 -52.20 13.63
N PHE B 93 -11.52 -51.48 13.21
CA PHE B 93 -10.91 -50.42 14.01
C PHE B 93 -11.56 -49.07 13.75
N SER B 94 -12.17 -48.93 12.59
CA SER B 94 -12.69 -47.66 12.13
C SER B 94 -14.08 -47.35 12.67
N LEU B 95 -14.94 -48.35 12.73
CA LEU B 95 -16.30 -48.18 13.26
C LEU B 95 -16.37 -47.70 14.73
N PRO B 96 -15.57 -48.30 15.63
CA PRO B 96 -15.56 -47.82 17.02
C PRO B 96 -15.14 -46.35 17.14
N VAL B 97 -14.11 -45.95 16.40
CA VAL B 97 -13.72 -44.54 16.34
C VAL B 97 -14.88 -43.65 15.86
N LEU B 98 -15.56 -44.09 14.80
CA LEU B 98 -16.69 -43.32 14.25
C LEU B 98 -17.81 -43.15 15.28
N PHE B 99 -18.15 -44.23 15.96
CA PHE B 99 -19.19 -44.23 17.00
C PHE B 99 -18.85 -43.29 18.17
N ASN B 100 -17.61 -43.34 18.62
CA ASN B 100 -17.11 -42.42 19.65
C ASN B 100 -17.19 -40.95 19.22
N GLN B 101 -16.84 -40.67 17.98
CA GLN B 101 -16.97 -39.33 17.40
C GLN B 101 -18.39 -38.81 17.39
N GLN B 102 -19.32 -39.66 17.01
CA GLN B 102 -20.67 -39.22 16.66
C GLN B 102 -21.72 -39.41 17.75
N GLU B 103 -21.38 -40.13 18.80
CA GLU B 103 -22.27 -40.23 19.96
C GLU B 103 -21.99 -39.06 20.91
N ILE B 104 -22.94 -38.14 20.97
CA ILE B 104 -22.78 -36.88 21.69
C ILE B 104 -22.96 -37.12 23.19
N PRO B 105 -21.90 -36.95 24.00
CA PRO B 105 -22.02 -37.16 25.45
C PRO B 105 -22.72 -35.98 26.14
N GLU B 106 -22.94 -36.08 27.45
CA GLU B 106 -23.58 -34.98 28.18
C GLU B 106 -22.65 -33.77 28.25
N ALA B 107 -23.18 -32.60 27.96
CA ALA B 107 -22.41 -31.34 27.92
C ALA B 107 -22.06 -30.77 29.29
N ASP B 108 -20.78 -30.44 29.49
CA ASP B 108 -20.38 -29.57 30.60
C ASP B 108 -20.57 -28.10 30.19
N VAL B 109 -20.26 -27.83 28.92
CA VAL B 109 -20.40 -26.49 28.34
C VAL B 109 -21.12 -26.63 27.01
N THR B 110 -22.11 -25.78 26.76
CA THR B 110 -22.84 -25.81 25.50
C THR B 110 -22.69 -24.49 24.75
N VAL B 111 -22.30 -24.60 23.48
CA VAL B 111 -22.09 -23.42 22.64
C VAL B 111 -22.89 -23.61 21.37
N LYS B 112 -23.65 -22.60 20.99
CA LYS B 112 -24.36 -22.64 19.73
C LYS B 112 -23.63 -21.71 18.76
N VAL B 113 -23.19 -22.28 17.63
CA VAL B 113 -22.42 -21.55 16.63
C VAL B 113 -23.23 -21.36 15.35
N THR B 114 -23.23 -20.14 14.83
CA THR B 114 -23.91 -19.83 13.58
C THR B 114 -22.93 -19.24 12.56
N GLY B 115 -22.94 -19.80 11.35
CA GLY B 115 -22.10 -19.31 10.26
C GLY B 115 -22.80 -18.25 9.46
N TYR B 116 -22.13 -17.13 9.24
CA TYR B 116 -22.66 -16.06 8.41
C TYR B 116 -21.63 -15.74 7.34
N GLN B 117 -22.10 -15.09 6.27
CA GLN B 117 -21.24 -14.49 5.31
C GLN B 117 -20.82 -13.10 5.84
N TRP B 118 -19.58 -12.89 6.31
CA TRP B 118 -18.52 -13.89 6.45
C TRP B 118 -17.87 -13.78 7.83
N TYR B 119 -18.45 -14.49 8.79
CA TYR B 119 -18.02 -14.46 10.19
C TYR B 119 -18.82 -15.50 10.97
N TRP B 120 -18.39 -15.78 12.19
CA TRP B 120 -19.07 -16.71 13.07
C TRP B 120 -19.71 -16.00 14.26
N GLY B 121 -20.86 -16.49 14.68
CA GLY B 121 -21.54 -16.01 15.87
C GLY B 121 -21.55 -17.12 16.90
N TYR B 122 -21.28 -16.77 18.15
CA TYR B 122 -21.28 -17.75 19.24
C TYR B 122 -22.29 -17.35 20.32
N GLU B 123 -23.05 -18.33 20.80
CA GLU B 123 -23.98 -18.13 21.90
C GLU B 123 -23.73 -19.20 22.93
N TYR B 124 -23.62 -18.80 24.20
CA TYR B 124 -23.56 -19.76 25.28
C TYR B 124 -24.91 -19.66 26.00
N PRO B 125 -25.87 -20.54 25.68
CA PRO B 125 -27.20 -20.38 26.23
C PRO B 125 -27.30 -20.49 27.76
N ASP B 126 -26.43 -21.28 28.39
CA ASP B 126 -26.36 -21.40 29.85
C ASP B 126 -25.87 -20.11 30.52
N GLU B 127 -25.13 -19.29 29.76
CA GLU B 127 -24.44 -18.12 30.32
C GLU B 127 -25.00 -16.82 29.81
N GLU B 128 -25.99 -16.90 28.91
CA GLU B 128 -26.57 -15.73 28.25
C GLU B 128 -25.50 -14.81 27.68
N ILE B 129 -24.53 -15.42 27.00
CA ILE B 129 -23.47 -14.71 26.31
C ILE B 129 -23.67 -14.89 24.81
N SER B 130 -23.51 -13.81 24.06
CA SER B 130 -23.60 -13.85 22.61
C SER B 130 -22.65 -12.83 22.01
N PHE B 131 -21.92 -13.25 20.97
CA PHE B 131 -20.94 -12.39 20.31
C PHE B 131 -20.56 -12.92 18.92
N GLU B 132 -19.98 -12.03 18.11
CA GLU B 132 -19.52 -12.38 16.76
C GLU B 132 -18.00 -12.37 16.69
N SER B 133 -17.48 -13.17 15.76
CA SER B 133 -16.05 -13.41 15.65
C SER B 133 -15.58 -13.24 14.21
N TYR B 134 -14.81 -12.18 13.98
CA TYR B 134 -14.35 -11.81 12.65
C TYR B 134 -12.86 -12.02 12.55
N MET B 135 -12.38 -12.29 11.33
CA MET B 135 -10.95 -12.40 11.10
C MET B 135 -10.32 -11.05 11.41
N ILE B 136 -9.17 -11.08 12.08
CA ILE B 136 -8.35 -9.88 12.23
C ILE B 136 -7.82 -9.62 10.84
N GLY B 137 -8.21 -8.48 10.27
CA GLY B 137 -7.91 -8.16 8.88
C GLY B 137 -9.14 -8.10 8.01
N SER B 138 -10.26 -8.59 8.52
CA SER B 138 -11.54 -8.50 7.82
C SER B 138 -12.02 -7.06 7.78
N PRO B 139 -12.90 -6.71 6.80
CA PRO B 139 -13.50 -5.38 6.77
C PRO B 139 -14.14 -4.96 8.10
N ALA B 140 -14.76 -5.89 8.83
CA ALA B 140 -15.31 -5.59 10.14
C ALA B 140 -14.29 -4.96 11.09
N THR B 141 -13.02 -5.34 10.96
CA THR B 141 -11.96 -4.85 11.83
C THR B 141 -11.15 -3.74 11.16
N GLY B 142 -11.68 -3.22 10.06
CA GLY B 142 -11.04 -2.11 9.34
C GLY B 142 -10.11 -2.52 8.21
N GLY B 143 -10.00 -3.82 7.93
CA GLY B 143 -9.05 -4.32 6.94
C GLY B 143 -9.68 -4.66 5.62
N ASP B 144 -8.89 -5.26 4.72
CA ASP B 144 -9.47 -5.81 3.50
C ASP B 144 -8.84 -7.15 3.13
N ASN B 145 -8.71 -8.00 4.17
CA ASN B 145 -8.33 -9.40 4.05
C ASN B 145 -6.89 -9.62 3.59
N ARG B 146 -6.03 -8.65 3.88
CA ARG B 146 -4.61 -8.77 3.57
C ARG B 146 -3.77 -8.26 4.74
N MET B 147 -2.50 -8.66 4.78
CA MET B 147 -1.58 -8.17 5.78
C MET B 147 -1.32 -6.68 5.55
N SER B 148 -1.21 -5.94 6.64
CA SER B 148 -0.87 -4.52 6.63
C SER B 148 -0.24 -4.20 7.99
N PRO B 149 0.44 -3.03 8.09
CA PRO B 149 0.97 -2.63 9.39
C PRO B 149 -0.11 -2.53 10.49
N GLU B 150 -1.31 -2.06 10.16
CA GLU B 150 -2.41 -2.09 11.14
C GLU B 150 -2.80 -3.51 11.58
N VAL B 151 -2.98 -4.40 10.60
CA VAL B 151 -3.34 -5.79 10.87
C VAL B 151 -2.28 -6.44 11.76
N GLU B 152 -1.00 -6.20 11.46
CA GLU B 152 0.06 -6.77 12.28
C GLU B 152 0.04 -6.28 13.73
N GLN B 153 -0.19 -4.98 13.89
CA GLN B 153 -0.34 -4.38 15.23
C GLN B 153 -1.57 -4.97 15.92
N GLN B 154 -2.66 -5.14 15.18
CA GLN B 154 -3.86 -5.78 15.73
C GLN B 154 -3.62 -7.21 16.19
N LEU B 155 -2.84 -7.97 15.41
CA LEU B 155 -2.51 -9.35 15.76
C LEU B 155 -1.67 -9.39 17.05
N ILE B 156 -0.69 -8.48 17.15
CA ILE B 156 0.18 -8.40 18.32
C ILE B 156 -0.62 -8.03 19.59
N GLU B 157 -1.43 -6.97 19.51
CA GLU B 157 -2.30 -6.57 20.63
C GLU B 157 -3.20 -7.70 21.13
N ALA B 158 -3.62 -8.58 20.23
CA ALA B 158 -4.56 -9.64 20.56
C ALA B 158 -3.86 -10.89 21.10
N GLY B 159 -2.53 -10.86 21.12
CA GLY B 159 -1.76 -11.97 21.68
C GLY B 159 -1.13 -12.89 20.63
N TYR B 160 -1.14 -12.44 19.38
CA TYR B 160 -0.64 -13.25 18.27
C TYR B 160 0.56 -12.58 17.62
N SER B 161 0.90 -13.02 16.41
CA SER B 161 1.96 -12.43 15.61
C SER B 161 1.49 -12.43 14.16
N ARG B 162 2.28 -11.85 13.26
CA ARG B 162 1.90 -11.81 11.85
C ARG B 162 1.75 -13.23 11.26
N ASP B 163 2.39 -14.21 11.89
CA ASP B 163 2.30 -15.61 11.46
C ASP B 163 0.91 -16.23 11.59
N GLU B 164 0.10 -15.71 12.51
CA GLU B 164 -1.27 -16.19 12.71
C GLU B 164 -2.28 -15.49 11.81
N PHE B 165 -1.82 -14.65 10.89
CA PHE B 165 -2.73 -13.99 9.98
C PHE B 165 -3.52 -15.01 9.14
N LEU B 166 -4.85 -14.79 9.06
CA LEU B 166 -5.81 -15.69 8.40
C LEU B 166 -6.39 -16.74 9.32
N LEU B 167 -5.76 -16.91 10.48
CA LEU B 167 -6.23 -17.84 11.50
C LEU B 167 -6.90 -17.07 12.66
N ALA B 168 -6.24 -16.00 13.11
CA ALA B 168 -6.70 -15.23 14.27
C ALA B 168 -7.97 -14.39 14.04
N THR B 169 -8.87 -14.46 15.01
CA THR B 169 -10.09 -13.66 15.04
C THR B 169 -10.05 -12.61 16.17
N ASP B 170 -10.88 -11.59 16.06
CA ASP B 170 -10.92 -10.52 17.06
C ASP B 170 -11.44 -11.01 18.41
N THR B 171 -12.42 -11.91 18.39
CA THR B 171 -12.88 -12.59 19.60
C THR B 171 -12.68 -14.11 19.46
N ALA B 172 -12.52 -14.81 20.58
CA ALA B 172 -12.36 -16.26 20.57
C ALA B 172 -13.49 -16.97 21.30
N MET B 173 -13.77 -18.20 20.89
CA MET B 173 -14.62 -19.09 21.65
C MET B 173 -13.76 -19.65 22.80
N VAL B 174 -14.11 -19.28 24.03
CA VAL B 174 -13.33 -19.66 25.20
C VAL B 174 -14.01 -20.81 25.91
N VAL B 175 -13.23 -21.82 26.29
CA VAL B 175 -13.77 -22.98 26.99
C VAL B 175 -12.80 -23.48 28.08
N PRO B 176 -13.34 -24.14 29.11
CA PRO B 176 -12.47 -24.73 30.13
C PRO B 176 -11.84 -26.05 29.70
N VAL B 177 -10.58 -26.25 30.07
CA VAL B 177 -9.85 -27.48 29.83
C VAL B 177 -10.50 -28.66 30.54
N ASN B 178 -10.42 -29.83 29.91
CA ASN B 178 -10.89 -31.10 30.47
C ASN B 178 -12.37 -31.15 30.76
N LYS B 179 -13.14 -30.40 29.99
CA LYS B 179 -14.59 -30.39 30.12
C LYS B 179 -15.20 -30.73 28.78
N THR B 180 -16.29 -31.49 28.81
CA THR B 180 -17.01 -31.86 27.61
C THR B 180 -17.78 -30.66 27.05
N VAL B 181 -17.35 -30.20 25.88
CA VAL B 181 -18.02 -29.11 25.18
C VAL B 181 -18.88 -29.69 24.06
N VAL B 182 -20.17 -29.36 24.06
CA VAL B 182 -21.04 -29.72 22.96
C VAL B 182 -21.34 -28.48 22.15
N VAL B 183 -21.07 -28.54 20.85
CA VAL B 183 -21.28 -27.41 19.97
C VAL B 183 -22.42 -27.73 19.02
N GLN B 184 -23.38 -26.82 18.93
CA GLN B 184 -24.50 -26.95 18.02
C GLN B 184 -24.27 -25.98 16.88
N VAL B 185 -24.20 -26.49 15.64
CA VAL B 185 -23.80 -25.68 14.48
C VAL B 185 -24.95 -25.52 13.48
N THR B 186 -25.17 -24.29 13.04
CA THR B 186 -26.13 -24.00 11.97
C THR B 186 -25.62 -22.86 11.10
N GLY B 187 -26.23 -22.69 9.92
CA GLY B 187 -25.89 -21.59 9.02
C GLY B 187 -27.01 -20.57 8.96
N ALA B 188 -26.66 -19.30 8.75
CA ALA B 188 -27.64 -18.23 8.72
C ALA B 188 -28.09 -17.85 7.31
N ASP B 189 -27.29 -18.21 6.30
CA ASP B 189 -27.51 -17.71 4.96
C ASP B 189 -27.21 -18.78 3.91
N VAL B 190 -25.94 -19.16 3.80
CA VAL B 190 -25.53 -20.30 2.98
C VAL B 190 -24.89 -21.31 3.92
N ILE B 191 -24.44 -22.44 3.37
CA ILE B 191 -23.72 -23.44 4.16
C ILE B 191 -22.28 -22.97 4.41
N HIS B 192 -21.86 -23.04 5.67
CA HIS B 192 -20.47 -22.86 6.07
C HIS B 192 -20.03 -24.17 6.70
N SER B 193 -18.80 -24.26 7.17
CA SER B 193 -18.44 -25.44 7.96
C SER B 193 -17.49 -25.11 9.08
N TRP B 194 -17.83 -25.55 10.29
CA TRP B 194 -17.07 -25.20 11.48
C TRP B 194 -16.14 -26.34 11.86
N THR B 195 -14.87 -26.02 12.05
CA THR B 195 -13.90 -27.07 12.29
C THR B 195 -12.74 -26.61 13.16
N VAL B 196 -12.16 -27.55 13.88
CA VAL B 196 -10.91 -27.33 14.57
C VAL B 196 -10.10 -28.61 14.45
N PRO B 197 -9.09 -28.60 13.55
CA PRO B 197 -8.20 -29.75 13.34
C PRO B 197 -7.62 -30.37 14.62
N ALA B 198 -7.20 -29.53 15.57
CA ALA B 198 -6.59 -30.03 16.84
C ALA B 198 -7.57 -30.84 17.69
N PHE B 199 -8.86 -30.66 17.47
CA PHE B 199 -9.89 -31.37 18.22
C PHE B 199 -10.48 -32.54 17.45
N GLY B 200 -10.22 -32.61 16.15
CA GLY B 200 -10.75 -33.68 15.28
C GLY B 200 -12.22 -33.51 15.00
N VAL B 201 -12.66 -32.26 14.87
CA VAL B 201 -14.10 -31.99 14.67
C VAL B 201 -14.33 -31.17 13.43
N LYS B 202 -15.46 -31.42 12.78
CA LYS B 202 -15.89 -30.67 11.61
C LYS B 202 -17.35 -30.97 11.39
N GLN B 203 -18.15 -29.92 11.23
CA GLN B 203 -19.57 -30.08 11.04
C GLN B 203 -20.08 -28.95 10.16
N ASP B 204 -20.79 -29.30 9.09
CA ASP B 204 -21.37 -28.28 8.24
C ASP B 204 -22.40 -27.43 8.96
N ALA B 205 -22.42 -26.15 8.62
CA ALA B 205 -23.30 -25.18 9.20
C ALA B 205 -24.40 -24.88 8.17
N VAL B 206 -25.42 -25.72 8.17
CA VAL B 206 -26.47 -25.71 7.15
C VAL B 206 -27.67 -24.91 7.61
N PRO B 207 -28.09 -23.92 6.81
CA PRO B 207 -29.33 -23.20 7.13
C PRO B 207 -30.49 -24.17 7.30
N GLY B 208 -31.27 -23.97 8.38
CA GLY B 208 -32.45 -24.77 8.66
C GLY B 208 -32.20 -26.01 9.48
N ARG B 209 -30.94 -26.31 9.76
CA ARG B 209 -30.53 -27.50 10.51
C ARG B 209 -29.61 -27.13 11.65
N LEU B 210 -29.77 -27.80 12.78
CA LEU B 210 -28.86 -27.64 13.92
C LEU B 210 -28.18 -28.96 14.16
N ALA B 211 -26.87 -28.99 13.92
CA ALA B 211 -26.11 -30.24 14.04
C ALA B 211 -25.21 -30.16 15.26
N GLN B 212 -24.88 -31.30 15.84
CA GLN B 212 -24.05 -31.26 17.04
C GLN B 212 -22.72 -31.92 16.81
N LEU B 213 -21.71 -31.46 17.55
CA LEU B 213 -20.41 -32.14 17.66
C LEU B 213 -19.95 -32.02 19.10
N TRP B 214 -18.94 -32.76 19.50
CA TRP B 214 -18.40 -32.64 20.84
C TRP B 214 -16.90 -32.71 20.80
N PHE B 215 -16.28 -32.12 21.81
CA PHE B 215 -14.87 -32.33 22.08
C PHE B 215 -14.61 -32.11 23.57
N ARG B 216 -13.52 -32.69 24.06
CA ARG B 216 -12.99 -32.38 25.37
C ARG B 216 -11.52 -32.06 25.18
N ALA B 217 -11.15 -30.81 25.40
CA ALA B 217 -9.76 -30.38 25.20
C ALA B 217 -8.91 -30.83 26.39
N GLU B 218 -7.72 -31.35 26.10
CA GLU B 218 -6.91 -32.02 27.11
C GLU B 218 -5.74 -31.21 27.59
N ARG B 219 -5.54 -30.06 26.95
CA ARG B 219 -4.57 -29.08 27.39
C ARG B 219 -5.06 -27.69 27.02
N GLU B 220 -4.56 -26.70 27.76
CA GLU B 220 -4.88 -25.32 27.54
C GLU B 220 -4.10 -24.85 26.34
N GLY B 221 -4.63 -23.84 25.66
CA GLY B 221 -3.91 -23.18 24.59
C GLY B 221 -4.83 -22.56 23.56
N ILE B 222 -4.23 -22.25 22.41
CA ILE B 222 -4.98 -21.64 21.31
C ILE B 222 -5.02 -22.59 20.11
N PHE B 223 -6.21 -22.75 19.56
CA PHE B 223 -6.47 -23.68 18.48
C PHE B 223 -7.30 -23.00 17.41
N PHE B 224 -6.85 -23.14 16.17
CA PHE B 224 -7.46 -22.49 15.03
C PHE B 224 -8.10 -23.48 14.05
N GLY B 225 -9.21 -23.05 13.46
CA GLY B 225 -9.79 -23.71 12.29
C GLY B 225 -10.17 -22.67 11.26
N GLN B 226 -10.65 -23.13 10.12
CA GLN B 226 -11.00 -22.24 9.01
C GLN B 226 -12.27 -22.75 8.35
N CYS B 227 -13.11 -21.83 7.87
CA CYS B 227 -14.39 -22.21 7.25
C CYS B 227 -14.17 -23.23 6.13
N SER B 228 -14.94 -24.31 6.18
CA SER B 228 -14.67 -25.49 5.35
C SER B 228 -15.83 -25.89 4.45
N GLU B 229 -16.63 -24.90 4.04
CA GLU B 229 -17.55 -25.13 2.94
C GLU B 229 -17.63 -23.82 2.20
N LEU B 230 -17.31 -23.85 0.91
CA LEU B 230 -17.29 -22.63 0.10
C LEU B 230 -18.60 -21.88 0.24
N CYS B 231 -18.50 -20.59 0.55
CA CYS B 231 -19.64 -19.79 1.00
C CYS B 231 -19.59 -18.42 0.39
N GLY B 232 -18.77 -18.27 -0.64
CA GLY B 232 -18.71 -17.02 -1.36
C GLY B 232 -17.38 -16.33 -1.29
N ILE B 233 -17.40 -15.02 -1.46
CA ILE B 233 -16.18 -14.24 -1.72
C ILE B 233 -15.16 -14.27 -0.57
N SER B 234 -15.64 -14.40 0.66
CA SER B 234 -14.74 -14.34 1.80
C SER B 234 -14.65 -15.65 2.58
N HIS B 235 -14.87 -16.75 1.85
CA HIS B 235 -14.70 -18.13 2.33
C HIS B 235 -13.33 -18.33 2.99
N ALA B 236 -12.30 -17.79 2.35
CA ALA B 236 -10.92 -17.86 2.83
C ALA B 236 -10.66 -17.01 4.09
N TYR B 237 -11.62 -16.18 4.47
CA TYR B 237 -11.38 -15.11 5.45
C TYR B 237 -12.41 -15.05 6.60
N MET B 238 -12.83 -16.21 7.11
CA MET B 238 -13.68 -16.31 8.30
C MET B 238 -13.27 -17.50 9.19
N PRO B 239 -12.10 -17.37 9.83
CA PRO B 239 -11.55 -18.45 10.65
C PRO B 239 -12.17 -18.59 12.04
N ILE B 240 -11.65 -19.55 12.77
CA ILE B 240 -12.16 -19.96 14.06
C ILE B 240 -10.98 -19.95 15.03
N THR B 241 -11.16 -19.29 16.17
CA THR B 241 -10.20 -19.36 17.26
C THR B 241 -10.92 -19.91 18.48
N VAL B 242 -10.38 -20.98 19.04
CA VAL B 242 -10.82 -21.50 20.31
C VAL B 242 -9.68 -21.35 21.29
N LYS B 243 -9.96 -20.69 22.42
CA LYS B 243 -9.01 -20.66 23.55
C LYS B 243 -9.50 -21.60 24.63
N VAL B 244 -8.63 -22.51 25.06
CA VAL B 244 -8.91 -23.49 26.09
C VAL B 244 -8.12 -23.01 27.32
N VAL B 245 -8.84 -22.76 28.42
CA VAL B 245 -8.23 -22.13 29.62
C VAL B 245 -8.60 -22.90 30.90
N SER B 246 -8.00 -22.53 32.04
CA SER B 246 -8.39 -23.11 33.34
C SER B 246 -9.85 -22.84 33.64
N GLU B 247 -10.45 -23.67 34.51
CA GLU B 247 -11.82 -23.43 35.00
C GLU B 247 -11.98 -22.01 35.53
N GLU B 248 -10.94 -21.52 36.21
CA GLU B 248 -10.95 -20.20 36.84
C GLU B 248 -10.87 -19.08 35.82
N ALA B 249 -9.99 -19.22 34.83
CA ALA B 249 -9.86 -18.25 33.76
C ALA B 249 -11.11 -18.23 32.89
N TYR B 250 -11.78 -19.37 32.76
CA TYR B 250 -13.05 -19.47 32.01
C TYR B 250 -14.15 -18.65 32.71
N ALA B 251 -14.29 -18.85 34.03
CA ALA B 251 -15.20 -18.02 34.86
C ALA B 251 -14.90 -16.53 34.74
N ALA B 252 -13.61 -16.17 34.77
CA ALA B 252 -13.21 -14.79 34.66
C ALA B 252 -13.72 -14.16 33.36
N TRP B 253 -13.57 -14.93 32.27
CA TRP B 253 -14.04 -14.51 30.94
C TRP B 253 -15.57 -14.40 30.89
N LEU B 254 -16.28 -15.35 31.48
CA LEU B 254 -17.74 -15.24 31.64
C LEU B 254 -18.17 -13.97 32.37
N GLU B 255 -17.54 -13.68 33.51
CA GLU B 255 -17.88 -12.47 34.30
C GLU B 255 -17.62 -11.20 33.51
N GLN B 256 -16.52 -11.16 32.76
CA GLN B 256 -16.22 -10.02 31.87
C GLN B 256 -17.37 -9.71 30.90
N HIS B 257 -18.18 -10.72 30.58
CA HIS B 257 -19.35 -10.58 29.71
C HIS B 257 -20.66 -10.31 30.43
N HIS B 258 -20.63 -10.34 31.77
CA HIS B 258 -21.85 -10.19 32.55
C HIS B 258 -22.24 -8.73 32.68
N HIS B 259 -23.47 -8.41 32.29
CA HIS B 259 -23.99 -7.06 32.41
C HIS B 259 -24.66 -6.89 33.76
N HIS B 260 -24.33 -5.81 34.46
CA HIS B 260 -24.96 -5.48 35.73
C HIS B 260 -25.87 -4.27 35.56
N HIS B 261 -27.10 -4.52 35.15
CA HIS B 261 -28.05 -3.41 35.01
C HIS B 261 -28.97 -3.33 36.22
N HIS B 262 -29.19 -2.10 36.68
CA HIS B 262 -30.09 -1.82 37.79
C HIS B 262 -31.30 -1.04 37.27
N PHE C 17 -26.14 38.70 14.55
CA PHE C 17 -24.76 38.88 14.00
C PHE C 17 -23.66 38.57 15.04
N THR C 18 -23.99 38.78 16.32
CA THR C 18 -23.07 38.47 17.43
C THR C 18 -23.50 37.16 18.10
N ARG C 19 -24.09 36.28 17.27
CA ARG C 19 -24.27 34.86 17.60
C ARG C 19 -23.11 34.06 17.00
N TRP C 20 -22.47 34.65 15.97
CA TRP C 20 -21.18 34.18 15.47
C TRP C 20 -20.12 34.18 16.59
N PHE C 21 -19.98 35.32 17.25
CA PHE C 21 -18.92 35.54 18.24
C PHE C 21 -19.11 34.83 19.59
N MET C 22 -20.30 34.27 19.81
CA MET C 22 -20.58 33.57 21.06
C MET C 22 -20.65 32.04 20.87
N SER C 23 -20.53 31.58 19.63
CA SER C 23 -20.63 30.15 19.32
C SER C 23 -19.45 29.36 19.84
N THR C 24 -19.73 28.18 20.36
CA THR C 24 -18.69 27.28 20.85
C THR C 24 -18.51 26.10 19.88
N ASN C 25 -19.25 26.12 18.78
CA ASN C 25 -19.14 25.06 17.78
C ASN C 25 -17.86 25.23 16.96
N HIS C 26 -17.11 24.14 16.84
CA HIS C 26 -15.82 24.14 16.15
C HIS C 26 -15.88 24.72 14.71
N LYS C 27 -16.99 24.49 14.00
CA LYS C 27 -17.13 25.00 12.64
C LYS C 27 -17.19 26.53 12.62
N ASP C 28 -17.97 27.09 13.55
CA ASP C 28 -18.13 28.53 13.68
C ASP C 28 -16.83 29.20 14.11
N ILE C 29 -16.21 28.65 15.15
CA ILE C 29 -14.90 29.09 15.62
C ILE C 29 -13.85 29.02 14.50
N GLY C 30 -13.81 27.93 13.74
CA GLY C 30 -12.93 27.84 12.58
C GLY C 30 -13.12 28.96 11.56
N VAL C 31 -14.37 29.28 11.27
CA VAL C 31 -14.67 30.37 10.34
C VAL C 31 -14.23 31.73 10.92
N LEU C 32 -14.40 31.90 12.22
CA LEU C 32 -13.96 33.12 12.89
C LEU C 32 -12.45 33.33 12.69
N TYR C 33 -11.68 32.29 12.98
CA TYR C 33 -10.22 32.33 12.82
C TYR C 33 -9.79 32.61 11.38
N LEU C 34 -10.46 31.98 10.42
CA LEU C 34 -10.15 32.18 8.99
C LEU C 34 -10.34 33.62 8.53
N PHE C 35 -11.52 34.18 8.81
CA PHE C 35 -11.82 35.58 8.48
C PHE C 35 -10.88 36.57 9.18
N THR C 36 -10.66 36.38 10.48
CA THR C 36 -9.82 37.25 11.27
C THR C 36 -8.36 37.16 10.80
N GLY C 37 -7.88 35.93 10.63
CA GLY C 37 -6.56 35.69 10.06
C GLY C 37 -6.40 36.41 8.74
N GLY C 38 -7.44 36.41 7.93
CA GLY C 38 -7.43 37.06 6.61
C GLY C 38 -7.38 38.57 6.71
N LEU C 39 -8.09 39.11 7.71
CA LEU C 39 -8.11 40.55 7.98
C LEU C 39 -6.74 41.06 8.44
N VAL C 40 -6.18 40.42 9.46
CA VAL C 40 -4.84 40.73 9.95
C VAL C 40 -3.81 40.53 8.82
N GLY C 41 -3.93 39.42 8.08
CA GLY C 41 -3.18 39.22 6.83
C GLY C 41 -3.18 40.45 5.94
N LEU C 42 -4.36 41.00 5.65
CA LEU C 42 -4.47 42.23 4.87
C LEU C 42 -3.70 43.40 5.47
N ILE C 43 -3.84 43.61 6.78
CA ILE C 43 -3.11 44.67 7.47
C ILE C 43 -1.58 44.47 7.29
N SER C 44 -1.10 43.27 7.62
CA SER C 44 0.33 42.99 7.54
C SER C 44 0.85 43.07 6.11
N VAL C 45 0.05 42.63 5.14
CA VAL C 45 0.42 42.78 3.74
C VAL C 45 0.49 44.26 3.32
N ALA C 46 -0.41 45.07 3.86
CA ALA C 46 -0.40 46.51 3.55
C ALA C 46 0.92 47.15 4.06
N PHE C 47 1.38 46.75 5.26
CA PHE C 47 2.71 47.12 5.77
C PHE C 47 3.81 46.81 4.77
N THR C 48 3.79 45.62 4.18
CA THR C 48 4.82 45.22 3.21
C THR C 48 4.79 46.05 1.93
N VAL C 49 3.61 46.44 1.49
CA VAL C 49 3.50 47.32 0.34
C VAL C 49 4.23 48.64 0.62
N TYR C 50 3.96 49.24 1.78
CA TYR C 50 4.66 50.43 2.22
C TYR C 50 6.17 50.21 2.36
N MET C 51 6.56 49.08 2.94
CA MET C 51 7.96 48.72 3.06
C MET C 51 8.59 48.70 1.68
N ARG C 52 7.91 48.08 0.74
CA ARG C 52 8.48 47.92 -0.59
C ARG C 52 8.44 49.19 -1.44
N MET C 53 7.55 50.10 -1.10
CA MET C 53 7.57 51.47 -1.63
C MET C 53 8.90 52.16 -1.26
N GLU C 54 9.23 52.18 0.02
CA GLU C 54 10.54 52.68 0.48
C GLU C 54 11.77 51.91 -0.04
N LEU C 55 11.68 50.60 -0.29
CA LEU C 55 12.85 49.89 -0.77
C LEU C 55 12.97 49.91 -2.29
N MET C 56 11.97 50.46 -2.97
CA MET C 56 11.94 50.48 -4.44
C MET C 56 13.14 51.22 -5.04
N ALA C 57 13.54 52.31 -4.40
CA ALA C 57 14.69 53.11 -4.84
C ALA C 57 15.58 53.52 -3.65
N PRO C 58 16.92 53.58 -3.86
CA PRO C 58 17.87 54.01 -2.83
C PRO C 58 17.63 55.46 -2.46
N GLY C 59 18.00 55.84 -1.23
CA GLY C 59 17.61 57.13 -0.67
C GLY C 59 16.22 56.99 -0.08
N VAL C 60 15.94 57.74 0.99
CA VAL C 60 14.65 57.68 1.68
C VAL C 60 13.71 58.74 1.10
N GLN C 61 12.54 58.32 0.64
CA GLN C 61 11.56 59.23 0.03
C GLN C 61 10.23 59.29 0.77
N PHE C 62 9.92 58.26 1.56
CA PHE C 62 8.60 58.13 2.21
C PHE C 62 8.67 58.27 3.72
N MET C 63 9.64 57.58 4.34
CA MET C 63 9.73 57.54 5.80
C MET C 63 10.56 58.70 6.36
N CYS C 64 10.00 59.91 6.23
CA CYS C 64 10.64 61.17 6.59
C CYS C 64 10.21 61.60 7.98
N ALA C 65 11.18 62.08 8.78
CA ALA C 65 10.90 62.61 10.11
C ALA C 65 10.01 63.87 10.07
N GLU C 66 9.97 64.53 8.91
CA GLU C 66 9.13 65.71 8.71
C GLU C 66 7.65 65.40 8.94
N HIS C 67 7.26 64.18 8.59
CA HIS C 67 5.87 63.73 8.71
C HIS C 67 5.39 63.61 10.16
N LEU C 68 6.33 63.49 11.10
CA LEU C 68 6.01 63.41 12.53
C LEU C 68 5.43 64.73 13.07
N GLU C 69 5.87 65.86 12.51
CA GLU C 69 5.43 67.19 12.92
C GLU C 69 3.95 67.40 12.66
N SER C 70 3.42 66.79 11.61
CA SER C 70 2.00 66.79 11.29
C SER C 70 1.19 66.04 12.37
N GLY C 71 -0.12 65.90 12.12
CA GLY C 71 -0.97 65.07 12.96
C GLY C 71 -0.73 63.60 12.68
N LEU C 72 -1.36 62.74 13.48
CA LEU C 72 -1.32 61.30 13.23
C LEU C 72 -1.95 60.98 11.87
N VAL C 73 -3.10 61.60 11.60
CA VAL C 73 -3.86 61.39 10.37
C VAL C 73 -3.17 61.96 9.14
N LYS C 74 -2.95 63.27 9.14
CA LYS C 74 -2.30 63.96 8.00
C LYS C 74 -0.86 63.48 7.79
N GLY C 75 -0.18 63.14 8.89
CA GLY C 75 1.16 62.57 8.84
C GLY C 75 1.17 61.23 8.13
N PHE C 76 0.09 60.46 8.32
CA PHE C 76 -0.12 59.19 7.63
C PHE C 76 -0.24 59.35 6.10
N PHE C 77 -1.02 60.32 5.64
CA PHE C 77 -1.27 60.50 4.20
C PHE C 77 -0.12 61.16 3.45
N GLN C 78 0.65 61.99 4.14
CA GLN C 78 1.85 62.58 3.56
C GLN C 78 2.93 61.50 3.40
N SER C 79 2.93 60.54 4.33
CA SER C 79 3.83 59.39 4.35
C SER C 79 3.73 58.50 3.12
N LEU C 80 2.58 58.54 2.45
CA LEU C 80 2.33 57.66 1.31
C LEU C 80 2.79 58.26 0.00
N TRP C 81 3.15 59.54 0.04
CA TRP C 81 3.58 60.26 -1.14
C TRP C 81 5.09 60.55 -1.06
N PRO C 82 5.83 60.33 -2.17
CA PRO C 82 7.27 60.53 -2.15
C PRO C 82 7.70 61.99 -2.04
N SER C 83 8.71 62.24 -1.21
CA SER C 83 9.39 63.52 -1.10
C SER C 83 10.76 63.41 -1.76
N ALA C 84 11.29 64.54 -2.21
CA ALA C 84 12.68 64.57 -2.68
C ALA C 84 13.56 64.30 -1.47
N VAL C 85 14.71 63.66 -1.72
CA VAL C 85 15.67 63.31 -0.67
C VAL C 85 16.04 64.55 0.17
N GLU C 86 16.27 65.67 -0.50
CA GLU C 86 16.61 66.95 0.17
C GLU C 86 15.51 67.42 1.13
N ASN C 87 14.30 66.91 0.93
CA ASN C 87 13.15 67.25 1.77
C ASN C 87 12.75 66.14 2.76
N CYS C 88 13.50 65.04 2.75
CA CYS C 88 13.16 63.87 3.56
C CYS C 88 14.29 63.50 4.52
N THR C 89 14.10 63.80 5.80
CA THR C 89 15.02 63.37 6.85
C THR C 89 14.68 61.91 7.20
N PRO C 90 15.62 60.97 6.96
CA PRO C 90 15.34 59.55 7.23
C PRO C 90 14.94 59.27 8.67
N ASN C 91 13.80 58.61 8.81
CA ASN C 91 13.36 58.14 10.11
C ASN C 91 13.44 56.61 10.17
N GLY C 92 14.57 56.11 10.68
CA GLY C 92 14.83 54.67 10.77
C GLY C 92 13.89 53.98 11.73
N HIS C 93 13.42 54.70 12.74
CA HIS C 93 12.47 54.12 13.69
C HIS C 93 11.17 53.65 13.01
N LEU C 94 10.65 54.44 12.09
CA LEU C 94 9.44 54.03 11.36
C LEU C 94 9.66 52.72 10.57
N TRP C 95 10.81 52.60 9.90
CA TRP C 95 11.14 51.37 9.20
C TRP C 95 11.12 50.20 10.18
N ASN C 96 11.84 50.34 11.29
CA ASN C 96 11.96 49.29 12.30
C ASN C 96 10.62 48.87 12.88
N VAL C 97 9.72 49.84 13.02
CA VAL C 97 8.36 49.60 13.53
C VAL C 97 7.51 48.83 12.51
N MET C 98 7.52 49.27 11.24
CA MET C 98 6.80 48.58 10.16
C MET C 98 7.21 47.10 10.03
N ILE C 99 8.50 46.86 10.11
CA ILE C 99 9.13 45.56 9.96
C ILE C 99 8.79 44.63 11.11
N THR C 100 8.88 45.16 12.32
CA THR C 100 8.54 44.45 13.53
C THR C 100 7.04 44.11 13.51
N GLY C 101 6.23 45.10 13.17
CA GLY C 101 4.76 44.92 13.07
C GLY C 101 4.40 43.84 12.07
N HIS C 102 4.97 43.93 10.87
CA HIS C 102 4.79 42.91 9.83
C HIS C 102 5.10 41.51 10.33
N GLY C 103 6.29 41.35 10.90
CA GLY C 103 6.76 40.07 11.42
C GLY C 103 5.89 39.53 12.54
N ILE C 104 5.65 40.35 13.56
CA ILE C 104 4.82 39.90 14.66
C ILE C 104 3.39 39.53 14.21
N LEU C 105 2.77 40.37 13.37
CA LEU C 105 1.42 40.04 12.88
C LEU C 105 1.43 38.70 12.12
N MET C 106 2.42 38.48 11.26
CA MET C 106 2.46 37.26 10.46
C MET C 106 2.66 36.03 11.32
N MET C 107 3.65 36.10 12.20
CA MET C 107 4.09 34.93 12.96
C MET C 107 3.19 34.57 14.11
N PHE C 108 2.52 35.56 14.69
CA PHE C 108 1.63 35.26 15.82
C PHE C 108 0.14 35.35 15.51
N PHE C 109 -0.22 36.17 14.53
CA PHE C 109 -1.61 36.56 14.37
C PHE C 109 -2.22 36.35 12.99
N VAL C 110 -1.49 35.70 12.09
CA VAL C 110 -2.03 35.44 10.75
C VAL C 110 -2.08 33.93 10.41
N VAL C 111 -0.92 33.35 10.12
CA VAL C 111 -0.90 32.05 9.43
C VAL C 111 -1.24 30.85 10.33
N ILE C 112 -0.80 30.87 11.58
CA ILE C 112 -1.18 29.84 12.52
C ILE C 112 -2.67 29.95 12.91
N PRO C 113 -3.16 31.18 13.25
CA PRO C 113 -4.62 31.27 13.43
C PRO C 113 -5.42 30.79 12.22
N ALA C 114 -4.96 31.08 11.01
CA ALA C 114 -5.70 30.65 9.81
C ALA C 114 -5.64 29.12 9.62
N LEU C 115 -4.44 28.55 9.74
CA LEU C 115 -4.23 27.12 9.48
C LEU C 115 -4.68 26.20 10.60
N PHE C 116 -4.28 26.53 11.82
CA PHE C 116 -4.51 25.71 13.02
C PHE C 116 -5.83 26.10 13.68
N GLY C 117 -6.03 27.40 13.97
CA GLY C 117 -7.31 27.89 14.50
C GLY C 117 -8.45 27.82 13.50
N GLY C 118 -8.14 28.02 12.22
CA GLY C 118 -9.14 28.07 11.16
C GLY C 118 -9.46 26.68 10.64
N PHE C 119 -8.63 26.19 9.72
CA PHE C 119 -8.87 24.89 9.10
C PHE C 119 -8.79 23.77 10.12
N GLY C 120 -7.89 23.93 11.10
CA GLY C 120 -7.78 22.93 12.17
C GLY C 120 -9.04 22.74 13.00
N ASN C 121 -9.55 23.82 13.56
CA ASN C 121 -10.82 23.77 14.30
C ASN C 121 -11.98 23.27 13.43
N TYR C 122 -12.06 23.73 12.18
CA TYR C 122 -13.15 23.34 11.30
C TYR C 122 -13.08 21.85 10.90
N PHE C 123 -11.94 21.42 10.37
CA PHE C 123 -11.89 20.15 9.68
C PHE C 123 -11.40 18.97 10.47
N MET C 124 -10.51 19.19 11.45
CA MET C 124 -9.99 18.06 12.23
C MET C 124 -11.08 17.17 12.89
N PRO C 125 -12.07 17.77 13.59
CA PRO C 125 -13.17 16.93 14.13
C PRO C 125 -13.96 16.19 13.05
N LEU C 126 -14.23 16.85 11.92
CA LEU C 126 -14.90 16.19 10.79
C LEU C 126 -14.09 14.99 10.30
N HIS C 127 -12.78 15.18 10.11
CA HIS C 127 -11.89 14.14 9.62
C HIS C 127 -11.85 12.89 10.51
N ILE C 128 -11.98 13.08 11.83
CA ILE C 128 -11.98 11.95 12.76
C ILE C 128 -13.36 11.49 13.22
N GLY C 129 -14.42 12.13 12.73
CA GLY C 129 -15.78 11.74 13.11
C GLY C 129 -16.17 12.14 14.53
N ALA C 130 -15.60 13.25 15.02
CA ALA C 130 -15.96 13.81 16.32
C ALA C 130 -17.03 14.89 16.14
N PRO C 131 -18.07 14.87 17.00
CA PRO C 131 -19.16 15.85 16.96
C PRO C 131 -18.68 17.30 17.15
N ASP C 132 -17.73 17.48 18.08
CA ASP C 132 -17.15 18.79 18.36
C ASP C 132 -15.78 18.57 19.00
N MET C 133 -15.11 19.66 19.38
CA MET C 133 -13.93 19.59 20.27
C MET C 133 -14.37 19.16 21.67
N ALA C 134 -13.44 18.63 22.47
CA ALA C 134 -13.69 18.18 23.83
C ALA C 134 -14.19 19.28 24.76
N PHE C 135 -13.68 20.50 24.59
CA PHE C 135 -14.00 21.64 25.47
C PHE C 135 -14.40 22.85 24.64
N PRO C 136 -15.66 22.89 24.16
CA PRO C 136 -16.12 23.94 23.24
C PRO C 136 -15.99 25.37 23.79
N ARG C 137 -16.16 25.55 25.11
CA ARG C 137 -16.07 26.86 25.74
C ARG C 137 -14.62 27.36 25.78
N MET C 138 -13.70 26.43 26.04
CA MET C 138 -12.26 26.69 25.94
C MET C 138 -11.88 27.11 24.51
N ASN C 139 -12.49 26.46 23.52
CA ASN C 139 -12.30 26.81 22.13
C ASN C 139 -12.74 28.25 21.84
N ASN C 140 -13.93 28.61 22.30
CA ASN C 140 -14.40 29.99 22.23
C ASN C 140 -13.44 30.98 22.90
N LEU C 141 -12.94 30.64 24.08
CA LEU C 141 -11.96 31.46 24.79
C LEU C 141 -10.65 31.64 24.01
N SER C 142 -10.17 30.57 23.37
CA SER C 142 -8.95 30.67 22.55
C SER C 142 -9.09 31.73 21.45
N TYR C 143 -10.28 31.84 20.85
CA TYR C 143 -10.48 32.83 19.79
C TYR C 143 -10.38 34.26 20.34
N TRP C 144 -11.00 34.48 21.51
CA TRP C 144 -11.00 35.80 22.13
C TRP C 144 -9.61 36.22 22.60
N LEU C 145 -8.79 35.26 23.03
CA LEU C 145 -7.42 35.57 23.43
C LEU C 145 -6.60 35.98 22.20
N TYR C 146 -6.86 35.31 21.07
CA TYR C 146 -6.29 35.67 19.78
C TYR C 146 -6.64 37.10 19.38
N VAL C 147 -7.92 37.46 19.50
CA VAL C 147 -8.41 38.80 19.19
C VAL C 147 -7.84 39.84 20.16
N ALA C 148 -7.76 39.47 21.44
CA ALA C 148 -7.16 40.33 22.46
C ALA C 148 -5.68 40.58 22.12
N GLY C 149 -4.93 39.50 21.91
CA GLY C 149 -3.53 39.58 21.47
C GLY C 149 -3.34 40.47 20.25
N THR C 150 -4.12 40.23 19.21
CA THR C 150 -4.04 41.05 17.98
C THR C 150 -4.23 42.55 18.31
N SER C 151 -5.24 42.84 19.12
CA SER C 151 -5.56 44.20 19.56
C SER C 151 -4.39 44.90 20.27
N LEU C 152 -3.76 44.21 21.22
CA LEU C 152 -2.57 44.73 21.87
C LEU C 152 -1.39 44.94 20.91
N ALA C 153 -1.21 44.02 19.95
CA ALA C 153 -0.15 44.15 18.96
C ALA C 153 -0.34 45.39 18.09
N VAL C 154 -1.57 45.62 17.63
CA VAL C 154 -1.90 46.82 16.88
C VAL C 154 -1.77 48.06 17.79
N ALA C 155 -2.23 47.95 19.04
CA ALA C 155 -2.11 49.04 20.01
C ALA C 155 -0.67 49.52 20.19
N SER C 156 0.26 48.56 20.32
CA SER C 156 1.68 48.88 20.53
C SER C 156 2.19 49.84 19.45
N LEU C 157 1.65 49.71 18.24
CA LEU C 157 2.04 50.57 17.13
C LEU C 157 1.75 52.04 17.40
N PHE C 158 0.78 52.29 18.28
CA PHE C 158 0.32 53.64 18.59
C PHE C 158 0.66 54.09 20.01
N ALA C 159 1.41 53.24 20.73
CA ALA C 159 1.84 53.53 22.11
C ALA C 159 3.21 54.25 22.09
N PRO C 160 3.53 55.02 23.16
CA PRO C 160 4.90 55.54 23.32
C PRO C 160 5.94 54.41 23.23
N GLY C 161 6.90 54.58 22.33
CA GLY C 161 7.90 53.56 22.03
C GLY C 161 9.31 54.10 21.94
N GLY C 162 10.12 53.47 21.07
CA GLY C 162 11.52 53.83 20.94
C GLY C 162 11.77 55.23 20.40
N ASN C 163 12.90 55.81 20.80
CA ASN C 163 13.42 57.07 20.23
C ASN C 163 12.44 58.26 20.32
N GLY C 164 11.65 58.30 21.39
CA GLY C 164 10.62 59.32 21.56
C GLY C 164 9.54 59.36 20.50
N GLN C 165 9.35 58.24 19.79
CA GLN C 165 8.26 58.13 18.81
C GLN C 165 7.27 57.06 19.30
N LEU C 166 6.31 56.69 18.45
CA LEU C 166 5.40 55.57 18.74
C LEU C 166 5.94 54.27 18.13
N GLY C 167 5.61 53.13 18.76
CA GLY C 167 5.92 51.80 18.19
C GLY C 167 7.24 51.18 18.60
N SER C 168 7.29 49.84 18.65
CA SER C 168 8.54 49.11 18.93
C SER C 168 9.30 48.76 17.66
N GLY C 169 10.52 49.27 17.56
CA GLY C 169 11.37 48.99 16.41
C GLY C 169 12.44 48.00 16.78
N ILE C 170 12.04 46.80 17.21
CA ILE C 170 12.97 45.86 17.85
C ILE C 170 13.10 44.48 17.18
N GLY C 171 12.40 44.27 16.07
CA GLY C 171 12.45 42.98 15.35
C GLY C 171 11.48 42.00 15.96
N TRP C 172 10.93 41.10 15.13
CA TRP C 172 9.87 40.23 15.63
C TRP C 172 10.30 39.34 16.78
N VAL C 173 11.61 39.15 16.94
CA VAL C 173 12.16 38.24 17.98
C VAL C 173 12.65 38.95 19.26
N LEU C 174 12.55 40.28 19.29
CA LEU C 174 12.71 41.04 20.55
C LEU C 174 14.05 40.87 21.29
N TYR C 175 15.17 40.87 20.57
CA TYR C 175 16.49 40.66 21.22
C TYR C 175 16.82 41.74 22.25
N PRO C 176 17.22 41.33 23.47
CA PRO C 176 17.77 42.32 24.40
C PRO C 176 19.28 42.43 24.12
N PRO C 177 19.96 43.47 24.66
CA PRO C 177 19.41 44.62 25.39
C PRO C 177 18.57 45.60 24.58
N LEU C 178 18.55 45.48 23.25
CA LEU C 178 17.73 46.45 22.48
C LEU C 178 16.27 46.44 22.95
N SER C 179 15.65 45.27 23.02
CA SER C 179 14.24 45.18 23.42
C SER C 179 14.00 45.64 24.87
N THR C 180 14.97 45.39 25.74
CA THR C 180 14.84 45.77 27.14
C THR C 180 15.19 47.25 27.42
N SER C 181 15.91 47.90 26.50
CA SER C 181 16.23 49.32 26.67
C SER C 181 15.30 50.24 25.87
N GLU C 182 14.50 49.67 24.96
CA GLU C 182 13.56 50.49 24.16
C GLU C 182 12.64 51.31 25.07
N SER C 183 12.62 52.62 24.85
CA SER C 183 11.86 53.52 25.72
C SER C 183 10.35 53.45 25.42
N GLY C 184 9.54 54.00 26.33
CA GLY C 184 8.08 53.90 26.23
C GLY C 184 7.58 52.55 26.74
N TYR C 185 6.32 52.25 26.45
CA TYR C 185 5.76 50.97 26.90
C TYR C 185 5.17 50.15 25.74
N SER C 186 5.37 50.64 24.51
CA SER C 186 4.98 49.93 23.31
C SER C 186 5.48 48.47 23.29
N THR C 187 6.73 48.28 23.72
CA THR C 187 7.35 46.95 23.81
C THR C 187 6.68 46.05 24.84
N ASP C 188 6.23 46.64 25.95
CA ASP C 188 5.48 45.89 26.95
C ASP C 188 4.12 45.43 26.39
N LEU C 189 3.46 46.31 25.64
CA LEU C 189 2.22 45.96 24.96
C LEU C 189 2.45 44.78 24.00
N ALA C 190 3.56 44.84 23.25
CA ALA C 190 3.91 43.80 22.29
C ALA C 190 4.16 42.47 23.01
N ILE C 191 4.82 42.52 24.17
CA ILE C 191 5.09 41.33 24.96
C ILE C 191 3.79 40.66 25.45
N PHE C 192 2.85 41.47 25.94
CA PHE C 192 1.55 40.95 26.38
C PHE C 192 0.77 40.36 25.22
N ALA C 193 0.80 41.05 24.07
CA ALA C 193 0.17 40.56 22.84
C ALA C 193 0.61 39.11 22.55
N VAL C 194 1.91 38.87 22.65
CA VAL C 194 2.51 37.57 22.40
C VAL C 194 2.14 36.55 23.50
N HIS C 195 2.10 37.02 24.75
CA HIS C 195 1.56 36.21 25.84
C HIS C 195 0.14 35.69 25.49
N LEU C 196 -0.68 36.58 24.95
CA LEU C 196 -2.06 36.25 24.63
C LEU C 196 -2.16 35.33 23.41
N SER C 197 -1.30 35.56 22.41
CA SER C 197 -1.17 34.62 21.29
C SER C 197 -0.84 33.24 21.83
N GLY C 198 0.17 33.17 22.70
CA GLY C 198 0.60 31.91 23.31
C GLY C 198 -0.51 31.14 24.02
N ALA C 199 -1.33 31.87 24.79
CA ALA C 199 -2.44 31.28 25.55
C ALA C 199 -3.51 30.73 24.61
N SER C 200 -3.89 31.50 23.60
CA SER C 200 -4.78 31.06 22.53
C SER C 200 -4.34 29.74 21.85
N SER C 201 -3.04 29.67 21.51
CA SER C 201 -2.41 28.51 20.88
C SER C 201 -2.39 27.28 21.79
N ILE C 202 -2.01 27.48 23.05
CA ILE C 202 -1.98 26.39 24.03
C ILE C 202 -3.38 25.79 24.27
N LEU C 203 -4.37 26.67 24.45
CA LEU C 203 -5.76 26.21 24.63
C LEU C 203 -6.25 25.48 23.39
N GLY C 204 -5.87 25.99 22.22
CA GLY C 204 -6.17 25.35 20.96
C GLY C 204 -5.57 23.97 20.93
N ALA C 205 -4.30 23.85 21.31
CA ALA C 205 -3.57 22.59 21.32
C ALA C 205 -4.16 21.56 22.29
N ILE C 206 -4.50 22.01 23.51
CA ILE C 206 -5.13 21.12 24.50
C ILE C 206 -6.43 20.55 23.94
N ASN C 207 -7.24 21.41 23.33
CA ASN C 207 -8.44 20.95 22.63
C ASN C 207 -8.16 19.95 21.50
N MET C 208 -7.19 20.26 20.63
CA MET C 208 -6.87 19.35 19.50
C MET C 208 -6.46 17.98 20.00
N ILE C 209 -5.59 17.96 21.02
CA ILE C 209 -5.03 16.72 21.54
C ILE C 209 -6.10 15.87 22.23
N THR C 210 -6.88 16.50 23.12
CA THR C 210 -7.93 15.78 23.88
C THR C 210 -8.96 15.22 22.91
N THR C 211 -9.41 16.02 21.96
CA THR C 211 -10.36 15.59 20.93
C THR C 211 -9.82 14.41 20.11
N PHE C 212 -8.58 14.54 19.62
CA PHE C 212 -7.96 13.52 18.79
C PHE C 212 -7.82 12.18 19.51
N LEU C 213 -7.39 12.22 20.77
CA LEU C 213 -7.14 11.01 21.53
C LEU C 213 -8.43 10.30 21.97
N ASN C 214 -9.49 11.08 22.24
CA ASN C 214 -10.65 10.56 22.98
C ASN C 214 -12.01 10.53 22.26
N MET C 215 -12.12 11.24 21.13
CA MET C 215 -13.40 11.45 20.49
C MET C 215 -13.45 11.00 19.01
N ARG C 216 -12.53 10.14 18.60
CA ARG C 216 -12.57 9.56 17.25
C ARG C 216 -13.81 8.67 17.11
N ALA C 217 -14.47 8.71 15.96
CA ALA C 217 -15.58 7.82 15.63
C ALA C 217 -15.17 6.35 15.79
N PRO C 218 -16.15 5.44 16.05
CA PRO C 218 -15.82 4.02 16.12
C PRO C 218 -15.26 3.56 14.78
N GLY C 219 -14.19 2.79 14.81
CA GLY C 219 -13.50 2.39 13.58
C GLY C 219 -12.49 3.41 13.05
N MET C 220 -12.46 4.61 13.63
CA MET C 220 -11.42 5.61 13.28
C MET C 220 -10.20 5.37 14.18
N THR C 221 -9.45 4.32 13.88
CA THR C 221 -8.18 4.05 14.56
C THR C 221 -7.11 4.99 14.00
N MET C 222 -5.96 5.02 14.66
CA MET C 222 -4.81 5.86 14.30
C MET C 222 -4.35 5.63 12.86
N HIS C 223 -4.37 4.37 12.45
CA HIS C 223 -4.00 3.99 11.08
C HIS C 223 -5.00 4.49 10.02
N LYS C 224 -6.14 5.02 10.47
CA LYS C 224 -7.22 5.50 9.57
C LYS C 224 -7.37 7.03 9.57
N VAL C 225 -6.70 7.69 10.51
CA VAL C 225 -6.81 9.13 10.63
C VAL C 225 -6.26 9.85 9.39
N PRO C 226 -7.08 10.68 8.74
CA PRO C 226 -6.58 11.45 7.58
C PRO C 226 -5.31 12.28 7.92
N LEU C 227 -4.46 12.50 6.93
CA LEU C 227 -3.18 13.21 7.13
C LEU C 227 -3.34 14.65 7.64
N PHE C 228 -4.38 15.37 7.21
CA PHE C 228 -4.60 16.69 7.81
C PHE C 228 -4.79 16.64 9.33
N ALA C 229 -5.58 15.67 9.81
CA ALA C 229 -5.84 15.52 11.25
C ALA C 229 -4.56 15.15 12.01
N TRP C 230 -3.77 14.25 11.43
CA TRP C 230 -2.43 13.97 11.97
C TRP C 230 -1.58 15.24 12.04
N SER C 231 -1.66 16.08 11.01
CA SER C 231 -0.79 17.27 10.96
C SER C 231 -1.14 18.25 12.09
N ILE C 232 -2.43 18.38 12.40
CA ILE C 232 -2.95 19.21 13.48
C ILE C 232 -2.55 18.64 14.85
N PHE C 233 -2.65 17.33 15.01
CA PHE C 233 -2.31 16.63 16.23
C PHE C 233 -0.82 16.80 16.58
N VAL C 234 0.05 16.54 15.61
CA VAL C 234 1.49 16.77 15.82
C VAL C 234 1.79 18.24 16.14
N THR C 235 1.25 19.16 15.33
CA THR C 235 1.40 20.61 15.55
C THR C 235 0.99 20.98 16.98
N ALA C 236 -0.10 20.37 17.46
CA ALA C 236 -0.58 20.63 18.82
C ALA C 236 0.47 20.32 19.89
N TRP C 237 1.15 19.18 19.75
CA TRP C 237 2.21 18.80 20.68
C TRP C 237 3.41 19.75 20.64
N LEU C 238 3.78 20.21 19.45
CA LEU C 238 4.89 21.17 19.33
C LEU C 238 4.51 22.44 20.08
N ILE C 239 3.25 22.87 19.95
CA ILE C 239 2.75 24.07 20.64
C ILE C 239 2.89 23.97 22.17
N LEU C 240 2.54 22.80 22.71
CA LEU C 240 2.62 22.54 24.15
C LEU C 240 4.01 22.62 24.73
N LEU C 241 5.02 22.25 23.93
CA LEU C 241 6.41 22.35 24.37
C LEU C 241 7.03 23.72 24.10
N ALA C 242 6.73 24.31 22.93
CA ALA C 242 7.41 25.54 22.50
C ALA C 242 6.86 26.84 23.11
N LEU C 243 5.54 26.99 23.14
CA LEU C 243 4.93 28.24 23.61
C LEU C 243 5.17 28.57 25.09
N PRO C 244 5.09 27.58 26.00
CA PRO C 244 5.47 27.87 27.39
C PRO C 244 6.91 28.38 27.52
N VAL C 245 7.82 27.87 26.69
CA VAL C 245 9.21 28.33 26.71
C VAL C 245 9.26 29.79 26.23
N LEU C 246 8.56 30.11 25.15
CA LEU C 246 8.46 31.50 24.74
C LEU C 246 7.91 32.39 25.85
N ALA C 247 6.84 31.94 26.51
CA ALA C 247 6.28 32.68 27.66
C ALA C 247 7.35 33.00 28.70
N GLY C 248 8.21 32.04 29.01
CA GLY C 248 9.36 32.26 29.91
C GLY C 248 10.29 33.36 29.40
N ALA C 249 10.71 33.26 28.13
CA ALA C 249 11.64 34.21 27.55
C ALA C 249 11.14 35.66 27.63
N ILE C 250 9.91 35.89 27.18
CA ILE C 250 9.40 37.25 27.06
C ILE C 250 9.01 37.80 28.43
N THR C 251 8.74 36.92 29.39
CA THR C 251 8.50 37.33 30.78
C THR C 251 9.80 37.83 31.37
N MET C 252 10.90 37.15 31.04
CA MET C 252 12.24 37.60 31.45
C MET C 252 12.60 38.98 30.86
N LEU C 253 12.13 39.25 29.64
CA LEU C 253 12.27 40.57 29.04
C LEU C 253 11.51 41.60 29.84
N LEU C 254 10.26 41.24 30.16
CA LEU C 254 9.35 42.11 30.87
C LEU C 254 9.87 42.45 32.27
N THR C 255 10.45 41.48 32.97
CA THR C 255 11.02 41.75 34.30
C THR C 255 12.33 42.58 34.24
N ASP C 256 13.19 42.31 33.25
CA ASP C 256 14.37 43.16 33.02
C ASP C 256 13.93 44.60 32.70
N ARG C 257 12.83 44.74 31.97
CA ARG C 257 12.34 46.07 31.61
C ARG C 257 11.69 46.80 32.81
N ASN C 258 10.93 46.08 33.62
CA ASN C 258 10.01 46.74 34.56
C ASN C 258 10.26 46.44 36.02
N PHE C 259 10.85 45.30 36.34
CA PHE C 259 10.90 44.82 37.72
C PHE C 259 12.31 44.57 38.27
N GLY C 260 13.31 45.18 37.65
CA GLY C 260 14.67 45.19 38.17
C GLY C 260 15.50 43.92 38.10
N THR C 261 15.02 42.91 37.37
CA THR C 261 15.84 41.73 37.11
C THR C 261 16.91 42.09 36.08
N THR C 262 17.97 41.30 36.02
CA THR C 262 19.08 41.56 35.10
C THR C 262 19.45 40.28 34.32
N PHE C 263 18.44 39.53 33.88
CA PHE C 263 18.69 38.26 33.18
C PHE C 263 19.61 38.39 31.95
N PHE C 264 19.44 39.48 31.21
CA PHE C 264 20.14 39.67 29.94
C PHE C 264 21.01 40.93 29.93
N GLN C 265 21.29 41.46 31.12
CA GLN C 265 22.06 42.70 31.28
C GLN C 265 23.40 42.36 31.92
N PRO C 266 24.51 42.55 31.17
CA PRO C 266 25.83 42.12 31.64
C PRO C 266 26.30 42.88 32.89
N SER C 267 25.82 44.12 33.05
CA SER C 267 26.17 44.94 34.21
C SER C 267 25.68 44.33 35.53
N GLY C 268 24.74 43.39 35.42
CA GLY C 268 24.21 42.68 36.59
C GLY C 268 24.48 41.18 36.53
N GLY C 269 25.44 40.78 35.69
CA GLY C 269 25.82 39.38 35.59
C GLY C 269 25.05 38.57 34.55
N GLY C 270 24.20 39.24 33.78
CA GLY C 270 23.36 38.58 32.78
C GLY C 270 24.07 38.37 31.46
N ASP C 271 23.40 37.67 30.54
CA ASP C 271 23.94 37.34 29.23
C ASP C 271 22.83 37.48 28.18
N PRO C 272 22.96 38.47 27.27
CA PRO C 272 21.98 38.65 26.20
C PRO C 272 21.77 37.39 25.34
N VAL C 273 22.81 36.55 25.24
CA VAL C 273 22.76 35.32 24.44
C VAL C 273 21.92 34.19 25.08
N LEU C 274 21.74 34.24 26.39
CA LEU C 274 20.80 33.32 27.05
C LEU C 274 19.40 33.45 26.48
N TYR C 275 18.97 34.69 26.26
CA TYR C 275 17.65 34.94 25.73
C TYR C 275 17.50 34.27 24.35
N GLN C 276 18.55 34.37 23.54
CA GLN C 276 18.52 33.83 22.19
C GLN C 276 18.28 32.33 22.19
N HIS C 277 18.92 31.61 23.11
CA HIS C 277 18.74 30.17 23.23
C HIS C 277 17.29 29.80 23.57
N ILE C 278 16.71 30.49 24.56
CA ILE C 278 15.36 30.26 25.03
C ILE C 278 14.35 30.67 23.93
N LEU C 279 14.53 31.88 23.38
CA LEU C 279 13.71 32.34 22.28
C LEU C 279 13.70 31.35 21.09
N TRP C 280 14.88 30.94 20.62
CA TRP C 280 14.95 30.09 19.43
C TRP C 280 14.52 28.64 19.70
N PHE C 281 14.59 28.24 20.98
CA PHE C 281 14.03 26.95 21.38
C PHE C 281 12.52 26.91 21.06
N PHE C 282 11.87 28.08 21.14
CA PHE C 282 10.50 28.25 20.64
C PHE C 282 10.52 28.56 19.15
N GLY C 283 11.50 29.34 18.71
CA GLY C 283 11.46 30.01 17.43
C GLY C 283 11.64 29.07 16.27
N HIS C 284 12.42 28.00 16.49
CA HIS C 284 12.39 27.00 15.45
C HIS C 284 11.09 26.16 15.36
N PRO C 285 10.70 25.49 16.44
CA PRO C 285 9.38 24.82 16.43
C PRO C 285 8.25 25.66 15.80
N GLU C 286 8.25 26.96 16.06
CA GLU C 286 7.29 27.89 15.47
C GLU C 286 7.08 27.69 13.97
N VAL C 287 8.16 27.51 13.21
CA VAL C 287 8.02 27.43 11.76
C VAL C 287 7.45 26.10 11.33
N TYR C 288 7.71 25.05 12.11
CA TYR C 288 7.11 23.74 11.88
C TYR C 288 5.64 23.71 12.32
N ILE C 289 5.29 24.50 13.33
CA ILE C 289 3.89 24.71 13.71
C ILE C 289 3.14 25.41 12.57
N ILE C 290 3.80 26.33 11.90
CA ILE C 290 3.21 26.98 10.75
C ILE C 290 3.02 26.00 9.60
N VAL C 291 4.05 25.23 9.27
CA VAL C 291 4.02 24.55 7.99
C VAL C 291 3.33 23.18 8.01
N LEU C 292 3.35 22.48 9.15
CA LEU C 292 2.73 21.13 9.21
C LEU C 292 1.26 21.07 8.75
N PRO C 293 0.38 21.96 9.26
CA PRO C 293 -1.00 21.97 8.74
C PRO C 293 -1.10 22.17 7.23
N ALA C 294 -0.19 22.95 6.65
CA ALA C 294 -0.15 23.15 5.21
C ALA C 294 0.21 21.85 4.48
N PHE C 295 1.17 21.09 5.02
CA PHE C 295 1.50 19.75 4.51
C PHE C 295 0.22 18.87 4.53
N GLY C 296 -0.50 18.89 5.65
CA GLY C 296 -1.76 18.15 5.76
C GLY C 296 -2.72 18.48 4.63
N ILE C 297 -2.92 19.77 4.38
CA ILE C 297 -3.86 20.22 3.36
C ILE C 297 -3.39 19.78 1.99
N VAL C 298 -2.07 19.91 1.73
CA VAL C 298 -1.49 19.52 0.45
C VAL C 298 -1.79 18.04 0.15
N SER C 299 -1.64 17.19 1.16
CA SER C 299 -1.95 15.76 1.02
C SER C 299 -3.39 15.50 0.57
N HIS C 300 -4.35 16.18 1.19
CA HIS C 300 -5.75 16.05 0.86
C HIS C 300 -6.06 16.56 -0.55
N VAL C 301 -5.50 17.72 -0.89
CA VAL C 301 -5.77 18.34 -2.19
C VAL C 301 -5.20 17.53 -3.35
N ILE C 302 -3.97 17.04 -3.20
CA ILE C 302 -3.32 16.29 -4.28
C ILE C 302 -3.99 14.93 -4.57
N ALA C 303 -4.42 14.21 -3.51
CA ALA C 303 -5.13 12.95 -3.69
C ALA C 303 -6.46 13.16 -4.40
N THR C 304 -7.15 14.25 -4.08
CA THR C 304 -8.42 14.58 -4.74
C THR C 304 -8.22 14.83 -6.24
N PHE C 305 -7.30 15.73 -6.59
CA PHE C 305 -7.16 16.16 -7.98
C PHE C 305 -6.24 15.30 -8.83
N ALA C 306 -5.47 14.43 -8.19
CA ALA C 306 -4.79 13.36 -8.91
C ALA C 306 -5.72 12.17 -9.07
N LYS C 307 -6.84 12.21 -8.34
CA LYS C 307 -7.85 11.15 -8.31
C LYS C 307 -7.22 9.81 -7.94
N LYS C 308 -6.41 9.83 -6.87
CA LYS C 308 -5.54 8.74 -6.53
C LYS C 308 -5.21 8.85 -5.05
N PRO C 309 -5.26 7.72 -4.30
CA PRO C 309 -4.99 7.88 -2.87
C PRO C 309 -3.52 8.20 -2.59
N ILE C 310 -3.27 8.80 -1.44
CA ILE C 310 -1.95 9.28 -1.07
C ILE C 310 -0.95 8.13 -1.05
N PHE C 311 0.17 8.30 -1.75
CA PHE C 311 1.26 7.33 -1.75
C PHE C 311 1.94 7.35 -0.38
N GLY C 312 2.23 6.18 0.16
CA GLY C 312 3.03 6.06 1.38
C GLY C 312 2.46 6.75 2.60
N TYR C 313 1.17 6.55 2.84
CA TYR C 313 0.46 7.14 3.98
C TYR C 313 1.24 7.09 5.28
N LEU C 314 1.68 5.89 5.66
CA LEU C 314 2.30 5.70 6.97
C LEU C 314 3.65 6.41 7.11
N PRO C 315 4.56 6.26 6.12
CA PRO C 315 5.77 7.11 6.10
C PRO C 315 5.50 8.62 6.03
N MET C 316 4.34 9.04 5.50
CA MET C 316 3.90 10.45 5.61
C MET C 316 3.66 10.85 7.07
N VAL C 317 3.06 9.95 7.84
CA VAL C 317 2.82 10.19 9.26
C VAL C 317 4.15 10.24 10.03
N TYR C 318 5.02 9.25 9.80
CA TYR C 318 6.32 9.24 10.47
C TYR C 318 7.16 10.47 10.14
N ALA C 319 7.08 10.90 8.89
CA ALA C 319 7.82 12.09 8.44
C ALA C 319 7.40 13.34 9.22
N MET C 320 6.09 13.52 9.40
CA MET C 320 5.60 14.65 10.19
C MET C 320 6.02 14.57 11.65
N VAL C 321 5.95 13.39 12.24
CA VAL C 321 6.41 13.20 13.62
C VAL C 321 7.94 13.47 13.71
N ALA C 322 8.70 12.92 12.78
CA ALA C 322 10.15 13.14 12.72
C ALA C 322 10.50 14.63 12.59
N ILE C 323 9.84 15.32 11.66
CA ILE C 323 10.04 16.76 11.47
C ILE C 323 9.75 17.54 12.77
N GLY C 324 8.66 17.18 13.43
CA GLY C 324 8.27 17.83 14.67
C GLY C 324 9.27 17.65 15.80
N VAL C 325 9.76 16.42 15.96
CA VAL C 325 10.75 16.10 17.01
C VAL C 325 12.12 16.75 16.70
N LEU C 326 12.63 16.56 15.48
CA LEU C 326 13.88 17.19 15.05
C LEU C 326 13.83 18.70 15.15
N GLY C 327 12.64 19.26 14.94
CA GLY C 327 12.43 20.69 15.07
C GLY C 327 12.73 21.26 16.45
N PHE C 328 12.95 20.37 17.44
CA PHE C 328 13.34 20.80 18.80
C PHE C 328 14.83 20.72 19.15
N VAL C 329 15.65 20.19 18.25
CA VAL C 329 17.06 19.94 18.55
C VAL C 329 18.01 20.71 17.62
N VAL C 330 17.50 21.78 16.99
CA VAL C 330 18.21 22.47 15.92
C VAL C 330 18.31 23.98 16.10
N TRP C 331 17.81 24.51 17.22
CA TRP C 331 17.52 25.96 17.35
C TRP C 331 18.70 26.91 17.11
N ALA C 332 19.92 26.47 17.45
CA ALA C 332 21.10 27.34 17.39
C ALA C 332 21.63 27.60 15.98
N HIS C 333 20.99 27.03 14.95
CA HIS C 333 21.30 27.48 13.59
C HIS C 333 20.85 28.90 13.38
N HIS C 334 20.11 29.44 14.35
CA HIS C 334 19.73 30.85 14.33
C HIS C 334 20.79 31.70 15.02
N MET C 335 21.85 31.04 15.50
CA MET C 335 22.83 31.66 16.41
C MET C 335 24.30 31.38 16.03
N TYR C 336 24.54 31.06 14.77
CA TYR C 336 25.87 30.70 14.28
C TYR C 336 26.89 31.84 14.42
N THR C 337 26.44 33.08 14.35
CA THR C 337 27.34 34.22 14.48
C THR C 337 27.24 34.89 15.84
N ALA C 338 26.53 34.26 16.77
CA ALA C 338 26.29 34.87 18.08
C ALA C 338 27.30 34.45 19.12
N GLY C 339 28.32 33.70 18.73
CA GLY C 339 29.39 33.33 19.64
C GLY C 339 29.37 31.88 20.10
N LEU C 340 28.62 31.05 19.38
CA LEU C 340 28.62 29.61 19.64
C LEU C 340 29.99 29.04 19.39
N SER C 341 30.35 28.02 20.18
CA SER C 341 31.60 27.30 19.99
C SER C 341 31.57 26.48 18.69
N LEU C 342 32.74 26.06 18.26
CA LEU C 342 32.88 25.27 17.05
C LEU C 342 32.15 23.93 17.14
N THR C 343 32.17 23.31 18.32
CA THR C 343 31.48 22.04 18.51
C THR C 343 29.95 22.24 18.45
N GLN C 344 29.48 23.33 19.05
CA GLN C 344 28.07 23.67 19.03
C GLN C 344 27.59 23.94 17.59
N GLN C 345 28.34 24.77 16.86
CA GLN C 345 28.06 25.05 15.44
C GLN C 345 28.03 23.78 14.58
N SER C 346 28.97 22.88 14.82
CA SER C 346 29.02 21.60 14.10
C SER C 346 27.81 20.71 14.42
N TYR C 347 27.45 20.58 15.69
CA TYR C 347 26.32 19.73 16.04
C TYR C 347 25.01 20.25 15.40
N PHE C 348 24.73 21.53 15.57
CA PHE C 348 23.48 22.10 15.07
C PHE C 348 23.39 22.10 13.55
N MET C 349 24.53 22.24 12.89
CA MET C 349 24.57 22.13 11.44
C MET C 349 24.12 20.73 11.00
N MET C 350 24.71 19.71 11.59
CA MET C 350 24.41 18.34 11.20
C MET C 350 22.98 17.93 11.55
N ALA C 351 22.52 18.34 12.73
CA ALA C 351 21.15 18.05 13.15
C ALA C 351 20.11 18.69 12.21
N THR C 352 20.32 19.96 11.85
CA THR C 352 19.46 20.67 10.87
C THR C 352 19.38 19.99 9.50
N MET C 353 20.51 19.46 9.03
CA MET C 353 20.57 18.79 7.74
C MET C 353 19.67 17.54 7.70
N VAL C 354 19.57 16.84 8.82
CA VAL C 354 18.70 15.64 8.93
C VAL C 354 17.24 15.95 8.55
N ILE C 355 16.79 17.17 8.79
CA ILE C 355 15.39 17.56 8.50
C ILE C 355 15.01 17.40 7.03
N ALA C 356 15.99 17.54 6.14
CA ALA C 356 15.78 17.33 4.69
C ALA C 356 15.24 15.94 4.35
N VAL C 357 15.62 14.93 5.13
CA VAL C 357 15.26 13.54 4.83
C VAL C 357 13.75 13.27 4.94
N PRO C 358 13.14 13.46 6.15
CA PRO C 358 11.66 13.30 6.19
C PRO C 358 10.90 14.28 5.27
N THR C 359 11.39 15.52 5.14
CA THR C 359 10.73 16.49 4.26
C THR C 359 10.73 16.02 2.79
N GLY C 360 11.88 15.52 2.33
CA GLY C 360 11.99 14.97 0.98
C GLY C 360 11.07 13.78 0.72
N ILE C 361 10.91 12.91 1.72
CA ILE C 361 9.95 11.82 1.64
C ILE C 361 8.54 12.31 1.34
N LYS C 362 8.12 13.41 1.99
CA LYS C 362 6.82 13.99 1.72
C LYS C 362 6.74 14.57 0.31
N ILE C 363 7.76 15.33 -0.09
CA ILE C 363 7.80 15.90 -1.46
C ILE C 363 7.72 14.78 -2.51
N PHE C 364 8.53 13.75 -2.32
CA PHE C 364 8.55 12.62 -3.26
C PHE C 364 7.22 11.84 -3.29
N SER C 365 6.63 11.63 -2.11
CA SER C 365 5.32 10.99 -1.98
C SER C 365 4.20 11.78 -2.63
N TRP C 366 4.29 13.11 -2.60
CA TRP C 366 3.27 13.93 -3.26
C TRP C 366 3.37 13.77 -4.80
N ILE C 367 4.59 13.73 -5.31
CA ILE C 367 4.84 13.43 -6.73
C ILE C 367 4.40 12.00 -7.12
N ALA C 368 4.75 11.01 -6.31
CA ALA C 368 4.32 9.61 -6.55
C ALA C 368 2.81 9.43 -6.52
N THR C 369 2.12 10.23 -5.70
CA THR C 369 0.65 10.28 -5.68
C THR C 369 0.06 10.72 -7.04
N MET C 370 0.64 11.76 -7.62
CA MET C 370 0.22 12.25 -8.93
C MET C 370 0.55 11.24 -10.02
N TRP C 371 1.64 10.50 -9.83
CA TRP C 371 2.15 9.59 -10.84
C TRP C 371 1.16 8.46 -11.08
N GLY C 372 0.74 8.29 -12.33
CA GLY C 372 -0.26 7.29 -12.69
C GLY C 372 -1.67 7.78 -12.41
N GLY C 373 -1.81 9.04 -12.00
CA GLY C 373 -3.12 9.58 -11.66
C GLY C 373 -3.88 10.04 -12.89
N SER C 374 -4.98 10.74 -12.66
CA SER C 374 -5.76 11.32 -13.73
C SER C 374 -5.96 12.76 -13.29
N ILE C 375 -5.03 13.62 -13.69
CA ILE C 375 -4.84 14.91 -13.02
C ILE C 375 -5.75 16.02 -13.55
N GLU C 376 -6.47 16.61 -12.60
CA GLU C 376 -7.35 17.73 -12.87
C GLU C 376 -6.77 19.03 -12.29
N LEU C 377 -6.49 19.98 -13.17
CA LEU C 377 -5.81 21.23 -12.77
C LEU C 377 -6.74 22.33 -12.32
N LYS C 378 -7.68 22.01 -11.43
CA LYS C 378 -8.51 23.05 -10.82
C LYS C 378 -7.66 23.91 -9.88
N THR C 379 -8.19 25.08 -9.52
CA THR C 379 -7.48 26.03 -8.67
C THR C 379 -6.77 25.42 -7.43
N PRO C 380 -7.51 24.63 -6.59
CA PRO C 380 -6.79 24.06 -5.44
C PRO C 380 -5.54 23.28 -5.81
N MET C 381 -5.57 22.61 -6.95
CA MET C 381 -4.46 21.79 -7.39
C MET C 381 -3.27 22.67 -7.88
N LEU C 382 -3.60 23.81 -8.51
CA LEU C 382 -2.58 24.79 -8.89
C LEU C 382 -1.80 25.24 -7.65
N TRP C 383 -2.52 25.65 -6.61
CA TRP C 383 -1.87 26.07 -5.36
C TRP C 383 -0.97 24.97 -4.80
N ALA C 384 -1.48 23.72 -4.75
CA ALA C 384 -0.70 22.59 -4.24
C ALA C 384 0.53 22.27 -5.08
N LEU C 385 0.41 22.36 -6.40
CA LEU C 385 1.56 22.13 -7.27
C LEU C 385 2.56 23.28 -7.13
N GLY C 386 2.04 24.50 -6.98
CA GLY C 386 2.87 25.67 -6.65
C GLY C 386 3.64 25.41 -5.37
N PHE C 387 2.93 24.99 -4.32
CA PHE C 387 3.57 24.59 -3.06
C PHE C 387 4.74 23.64 -3.27
N LEU C 388 4.55 22.53 -3.99
CA LEU C 388 5.63 21.54 -4.18
C LEU C 388 6.91 22.16 -4.74
N PHE C 389 6.75 23.01 -5.75
CA PHE C 389 7.91 23.60 -6.42
C PHE C 389 8.56 24.68 -5.54
N LEU C 390 7.75 25.57 -4.99
CA LEU C 390 8.21 26.73 -4.25
C LEU C 390 8.69 26.41 -2.82
N PHE C 391 8.00 25.50 -2.14
CA PHE C 391 8.50 25.00 -0.86
C PHE C 391 9.87 24.34 -1.02
N THR C 392 10.07 23.59 -2.09
CA THR C 392 11.36 22.96 -2.39
C THR C 392 12.47 24.02 -2.58
N VAL C 393 12.18 25.08 -3.32
CA VAL C 393 13.10 26.22 -3.46
C VAL C 393 13.48 26.80 -2.09
N GLY C 394 12.47 27.10 -1.25
CA GLY C 394 12.71 27.59 0.10
C GLY C 394 13.44 26.60 1.00
N GLY C 395 13.07 25.32 0.90
CA GLY C 395 13.72 24.32 1.74
C GLY C 395 15.19 24.14 1.47
N VAL C 396 15.57 24.12 0.19
CA VAL C 396 16.97 23.92 -0.16
C VAL C 396 17.85 25.13 0.20
N THR C 397 17.30 26.34 0.17
CA THR C 397 18.07 27.49 0.69
C THR C 397 18.19 27.41 2.21
N GLY C 398 17.21 26.78 2.86
CA GLY C 398 17.31 26.48 4.30
C GLY C 398 18.51 25.59 4.56
N ILE C 399 18.70 24.59 3.69
CA ILE C 399 19.83 23.70 3.78
C ILE C 399 21.16 24.45 3.59
N VAL C 400 21.22 25.38 2.63
CA VAL C 400 22.40 26.24 2.47
C VAL C 400 22.69 26.98 3.78
N LEU C 401 21.66 27.56 4.39
CA LEU C 401 21.82 28.33 5.60
C LEU C 401 22.26 27.48 6.81
N SER C 402 21.92 26.18 6.80
CA SER C 402 22.33 25.26 7.86
C SER C 402 23.85 25.05 7.91
N GLN C 403 24.49 25.27 6.77
CA GLN C 403 25.95 25.25 6.66
C GLN C 403 26.51 26.51 7.30
N ALA C 404 26.96 26.39 8.55
CA ALA C 404 27.46 27.51 9.34
C ALA C 404 28.56 28.30 8.61
N SER C 405 29.38 27.62 7.82
CA SER C 405 30.48 28.32 7.15
C SER C 405 29.95 29.26 6.07
N VAL C 406 28.84 28.89 5.45
CA VAL C 406 28.23 29.73 4.43
C VAL C 406 27.28 30.74 5.07
N ASP C 407 26.56 30.31 6.11
CA ASP C 407 25.76 31.23 6.91
C ASP C 407 26.56 32.41 7.47
N ARG C 408 27.87 32.23 7.65
CA ARG C 408 28.72 33.36 8.09
C ARG C 408 28.51 34.58 7.20
N TYR C 409 28.40 34.36 5.90
CA TYR C 409 28.14 35.40 4.92
C TYR C 409 26.66 35.81 4.85
N TYR C 410 25.76 34.82 4.82
CA TYR C 410 24.32 35.07 4.59
C TYR C 410 23.53 35.52 5.79
N HIS C 411 24.02 35.21 6.99
CA HIS C 411 23.29 35.57 8.19
C HIS C 411 23.01 37.05 8.22
N ASP C 412 21.76 37.39 8.54
CA ASP C 412 21.31 38.77 8.66
C ASP C 412 21.44 39.52 7.32
N THR C 413 21.34 38.76 6.22
CA THR C 413 21.16 39.34 4.88
C THR C 413 19.79 38.98 4.27
N TYR C 414 19.49 39.59 3.12
CA TYR C 414 18.30 39.27 2.36
C TYR C 414 18.27 37.85 1.78
N TYR C 415 19.39 37.14 1.80
CA TYR C 415 19.33 35.73 1.44
C TYR C 415 18.44 34.95 2.41
N VAL C 416 18.52 35.29 3.69
CA VAL C 416 17.68 34.63 4.72
C VAL C 416 16.22 35.01 4.49
N VAL C 417 15.98 36.30 4.23
CA VAL C 417 14.65 36.82 3.87
C VAL C 417 14.02 36.08 2.67
N ALA C 418 14.82 35.82 1.64
CA ALA C 418 14.38 35.05 0.47
C ALA C 418 14.03 33.63 0.88
N HIS C 419 14.89 32.98 1.68
CA HIS C 419 14.58 31.65 2.22
C HIS C 419 13.23 31.60 2.91
N PHE C 420 13.03 32.46 3.93
CA PHE C 420 11.86 32.26 4.74
C PHE C 420 10.54 32.72 4.11
N HIS C 421 10.60 33.64 3.16
CA HIS C 421 9.42 33.96 2.37
C HIS C 421 9.09 32.89 1.35
N TYR C 422 10.09 32.19 0.80
CA TYR C 422 9.75 31.06 -0.04
C TYR C 422 8.98 29.99 0.74
N VAL C 423 9.52 29.53 1.88
CA VAL C 423 8.80 28.51 2.67
C VAL C 423 7.47 28.99 3.30
N MET C 424 7.36 30.30 3.60
CA MET C 424 6.14 30.85 4.26
C MET C 424 5.16 31.54 3.29
N SER C 425 5.64 32.49 2.49
CA SER C 425 4.74 33.22 1.63
C SER C 425 4.48 32.51 0.31
N LEU C 426 5.34 31.55 -0.05
CA LEU C 426 5.18 30.76 -1.26
C LEU C 426 5.03 29.26 -0.92
N GLY C 427 4.94 28.96 0.36
CA GLY C 427 4.79 27.59 0.83
C GLY C 427 3.54 27.55 1.67
N ALA C 428 3.67 27.88 2.96
CA ALA C 428 2.55 27.84 3.87
C ALA C 428 1.31 28.60 3.37
N VAL C 429 1.52 29.79 2.80
CA VAL C 429 0.43 30.61 2.28
C VAL C 429 -0.24 29.97 1.05
N PHE C 430 0.55 29.29 0.23
CA PHE C 430 -0.03 28.52 -0.87
C PHE C 430 -0.89 27.39 -0.32
N GLY C 431 -0.46 26.81 0.81
CA GLY C 431 -1.28 25.84 1.58
C GLY C 431 -2.60 26.43 2.06
N ILE C 432 -2.56 27.67 2.55
CA ILE C 432 -3.77 28.39 2.96
C ILE C 432 -4.77 28.60 1.80
N PHE C 433 -4.28 29.10 0.67
CA PHE C 433 -5.14 29.31 -0.49
C PHE C 433 -5.66 27.99 -1.09
N ALA C 434 -4.80 26.96 -1.11
CA ALA C 434 -5.23 25.63 -1.54
C ALA C 434 -6.45 25.16 -0.74
N GLY C 435 -6.41 25.35 0.58
CA GLY C 435 -7.50 24.98 1.47
C GLY C 435 -8.72 25.84 1.29
N ILE C 436 -8.54 27.14 1.11
CA ILE C 436 -9.67 28.04 0.90
C ILE C 436 -10.47 27.62 -0.35
N TYR C 437 -9.78 27.43 -1.47
CA TYR C 437 -10.44 27.01 -2.69
C TYR C 437 -11.03 25.59 -2.63
N PHE C 438 -10.31 24.68 -1.98
CA PHE C 438 -10.74 23.29 -1.77
C PHE C 438 -12.03 23.20 -0.96
N TRP C 439 -12.12 24.02 0.08
CA TRP C 439 -13.14 23.90 1.10
C TRP C 439 -14.20 25.01 1.17
N ILE C 440 -14.03 26.09 0.41
CA ILE C 440 -15.01 27.20 0.51
C ILE C 440 -16.46 26.74 0.23
N GLY C 441 -16.66 25.91 -0.80
CA GLY C 441 -17.97 25.31 -1.05
C GLY C 441 -18.52 24.55 0.14
N LYS C 442 -17.68 23.71 0.76
CA LYS C 442 -18.06 22.92 1.93
C LYS C 442 -18.42 23.77 3.14
N MET C 443 -17.66 24.83 3.37
CA MET C 443 -17.87 25.67 4.55
C MET C 443 -19.04 26.66 4.40
N SER C 444 -19.27 27.12 3.17
CA SER C 444 -20.21 28.23 2.94
C SER C 444 -21.48 27.87 2.17
N GLY C 445 -21.48 26.73 1.48
CA GLY C 445 -22.59 26.41 0.58
C GLY C 445 -22.54 27.19 -0.73
N ARG C 446 -21.43 27.91 -0.95
CA ARG C 446 -21.25 28.66 -2.19
C ARG C 446 -19.92 28.36 -2.87
N GLN C 447 -19.94 28.29 -4.21
CA GLN C 447 -18.77 27.93 -4.97
C GLN C 447 -18.07 29.14 -5.59
N TYR C 448 -16.73 29.11 -5.63
CA TYR C 448 -15.92 30.20 -6.22
C TYR C 448 -15.94 30.10 -7.76
N PRO C 449 -15.74 31.23 -8.46
CA PRO C 449 -15.60 31.19 -9.93
C PRO C 449 -14.24 30.62 -10.38
N GLU C 450 -14.29 29.53 -11.15
CA GLU C 450 -13.05 28.83 -11.50
C GLU C 450 -12.00 29.72 -12.17
N TRP C 451 -12.42 30.56 -13.13
CA TRP C 451 -11.48 31.42 -13.86
C TRP C 451 -10.75 32.41 -12.93
N ALA C 452 -11.45 32.87 -11.90
CA ALA C 452 -10.95 33.87 -10.97
C ALA C 452 -9.90 33.25 -10.03
N GLY C 453 -10.20 32.04 -9.57
CA GLY C 453 -9.26 31.24 -8.81
C GLY C 453 -7.97 31.08 -9.58
N LYS C 454 -8.09 30.83 -10.89
CA LYS C 454 -6.91 30.56 -11.71
C LYS C 454 -6.11 31.83 -11.95
N LEU C 455 -6.81 32.94 -12.20
CA LEU C 455 -6.18 34.25 -12.33
C LEU C 455 -5.43 34.66 -11.07
N HIS C 456 -6.11 34.59 -9.92
CA HIS C 456 -5.48 34.82 -8.63
C HIS C 456 -4.18 34.01 -8.48
N PHE C 457 -4.25 32.70 -8.75
CA PHE C 457 -3.09 31.85 -8.65
C PHE C 457 -1.91 32.38 -9.48
N TRP C 458 -2.17 32.64 -10.77
CA TRP C 458 -1.08 32.99 -11.68
C TRP C 458 -0.49 34.37 -11.36
N MET C 459 -1.34 35.28 -10.88
CA MET C 459 -0.85 36.58 -10.45
C MET C 459 0.04 36.46 -9.22
N MET C 460 -0.39 35.64 -8.26
CA MET C 460 0.40 35.37 -7.05
C MET C 460 1.70 34.67 -7.40
N PHE C 461 1.62 33.65 -8.24
CA PHE C 461 2.80 32.92 -8.66
C PHE C 461 3.84 33.86 -9.29
N VAL C 462 3.39 34.73 -10.20
CA VAL C 462 4.30 35.64 -10.88
C VAL C 462 4.81 36.73 -9.92
N GLY C 463 3.87 37.39 -9.23
CA GLY C 463 4.20 38.45 -8.28
C GLY C 463 5.18 37.99 -7.21
N ALA C 464 4.86 36.89 -6.55
CA ALA C 464 5.64 36.45 -5.41
C ALA C 464 7.03 35.97 -5.78
N ASN C 465 7.19 35.33 -6.93
CA ASN C 465 8.51 34.98 -7.42
C ASN C 465 9.36 36.21 -7.78
N LEU C 466 8.76 37.19 -8.46
CA LEU C 466 9.41 38.48 -8.72
C LEU C 466 9.80 39.26 -7.46
N THR C 467 8.99 39.15 -6.40
CA THR C 467 9.28 39.78 -5.14
C THR C 467 10.50 39.13 -4.47
N PHE C 468 10.49 37.81 -4.33
CA PHE C 468 11.46 37.19 -3.43
C PHE C 468 12.69 36.59 -4.10
N PHE C 469 12.56 36.08 -5.32
CA PHE C 469 13.73 35.46 -5.93
C PHE C 469 14.94 36.42 -6.01
N PRO C 470 14.73 37.68 -6.46
CA PRO C 470 15.88 38.62 -6.53
C PRO C 470 16.49 38.96 -5.17
N GLN C 471 15.81 38.65 -4.07
CA GLN C 471 16.39 38.84 -2.73
C GLN C 471 17.52 37.87 -2.40
N HIS C 472 17.60 36.74 -3.09
CA HIS C 472 18.79 35.88 -3.04
C HIS C 472 20.01 36.65 -3.58
N PHE C 473 19.83 37.36 -4.70
CA PHE C 473 20.90 38.16 -5.31
C PHE C 473 21.36 39.27 -4.34
N LEU C 474 20.39 39.97 -3.76
CA LEU C 474 20.66 41.06 -2.83
C LEU C 474 21.46 40.55 -1.63
N GLY C 475 21.10 39.36 -1.13
CA GLY C 475 21.82 38.75 -0.02
C GLY C 475 23.22 38.32 -0.38
N ARG C 476 23.38 37.72 -1.56
CA ARG C 476 24.68 37.33 -2.08
C ARG C 476 25.60 38.55 -2.25
N GLN C 477 25.00 39.68 -2.62
CA GLN C 477 25.74 40.94 -2.70
C GLN C 477 25.96 41.63 -1.34
N GLY C 478 25.30 41.11 -0.31
CA GLY C 478 25.59 41.54 1.06
C GLY C 478 24.63 42.54 1.66
N MET C 479 23.44 42.66 1.10
CA MET C 479 22.43 43.56 1.64
C MET C 479 21.91 43.05 2.98
N PRO C 480 22.09 43.83 4.06
CA PRO C 480 21.62 43.41 5.37
C PRO C 480 20.11 43.46 5.54
N ARG C 481 19.61 42.67 6.50
CA ARG C 481 18.23 42.76 6.97
C ARG C 481 18.01 44.02 7.79
N ARG C 482 16.76 44.49 7.80
CA ARG C 482 16.25 45.51 8.75
C ARG C 482 16.77 46.94 8.49
N TYR C 483 17.01 47.23 7.21
CA TYR C 483 17.55 48.50 6.72
C TYR C 483 16.48 49.32 5.98
N ILE C 484 16.25 50.53 6.46
CA ILE C 484 15.45 51.55 5.77
C ILE C 484 16.04 51.96 4.41
N ASP C 485 17.36 51.93 4.28
CA ASP C 485 18.02 52.46 3.11
C ASP C 485 19.28 51.65 2.82
N TYR C 486 19.77 51.75 1.58
CA TYR C 486 20.81 50.84 1.10
C TYR C 486 21.71 51.47 0.03
N PRO C 487 22.99 51.04 -0.01
CA PRO C 487 23.92 51.42 -1.06
C PRO C 487 23.31 51.29 -2.44
N GLU C 488 23.61 52.26 -3.29
CA GLU C 488 22.98 52.43 -4.59
C GLU C 488 23.13 51.20 -5.49
N ALA C 489 24.19 50.41 -5.29
CA ALA C 489 24.41 49.21 -6.10
C ALA C 489 23.31 48.16 -5.97
N PHE C 490 22.50 48.24 -4.90
CA PHE C 490 21.43 47.27 -4.67
C PHE C 490 20.12 47.66 -5.36
N ALA C 491 20.13 48.77 -6.11
CA ALA C 491 18.90 49.35 -6.67
C ALA C 491 18.14 48.42 -7.62
N THR C 492 18.83 47.86 -8.60
CA THR C 492 18.19 47.04 -9.65
C THR C 492 17.29 45.92 -9.09
N TRP C 493 17.86 45.09 -8.23
CA TRP C 493 17.08 43.99 -7.67
C TRP C 493 16.06 44.39 -6.60
N ASN C 494 16.27 45.51 -5.90
CA ASN C 494 15.23 46.02 -5.00
C ASN C 494 14.05 46.60 -5.78
N PHE C 495 14.34 47.21 -6.92
CA PHE C 495 13.29 47.72 -7.81
C PHE C 495 12.40 46.57 -8.31
N VAL C 496 13.02 45.53 -8.85
CA VAL C 496 12.32 44.34 -9.31
C VAL C 496 11.47 43.71 -8.19
N SER C 497 12.07 43.55 -6.99
CA SER C 497 11.37 43.00 -5.83
C SER C 497 10.13 43.81 -5.45
N SER C 498 10.23 45.14 -5.50
CA SER C 498 9.10 46.02 -5.21
C SER C 498 7.97 45.91 -6.25
N LEU C 499 8.32 45.81 -7.53
CA LEU C 499 7.32 45.60 -8.59
C LEU C 499 6.54 44.30 -8.36
N GLY C 500 7.29 43.21 -8.11
CA GLY C 500 6.72 41.95 -7.68
C GLY C 500 5.75 42.14 -6.52
N ALA C 501 6.16 42.91 -5.52
CA ALA C 501 5.31 43.08 -4.34
C ALA C 501 4.00 43.78 -4.68
N PHE C 502 4.05 44.68 -5.66
CA PHE C 502 2.86 45.44 -6.02
C PHE C 502 1.84 44.57 -6.76
N LEU C 503 2.34 43.72 -7.67
CA LEU C 503 1.53 42.69 -8.35
C LEU C 503 0.94 41.68 -7.39
N SER C 504 1.76 41.20 -6.44
CA SER C 504 1.30 40.28 -5.40
C SER C 504 0.15 40.88 -4.62
N PHE C 505 0.28 42.17 -4.27
CA PHE C 505 -0.77 42.89 -3.53
C PHE C 505 -2.06 43.01 -4.36
N ALA C 506 -1.92 43.31 -5.65
CA ALA C 506 -3.05 43.35 -6.57
C ALA C 506 -3.75 41.99 -6.61
N SER C 507 -2.96 40.91 -6.63
CA SER C 507 -3.51 39.55 -6.59
C SER C 507 -4.29 39.27 -5.31
N PHE C 508 -3.88 39.87 -4.19
CA PHE C 508 -4.55 39.64 -2.92
C PHE C 508 -5.84 40.40 -2.82
N LEU C 509 -5.86 41.62 -3.33
CA LEU C 509 -7.09 42.42 -3.36
C LEU C 509 -8.12 41.73 -4.28
N PHE C 510 -7.65 41.30 -5.45
CA PHE C 510 -8.45 40.48 -6.36
C PHE C 510 -9.01 39.25 -5.62
N PHE C 511 -8.14 38.53 -4.91
CA PHE C 511 -8.56 37.40 -4.06
C PHE C 511 -9.68 37.77 -3.09
N LEU C 512 -9.55 38.91 -2.41
CA LEU C 512 -10.59 39.35 -1.48
C LEU C 512 -11.88 39.70 -2.23
N GLY C 513 -11.75 40.08 -3.51
CA GLY C 513 -12.90 40.29 -4.37
C GLY C 513 -13.57 38.98 -4.75
N VAL C 514 -12.74 37.97 -5.04
CA VAL C 514 -13.21 36.61 -5.32
C VAL C 514 -14.01 36.08 -4.12
N ILE C 515 -13.51 36.25 -2.91
CA ILE C 515 -14.20 35.78 -1.71
C ILE C 515 -15.52 36.50 -1.48
N PHE C 516 -15.52 37.82 -1.58
CA PHE C 516 -16.73 38.60 -1.44
C PHE C 516 -17.79 38.16 -2.45
N TYR C 517 -17.40 38.07 -3.72
CA TYR C 517 -18.29 37.60 -4.77
C TYR C 517 -18.86 36.20 -4.47
N THR C 518 -17.97 35.24 -4.18
CA THR C 518 -18.35 33.87 -3.82
C THR C 518 -19.41 33.84 -2.72
N LEU C 519 -19.19 34.60 -1.64
CA LEU C 519 -20.07 34.53 -0.48
C LEU C 519 -21.39 35.27 -0.66
N THR C 520 -21.51 36.08 -1.69
CA THR C 520 -22.72 36.85 -1.93
C THR C 520 -23.50 36.35 -3.15
N ARG C 521 -22.77 35.96 -4.20
CA ARG C 521 -23.35 35.73 -5.52
C ARG C 521 -22.87 34.43 -6.18
N GLY C 522 -22.03 33.66 -5.49
CA GLY C 522 -21.46 32.45 -6.07
C GLY C 522 -22.50 31.35 -6.17
N ALA C 523 -22.33 30.46 -7.14
CA ALA C 523 -23.26 29.35 -7.36
C ALA C 523 -23.50 28.60 -6.07
N ARG C 524 -24.75 28.19 -5.85
CA ARG C 524 -25.09 27.34 -4.72
C ARG C 524 -24.45 25.97 -4.84
N VAL C 525 -23.96 25.46 -3.71
CA VAL C 525 -23.46 24.10 -3.64
C VAL C 525 -24.60 23.20 -3.17
N THR C 526 -24.86 22.15 -3.96
CA THR C 526 -25.91 21.20 -3.61
C THR C 526 -25.31 19.87 -3.19
N ALA C 527 -24.16 19.52 -3.76
CA ALA C 527 -23.53 18.23 -3.52
C ALA C 527 -22.76 18.17 -2.19
N ASN C 528 -22.92 17.05 -1.48
CA ASN C 528 -22.09 16.71 -0.34
C ASN C 528 -20.59 16.72 -0.74
N ASN C 529 -20.31 16.06 -1.87
CA ASN C 529 -18.99 16.04 -2.47
C ASN C 529 -19.07 16.63 -3.88
N TYR C 530 -18.66 17.90 -3.99
CA TYR C 530 -18.68 18.60 -5.28
C TYR C 530 -17.40 18.41 -6.09
N TRP C 531 -16.49 17.55 -5.62
CA TRP C 531 -15.25 17.30 -6.32
C TRP C 531 -15.32 15.95 -7.05
N ASN C 532 -14.96 14.89 -6.35
CA ASN C 532 -14.94 13.53 -6.90
C ASN C 532 -14.70 12.53 -5.77
N GLU C 533 -14.85 11.25 -6.06
CA GLU C 533 -14.83 10.16 -5.10
C GLU C 533 -13.49 10.08 -4.38
N HIS C 534 -12.44 10.61 -4.93
CA HIS C 534 -11.12 10.55 -4.31
C HIS C 534 -10.90 11.61 -3.23
N ALA C 535 -11.82 12.56 -3.12
CA ALA C 535 -11.98 13.32 -1.88
C ALA C 535 -12.79 12.41 -0.96
N ASP C 536 -12.08 11.57 -0.20
CA ASP C 536 -12.71 10.40 0.43
C ASP C 536 -12.76 10.44 1.96
N THR C 537 -12.63 11.61 2.54
CA THR C 537 -12.67 11.76 3.99
C THR C 537 -14.06 12.26 4.42
N LEU C 538 -14.33 12.24 5.73
CA LEU C 538 -15.70 12.33 6.25
C LEU C 538 -16.50 13.62 5.98
N GLU C 539 -15.83 14.74 5.75
CA GLU C 539 -16.54 16.01 5.52
C GLU C 539 -17.28 15.97 4.17
N TRP C 540 -16.82 15.11 3.26
CA TRP C 540 -17.46 14.99 1.96
C TRP C 540 -18.68 14.07 1.99
N THR C 541 -18.94 13.45 3.13
CA THR C 541 -20.15 12.65 3.35
C THR C 541 -21.26 13.48 4.00
N LEU C 542 -20.94 14.72 4.37
CA LEU C 542 -21.91 15.62 5.00
C LEU C 542 -22.43 16.64 3.98
N THR C 543 -23.50 17.34 4.31
CA THR C 543 -24.03 18.38 3.43
C THR C 543 -23.03 19.55 3.31
N SER C 544 -23.28 20.46 2.37
CA SER C 544 -22.47 21.65 2.18
C SER C 544 -23.36 22.88 2.34
N PRO C 545 -23.27 23.58 3.48
CA PRO C 545 -22.40 23.32 4.63
C PRO C 545 -22.88 22.17 5.51
N PRO C 546 -21.98 21.63 6.36
CA PRO C 546 -22.37 20.54 7.25
C PRO C 546 -23.44 21.02 8.22
N PRO C 547 -24.24 20.07 8.77
CA PRO C 547 -25.31 20.43 9.68
C PRO C 547 -24.78 20.87 11.04
N GLU C 548 -25.69 21.37 11.87
CA GLU C 548 -25.41 21.73 13.24
C GLU C 548 -24.79 20.57 14.02
N HIS C 549 -25.36 19.38 13.85
CA HIS C 549 -24.89 18.17 14.53
C HIS C 549 -24.41 17.14 13.52
N THR C 550 -23.09 17.01 13.44
CA THR C 550 -22.42 16.29 12.36
C THR C 550 -22.26 14.78 12.59
N PHE C 551 -21.93 14.38 13.81
CA PHE C 551 -21.74 12.96 14.11
C PHE C 551 -22.38 12.55 15.43
N GLU C 552 -22.64 11.25 15.54
CA GLU C 552 -22.84 10.49 16.79
C GLU C 552 -24.27 10.00 17.05
N GLN D 3 49.28 56.40 -4.48
CA GLN D 3 48.92 55.72 -3.20
C GLN D 3 47.50 55.11 -3.21
N SER D 4 46.61 55.64 -4.03
CA SER D 4 45.17 55.36 -3.87
C SER D 4 44.78 53.88 -4.04
N LEU D 5 44.05 53.38 -3.05
CA LEU D 5 43.61 51.98 -2.98
C LEU D 5 42.43 51.67 -3.90
N GLU D 6 42.44 50.49 -4.52
CA GLU D 6 41.30 50.00 -5.32
C GLU D 6 40.11 49.61 -4.42
N ILE D 7 38.91 50.09 -4.75
CA ILE D 7 37.70 49.71 -4.02
C ILE D 7 37.26 48.32 -4.49
N ILE D 8 37.37 47.33 -3.62
CA ILE D 8 37.13 45.95 -3.99
C ILE D 8 35.91 45.33 -3.28
N GLY D 9 35.85 45.47 -1.95
CA GLY D 9 34.78 44.87 -1.17
C GLY D 9 33.56 45.77 -1.13
N ARG D 10 32.77 45.71 -2.20
CA ARG D 10 31.56 46.54 -2.32
C ARG D 10 30.54 45.82 -3.19
N PRO D 11 29.24 46.12 -3.00
CA PRO D 11 28.29 45.56 -3.94
C PRO D 11 28.41 46.25 -5.31
N GLN D 12 28.05 45.55 -6.38
CA GLN D 12 28.11 46.10 -7.74
C GLN D 12 26.71 46.12 -8.35
N PRO D 13 26.40 47.16 -9.16
CA PRO D 13 25.05 47.31 -9.74
C PRO D 13 24.52 46.02 -10.40
N GLY D 14 23.28 45.66 -10.08
CA GLY D 14 22.65 44.46 -10.63
C GLY D 14 23.34 43.16 -10.26
N GLY D 15 24.21 43.19 -9.26
CA GLY D 15 24.98 42.00 -8.86
C GLY D 15 24.10 40.81 -8.45
N THR D 16 24.53 39.62 -8.84
CA THR D 16 23.82 38.39 -8.49
C THR D 16 24.71 37.41 -7.73
N GLY D 17 26.01 37.68 -7.71
CA GLY D 17 26.99 36.79 -7.06
C GLY D 17 27.51 37.34 -5.73
N PHE D 18 28.48 36.65 -5.16
CA PHE D 18 29.14 37.15 -3.96
C PHE D 18 29.97 38.40 -4.31
N GLN D 19 30.17 39.28 -3.32
CA GLN D 19 31.21 40.30 -3.44
C GLN D 19 32.56 39.63 -3.70
N PRO D 20 33.54 40.36 -4.27
CA PRO D 20 34.85 39.73 -4.54
C PRO D 20 35.51 39.14 -3.29
N SER D 21 36.20 38.01 -3.45
CA SER D 21 36.96 37.46 -2.36
C SER D 21 38.30 38.17 -2.20
N ALA D 22 38.67 38.45 -0.96
CA ALA D 22 40.02 38.95 -0.66
C ALA D 22 40.68 38.21 0.49
N SER D 23 40.18 37.01 0.81
CA SER D 23 40.77 36.18 1.84
C SER D 23 40.59 34.71 1.46
N PRO D 24 41.43 33.81 2.00
CA PRO D 24 41.27 32.40 1.70
C PRO D 24 39.95 31.83 2.24
N VAL D 25 39.49 32.34 3.39
CA VAL D 25 38.18 31.99 3.95
C VAL D 25 37.03 32.37 3.00
N ALA D 26 37.04 33.60 2.49
CA ALA D 26 36.03 34.03 1.53
C ALA D 26 36.01 33.13 0.30
N THR D 27 37.20 32.83 -0.24
CA THR D 27 37.33 31.91 -1.38
C THR D 27 36.70 30.56 -1.11
N GLN D 28 36.94 30.02 0.08
CA GLN D 28 36.35 28.75 0.50
C GLN D 28 34.84 28.81 0.60
N ILE D 29 34.30 29.97 0.99
CA ILE D 29 32.85 30.19 1.05
C ILE D 29 32.28 30.17 -0.35
N HIS D 30 32.94 30.88 -1.28
CA HIS D 30 32.50 30.93 -2.68
C HIS D 30 32.49 29.54 -3.30
N TRP D 31 33.51 28.74 -2.98
CA TRP D 31 33.59 27.38 -3.50
C TRP D 31 32.53 26.45 -2.89
N LEU D 32 32.36 26.51 -1.57
CA LEU D 32 31.39 25.64 -0.88
C LEU D 32 29.96 25.98 -1.33
N ASP D 33 29.66 27.27 -1.38
CA ASP D 33 28.35 27.72 -1.85
C ASP D 33 28.10 27.31 -3.30
N GLY D 34 29.13 27.35 -4.13
CA GLY D 34 29.00 26.99 -5.55
C GLY D 34 28.67 25.51 -5.71
N PHE D 35 29.43 24.68 -5.00
CA PHE D 35 29.23 23.25 -4.90
C PHE D 35 27.79 22.91 -4.45
N ILE D 36 27.33 23.56 -3.36
CA ILE D 36 25.99 23.32 -2.85
C ILE D 36 24.93 23.85 -3.82
N LEU D 37 25.20 25.00 -4.43
CA LEU D 37 24.28 25.57 -5.41
C LEU D 37 24.03 24.63 -6.61
N VAL D 38 25.09 24.02 -7.13
CA VAL D 38 24.96 23.04 -8.20
C VAL D 38 24.06 21.88 -7.73
N ILE D 39 24.33 21.35 -6.55
CA ILE D 39 23.52 20.26 -5.99
C ILE D 39 22.05 20.63 -5.82
N ILE D 40 21.77 21.78 -5.18
CA ILE D 40 20.38 22.13 -4.89
C ILE D 40 19.65 22.59 -6.14
N ALA D 41 20.37 23.15 -7.10
CA ALA D 41 19.78 23.44 -8.40
C ALA D 41 19.44 22.14 -9.14
N ALA D 42 20.32 21.14 -9.07
CA ALA D 42 20.03 19.84 -9.67
C ALA D 42 18.76 19.25 -9.04
N ILE D 43 18.66 19.33 -7.71
CA ILE D 43 17.51 18.80 -6.98
C ILE D 43 16.21 19.52 -7.36
N THR D 44 16.27 20.84 -7.42
CA THR D 44 15.08 21.65 -7.67
C THR D 44 14.61 21.46 -9.11
N ILE D 45 15.57 21.35 -10.03
CA ILE D 45 15.26 21.07 -11.45
C ILE D 45 14.64 19.67 -11.60
N PHE D 46 15.23 18.69 -10.92
CA PHE D 46 14.70 17.33 -10.90
C PHE D 46 13.24 17.29 -10.43
N VAL D 47 12.98 17.91 -9.27
CA VAL D 47 11.63 17.99 -8.70
C VAL D 47 10.67 18.68 -9.67
N THR D 48 11.09 19.81 -10.22
CA THR D 48 10.26 20.61 -11.12
C THR D 48 9.92 19.83 -12.39
N LEU D 49 10.92 19.14 -12.94
CA LEU D 49 10.73 18.34 -14.15
C LEU D 49 9.82 17.13 -13.93
N LEU D 50 9.97 16.47 -12.77
CA LEU D 50 9.05 15.40 -12.36
C LEU D 50 7.61 15.89 -12.30
N ILE D 51 7.40 17.02 -11.63
CA ILE D 51 6.06 17.58 -11.49
C ILE D 51 5.48 17.91 -12.86
N LEU D 52 6.24 18.63 -13.69
CA LEU D 52 5.78 19.04 -15.01
C LEU D 52 5.48 17.86 -15.93
N TYR D 53 6.37 16.86 -15.92
CA TYR D 53 6.13 15.66 -16.71
C TYR D 53 4.86 14.94 -16.20
N ALA D 54 4.75 14.78 -14.88
CA ALA D 54 3.59 14.13 -14.25
C ALA D 54 2.28 14.77 -14.68
N VAL D 55 2.21 16.09 -14.62
CA VAL D 55 1.02 16.84 -15.02
C VAL D 55 0.73 16.70 -16.52
N TRP D 56 1.79 16.61 -17.33
CA TRP D 56 1.63 16.41 -18.78
C TRP D 56 1.17 14.99 -19.09
N ARG D 57 1.96 14.01 -18.66
CA ARG D 57 1.72 12.59 -18.93
C ARG D 57 0.43 12.03 -18.30
N PHE D 58 0.04 12.57 -17.15
CA PHE D 58 -1.09 12.02 -16.40
C PHE D 58 -2.24 13.00 -16.23
N HIS D 59 -2.29 14.00 -17.10
CA HIS D 59 -3.43 14.90 -17.15
C HIS D 59 -4.67 14.08 -17.50
N GLU D 60 -5.82 14.45 -16.93
CA GLU D 60 -7.07 13.70 -17.11
C GLU D 60 -7.49 13.42 -18.57
N LYS D 61 -7.18 14.35 -19.46
CA LYS D 61 -7.46 14.13 -20.89
C LYS D 61 -6.55 13.11 -21.54
N ARG D 62 -5.37 12.87 -20.96
CA ARG D 62 -4.42 11.91 -21.51
C ARG D 62 -4.50 10.55 -20.82
N ASN D 63 -4.70 10.56 -19.50
CA ASN D 63 -4.81 9.32 -18.74
C ASN D 63 -6.15 9.36 -18.01
N LYS D 64 -7.17 8.82 -18.67
CA LYS D 64 -8.55 8.89 -18.19
C LYS D 64 -8.82 8.05 -16.93
N VAL D 65 -8.11 6.92 -16.80
CA VAL D 65 -8.33 6.03 -15.66
C VAL D 65 -7.12 6.02 -14.71
N PRO D 66 -7.31 6.55 -13.49
CA PRO D 66 -6.20 6.65 -12.54
C PRO D 66 -5.75 5.30 -12.02
N ALA D 67 -4.45 5.14 -11.80
CA ALA D 67 -3.90 3.96 -11.15
C ALA D 67 -4.25 3.99 -9.66
N ARG D 68 -3.98 2.90 -8.95
CA ARG D 68 -4.37 2.77 -7.55
C ARG D 68 -3.24 2.41 -6.58
N PHE D 69 -2.03 2.20 -7.11
CA PHE D 69 -0.88 1.88 -6.25
C PHE D 69 -0.62 3.00 -5.23
N THR D 70 -0.08 2.60 -4.08
CA THR D 70 0.23 3.52 -2.98
C THR D 70 1.58 3.17 -2.35
N HIS D 71 2.29 2.24 -2.98
CA HIS D 71 3.48 1.63 -2.36
C HIS D 71 4.47 1.21 -3.43
N ASN D 72 5.75 1.46 -3.17
CA ASN D 72 6.85 0.95 -4.01
C ASN D 72 8.10 0.83 -3.15
N SER D 73 8.25 -0.34 -2.55
CA SER D 73 9.26 -0.55 -1.51
C SER D 73 10.68 -0.11 -1.90
N PRO D 74 11.23 -0.60 -3.04
CA PRO D 74 12.59 -0.21 -3.41
C PRO D 74 12.75 1.29 -3.65
N LEU D 75 11.77 1.91 -4.31
CA LEU D 75 11.80 3.35 -4.55
C LEU D 75 11.82 4.13 -3.23
N GLU D 76 10.97 3.73 -2.29
CA GLU D 76 10.85 4.38 -0.99
C GLU D 76 12.11 4.24 -0.15
N ILE D 77 12.85 3.15 -0.33
CA ILE D 77 14.14 2.99 0.34
C ILE D 77 15.17 3.89 -0.31
N ALA D 78 15.21 3.87 -1.64
CA ALA D 78 16.12 4.67 -2.45
C ALA D 78 15.97 6.18 -2.21
N TRP D 79 14.73 6.66 -2.18
CA TRP D 79 14.50 8.08 -1.96
C TRP D 79 14.72 8.53 -0.51
N THR D 80 15.01 7.58 0.38
CA THR D 80 15.46 7.91 1.72
C THR D 80 17.00 7.94 1.74
N ILE D 81 17.61 6.95 1.11
CA ILE D 81 19.06 6.79 1.12
C ILE D 81 19.78 7.86 0.31
N VAL D 82 19.27 8.19 -0.88
CA VAL D 82 19.96 9.15 -1.73
C VAL D 82 20.11 10.54 -1.07
N PRO D 83 19.00 11.15 -0.58
CA PRO D 83 19.15 12.37 0.23
C PRO D 83 20.19 12.25 1.34
N ILE D 84 20.21 11.15 2.09
CA ILE D 84 21.22 10.98 3.13
C ILE D 84 22.64 11.04 2.55
N VAL D 85 22.86 10.37 1.41
CA VAL D 85 24.18 10.34 0.79
C VAL D 85 24.59 11.74 0.36
N ILE D 86 23.68 12.46 -0.30
CA ILE D 86 23.91 13.85 -0.69
C ILE D 86 24.28 14.74 0.50
N LEU D 87 23.57 14.59 1.62
CA LEU D 87 23.82 15.43 2.80
C LEU D 87 25.16 15.09 3.44
N VAL D 88 25.51 13.81 3.46
CA VAL D 88 26.82 13.38 3.96
C VAL D 88 27.94 13.97 3.10
N ALA D 89 27.78 13.94 1.78
CA ALA D 89 28.77 14.51 0.87
C ALA D 89 28.94 16.02 1.10
N ILE D 90 27.82 16.74 1.25
CA ILE D 90 27.86 18.18 1.60
C ILE D 90 28.58 18.40 2.92
N GLY D 91 28.23 17.60 3.93
CA GLY D 91 28.87 17.67 5.24
C GLY D 91 30.36 17.44 5.15
N ALA D 92 30.77 16.52 4.27
CA ALA D 92 32.18 16.12 4.14
C ALA D 92 33.08 17.27 3.67
N PHE D 93 32.52 18.15 2.83
CA PHE D 93 33.24 19.35 2.37
C PHE D 93 33.00 20.57 3.25
N SER D 94 31.84 20.60 3.91
CA SER D 94 31.43 21.76 4.66
C SER D 94 32.12 21.86 6.01
N LEU D 95 32.33 20.73 6.67
CA LEU D 95 32.95 20.72 7.99
C LEU D 95 34.41 21.22 8.02
N PRO D 96 35.26 20.77 7.07
CA PRO D 96 36.63 21.29 7.02
C PRO D 96 36.69 22.82 6.85
N VAL D 97 35.84 23.35 5.97
CA VAL D 97 35.72 24.80 5.77
C VAL D 97 35.35 25.52 7.08
N LEU D 98 34.43 24.93 7.84
CA LEU D 98 33.95 25.54 9.08
C LEU D 98 35.06 25.57 10.12
N PHE D 99 35.76 24.45 10.27
CA PHE D 99 36.89 24.38 11.20
C PHE D 99 37.97 25.41 10.83
N ASN D 100 38.26 25.52 9.54
CA ASN D 100 39.23 26.53 9.06
C ASN D 100 38.81 27.94 9.44
N GLN D 101 37.52 28.21 9.28
CA GLN D 101 36.91 29.50 9.65
C GLN D 101 36.98 29.84 11.13
N GLN D 102 36.71 28.87 11.99
CA GLN D 102 36.50 29.16 13.41
C GLN D 102 37.73 28.91 14.29
N GLU D 103 38.73 28.21 13.77
CA GLU D 103 39.98 28.02 14.51
C GLU D 103 40.83 29.28 14.33
N ILE D 104 40.96 30.05 15.41
CA ILE D 104 41.72 31.30 15.42
C ILE D 104 43.26 31.04 15.41
N PRO D 105 43.96 31.44 14.34
CA PRO D 105 45.41 31.25 14.31
C PRO D 105 46.13 32.31 15.16
N GLU D 106 47.47 32.18 15.31
CA GLU D 106 48.25 33.23 15.96
C GLU D 106 48.15 34.54 15.19
N ALA D 107 47.89 35.62 15.87
CA ALA D 107 47.70 36.93 15.25
C ALA D 107 49.03 37.59 14.89
N ASP D 108 49.12 38.11 13.66
CA ASP D 108 50.17 39.07 13.31
C ASP D 108 49.72 40.45 13.75
N VAL D 109 48.42 40.70 13.64
CA VAL D 109 47.82 41.99 13.97
C VAL D 109 46.53 41.77 14.78
N THR D 110 46.33 42.56 15.82
CA THR D 110 45.19 42.41 16.70
C THR D 110 44.42 43.70 16.78
N VAL D 111 43.11 43.63 16.54
CA VAL D 111 42.26 44.81 16.65
C VAL D 111 41.06 44.47 17.54
N LYS D 112 40.82 45.33 18.54
CA LYS D 112 39.65 45.20 19.38
C LYS D 112 38.59 46.16 18.86
N VAL D 113 37.44 45.59 18.50
CA VAL D 113 36.36 46.36 17.88
C VAL D 113 35.15 46.40 18.81
N THR D 114 34.64 47.61 19.05
CA THR D 114 33.48 47.78 19.90
C THR D 114 32.33 48.42 19.13
N GLY D 115 31.14 47.82 19.23
CA GLY D 115 29.95 48.38 18.60
C GLY D 115 29.21 49.30 19.56
N TYR D 116 28.87 50.47 19.07
CA TYR D 116 28.09 51.45 19.82
C TYR D 116 26.93 51.87 18.96
N GLN D 117 25.91 52.42 19.62
CA GLN D 117 24.83 53.12 18.93
C GLN D 117 25.25 54.57 18.62
N TRP D 118 25.54 54.95 17.37
CA TRP D 118 25.62 54.10 16.18
C TRP D 118 26.93 54.37 15.40
N TYR D 119 27.99 53.68 15.79
CA TYR D 119 29.35 53.81 15.24
C TYR D 119 30.18 52.70 15.83
N TRP D 120 31.39 52.52 15.32
CA TRP D 120 32.32 51.50 15.79
C TRP D 120 33.57 52.14 16.40
N GLY D 121 34.11 51.50 17.41
CA GLY D 121 35.35 51.95 18.03
C GLY D 121 36.42 50.92 17.75
N TYR D 122 37.62 51.39 17.37
CA TYR D 122 38.73 50.50 17.07
C TYR D 122 39.90 50.74 18.02
N GLU D 123 40.53 49.65 18.46
CA GLU D 123 41.69 49.73 19.33
C GLU D 123 42.70 48.70 18.89
N TYR D 124 43.92 49.17 18.69
CA TYR D 124 45.01 48.29 18.37
C TYR D 124 45.83 48.19 19.66
N PRO D 125 45.59 47.13 20.46
CA PRO D 125 46.26 47.00 21.77
C PRO D 125 47.81 46.94 21.73
N ASP D 126 48.38 46.30 20.71
CA ASP D 126 49.84 46.28 20.49
C ASP D 126 50.43 47.67 20.22
N GLU D 127 49.61 48.60 19.73
CA GLU D 127 50.12 49.86 19.20
C GLU D 127 49.67 51.08 19.98
N GLU D 128 48.78 50.87 20.95
CA GLU D 128 48.15 51.95 21.71
C GLU D 128 47.47 52.97 20.80
N ILE D 129 46.81 52.45 19.76
CA ILE D 129 45.96 53.27 18.90
C ILE D 129 44.49 52.97 19.18
N SER D 130 43.70 54.02 19.36
CA SER D 130 42.25 53.87 19.43
C SER D 130 41.58 55.07 18.75
N PHE D 131 40.47 54.79 18.07
CA PHE D 131 39.70 55.79 17.34
C PHE D 131 38.26 55.32 17.07
N GLU D 132 37.39 56.26 16.71
CA GLU D 132 36.01 55.94 16.37
C GLU D 132 35.75 56.15 14.89
N SER D 133 34.77 55.42 14.38
CA SER D 133 34.52 55.39 12.95
C SER D 133 33.02 55.60 12.68
N TYR D 134 32.71 56.76 12.09
CA TYR D 134 31.32 57.18 11.83
C TYR D 134 31.08 57.20 10.33
N MET D 135 29.85 56.90 9.92
CA MET D 135 29.47 56.96 8.51
C MET D 135 29.70 58.39 8.01
N ILE D 136 30.29 58.50 6.82
CA ILE D 136 30.31 59.79 6.17
C ILE D 136 28.86 60.13 5.77
N GLY D 137 28.34 61.21 6.36
CA GLY D 137 26.93 61.58 6.21
C GLY D 137 26.12 61.40 7.49
N SER D 138 26.72 60.79 8.51
CA SER D 138 26.10 60.68 9.82
C SER D 138 26.06 62.04 10.50
N PRO D 139 25.21 62.20 11.54
CA PRO D 139 25.21 63.42 12.35
C PRO D 139 26.60 63.78 12.88
N ALA D 140 27.40 62.77 13.22
CA ALA D 140 28.75 63.01 13.74
C ALA D 140 29.70 63.64 12.72
N THR D 141 29.40 63.48 11.43
CA THR D 141 30.19 64.13 10.38
C THR D 141 29.44 65.36 9.85
N GLY D 142 28.39 65.74 10.58
CA GLY D 142 27.57 66.92 10.24
C GLY D 142 26.41 66.69 9.27
N GLY D 143 26.08 65.43 9.01
CA GLY D 143 24.98 65.11 8.10
C GLY D 143 23.74 64.65 8.84
N ASP D 144 22.74 64.19 8.09
CA ASP D 144 21.60 63.51 8.70
C ASP D 144 21.20 62.23 7.94
N ASN D 145 22.21 61.44 7.60
CA ASN D 145 22.06 60.09 7.07
C ASN D 145 21.50 60.01 5.65
N ARG D 146 21.62 61.12 4.91
CA ARG D 146 21.18 61.18 3.51
C ARG D 146 22.24 61.82 2.61
N MET D 147 22.19 61.50 1.32
CA MET D 147 23.05 62.15 0.33
C MET D 147 22.65 63.61 0.21
N SER D 148 23.65 64.44 -0.08
CA SER D 148 23.50 65.89 -0.25
C SER D 148 24.76 66.32 -1.00
N PRO D 149 24.73 67.52 -1.62
CA PRO D 149 25.99 68.04 -2.21
C PRO D 149 27.15 68.07 -1.20
N GLU D 150 26.86 68.39 0.05
CA GLU D 150 27.86 68.44 1.12
C GLU D 150 28.47 67.06 1.40
N VAL D 151 27.59 66.07 1.56
CA VAL D 151 28.02 64.69 1.78
C VAL D 151 28.83 64.16 0.60
N GLU D 152 28.40 64.50 -0.63
CA GLU D 152 29.16 64.06 -1.79
C GLU D 152 30.60 64.59 -1.74
N GLN D 153 30.75 65.89 -1.49
CA GLN D 153 32.08 66.49 -1.36
C GLN D 153 32.90 65.85 -0.23
N GLN D 154 32.27 65.57 0.90
CA GLN D 154 32.95 64.87 1.99
C GLN D 154 33.44 63.47 1.59
N LEU D 155 32.62 62.76 0.82
CA LEU D 155 33.03 61.46 0.29
C LEU D 155 34.24 61.61 -0.63
N ILE D 156 34.18 62.59 -1.52
CA ILE D 156 35.28 62.83 -2.47
C ILE D 156 36.57 63.13 -1.71
N GLU D 157 36.47 64.01 -0.71
CA GLU D 157 37.63 64.43 0.06
C GLU D 157 38.22 63.34 0.96
N ALA D 158 37.38 62.38 1.36
CA ALA D 158 37.87 61.21 2.09
C ALA D 158 38.45 60.17 1.14
N GLY D 159 38.32 60.42 -0.16
CA GLY D 159 38.91 59.52 -1.16
C GLY D 159 37.93 58.54 -1.75
N TYR D 160 36.63 58.84 -1.60
CA TYR D 160 35.59 57.98 -2.12
C TYR D 160 34.79 58.76 -3.16
N SER D 161 33.55 58.35 -3.41
CA SER D 161 32.67 59.05 -4.35
C SER D 161 31.25 58.89 -3.82
N ARG D 162 30.28 59.52 -4.47
CA ARG D 162 28.89 59.38 -4.03
C ARG D 162 28.43 57.91 -4.05
N ASP D 163 29.01 57.09 -4.93
CA ASP D 163 28.71 55.66 -5.01
C ASP D 163 29.00 54.86 -3.74
N GLU D 164 29.89 55.37 -2.88
CA GLU D 164 30.23 54.69 -1.63
C GLU D 164 29.40 55.20 -0.46
N PHE D 165 28.45 56.09 -0.71
CA PHE D 165 27.58 56.56 0.37
C PHE D 165 26.87 55.37 1.03
N LEU D 166 26.81 55.43 2.36
CA LEU D 166 26.27 54.38 3.27
C LEU D 166 27.28 53.30 3.64
N LEU D 167 28.38 53.26 2.90
CA LEU D 167 29.47 52.31 3.14
C LEU D 167 30.72 52.97 3.77
N ALA D 168 31.10 54.12 3.24
CA ALA D 168 32.33 54.80 3.66
C ALA D 168 32.18 55.47 5.01
N THR D 169 33.21 55.31 5.86
CA THR D 169 33.30 55.94 7.18
C THR D 169 34.43 56.98 7.17
N ASP D 170 34.43 57.90 8.14
CA ASP D 170 35.43 58.98 8.20
C ASP D 170 36.85 58.46 8.45
N THR D 171 36.96 57.41 9.28
CA THR D 171 38.22 56.73 9.53
C THR D 171 38.06 55.26 9.17
N ALA D 172 39.17 54.62 8.79
CA ALA D 172 39.14 53.22 8.39
C ALA D 172 39.99 52.38 9.34
N MET D 173 39.67 51.10 9.44
CA MET D 173 40.52 50.15 10.12
C MET D 173 41.63 49.75 9.12
N VAL D 174 42.87 50.11 9.44
CA VAL D 174 43.97 49.94 8.50
C VAL D 174 44.76 48.72 8.91
N VAL D 175 45.02 47.85 7.95
CA VAL D 175 45.73 46.61 8.23
C VAL D 175 46.70 46.30 7.09
N PRO D 176 47.79 45.59 7.37
CA PRO D 176 48.72 45.18 6.30
C PRO D 176 48.28 43.94 5.54
N VAL D 177 48.58 43.91 4.25
CA VAL D 177 48.26 42.77 3.39
C VAL D 177 49.06 41.52 3.77
N ASN D 178 48.45 40.36 3.55
CA ASN D 178 49.08 39.07 3.71
C ASN D 178 49.53 38.78 5.14
N LYS D 179 48.84 39.41 6.08
CA LYS D 179 49.08 39.23 7.50
C LYS D 179 47.80 38.75 8.21
N THR D 180 47.97 37.84 9.17
CA THR D 180 46.86 37.31 9.93
C THR D 180 46.35 38.36 10.93
N VAL D 181 45.13 38.85 10.68
CA VAL D 181 44.46 39.79 11.58
C VAL D 181 43.42 39.05 12.43
N VAL D 182 43.49 39.27 13.74
CA VAL D 182 42.50 38.73 14.65
C VAL D 182 41.76 39.92 15.20
N VAL D 183 40.44 39.91 15.00
CA VAL D 183 39.58 40.97 15.49
C VAL D 183 38.79 40.45 16.66
N GLN D 184 38.80 41.21 17.75
CA GLN D 184 38.05 40.85 18.93
C GLN D 184 36.88 41.81 19.02
N VAL D 185 35.67 41.24 19.04
CA VAL D 185 34.45 42.02 18.86
C VAL D 185 33.57 42.00 20.11
N THR D 186 33.13 43.18 20.52
CA THR D 186 32.16 43.31 21.60
C THR D 186 31.22 44.48 21.32
N GLY D 187 30.12 44.55 22.06
CA GLY D 187 29.18 45.67 21.95
C GLY D 187 29.16 46.43 23.26
N ALA D 188 28.86 47.73 23.18
CA ALA D 188 28.91 48.59 24.35
C ALA D 188 27.55 48.78 25.00
N ASP D 189 26.48 48.68 24.21
CA ASP D 189 25.15 49.07 24.66
C ASP D 189 24.12 48.01 24.26
N VAL D 190 23.92 47.81 22.96
CA VAL D 190 23.08 46.72 22.48
C VAL D 190 23.94 45.81 21.61
N ILE D 191 23.37 44.72 21.10
CA ILE D 191 24.11 43.85 20.18
C ILE D 191 24.22 44.52 18.81
N HIS D 192 25.45 44.57 18.30
CA HIS D 192 25.69 44.96 16.91
C HIS D 192 26.30 43.76 16.22
N SER D 193 26.64 43.89 14.95
CA SER D 193 27.40 42.79 14.32
C SER D 193 28.39 43.31 13.29
N TRP D 194 29.64 42.89 13.45
CA TRP D 194 30.75 43.40 12.63
C TRP D 194 31.03 42.41 11.51
N THR D 195 31.11 42.90 10.28
CA THR D 195 31.23 42.02 9.12
C THR D 195 31.97 42.70 7.97
N VAL D 196 32.70 41.90 7.19
CA VAL D 196 33.24 42.31 5.90
C VAL D 196 33.04 41.16 4.91
N PRO D 197 32.03 41.25 4.01
CA PRO D 197 31.76 40.21 3.00
C PRO D 197 32.97 39.76 2.16
N ALA D 198 33.84 40.70 1.77
CA ALA D 198 35.04 40.36 1.03
C ALA D 198 35.97 39.42 1.81
N PHE D 199 35.94 39.49 3.14
CA PHE D 199 36.80 38.62 3.96
C PHE D 199 36.10 37.34 4.42
N GLY D 200 34.79 37.26 4.19
CA GLY D 200 33.96 36.13 4.65
C GLY D 200 33.88 36.06 6.17
N VAL D 201 33.76 37.20 6.82
CA VAL D 201 33.71 37.21 8.29
C VAL D 201 32.49 37.95 8.80
N LYS D 202 31.95 37.48 9.92
CA LYS D 202 30.83 38.12 10.62
C LYS D 202 30.79 37.62 12.04
N GLN D 203 30.76 38.54 12.99
CA GLN D 203 30.73 38.16 14.38
C GLN D 203 29.90 39.19 15.14
N ASP D 204 28.90 38.71 15.88
CA ASP D 204 28.06 39.60 16.66
C ASP D 204 28.88 40.30 17.74
N ALA D 205 28.52 41.56 18.00
CA ALA D 205 29.17 42.41 18.98
C ALA D 205 28.23 42.47 20.18
N VAL D 206 28.37 41.49 21.07
CA VAL D 206 27.47 41.30 22.19
C VAL D 206 28.01 41.93 23.48
N PRO D 207 27.24 42.85 24.08
CA PRO D 207 27.64 43.39 25.39
C PRO D 207 27.98 42.28 26.38
N GLY D 208 29.14 42.40 27.02
CA GLY D 208 29.57 41.45 28.05
C GLY D 208 30.37 40.27 27.55
N ARG D 209 30.45 40.14 26.23
CA ARG D 209 31.22 39.07 25.59
C ARG D 209 32.29 39.66 24.67
N LEU D 210 33.46 39.03 24.66
CA LEU D 210 34.48 39.33 23.67
C LEU D 210 34.63 38.12 22.76
N ALA D 211 34.24 38.28 21.50
CA ALA D 211 34.30 37.18 20.54
C ALA D 211 35.37 37.47 19.49
N GLN D 212 36.03 36.44 19.00
CA GLN D 212 37.11 36.62 18.05
C GLN D 212 36.76 36.14 16.64
N LEU D 213 37.36 36.78 15.65
CA LEU D 213 37.34 36.32 14.26
C LEU D 213 38.73 36.57 13.64
N TRP D 214 39.01 35.94 12.51
CA TRP D 214 40.29 36.16 11.83
C TRP D 214 40.13 36.31 10.33
N PHE D 215 41.00 37.12 9.73
CA PHE D 215 41.14 37.12 8.28
C PHE D 215 42.60 37.38 7.88
N ARG D 216 42.96 36.89 6.69
CA ARG D 216 44.20 37.27 6.06
C ARG D 216 43.84 37.83 4.71
N ALA D 217 43.96 39.15 4.55
CA ALA D 217 43.67 39.79 3.27
C ALA D 217 44.78 39.47 2.26
N GLU D 218 44.39 38.96 1.10
CA GLU D 218 45.36 38.51 0.10
C GLU D 218 45.67 39.60 -0.95
N ARG D 219 44.97 40.72 -0.86
CA ARG D 219 45.29 41.84 -1.72
C ARG D 219 44.93 43.16 -1.07
N GLU D 220 45.61 44.21 -1.52
CA GLU D 220 45.40 45.54 -0.97
C GLU D 220 44.13 46.09 -1.55
N GLY D 221 43.50 47.01 -0.83
CA GLY D 221 42.31 47.67 -1.33
C GLY D 221 41.41 48.15 -0.20
N ILE D 222 40.21 48.60 -0.58
CA ILE D 222 39.19 49.06 0.34
C ILE D 222 38.04 48.05 0.34
N PHE D 223 37.54 47.74 1.54
CA PHE D 223 36.53 46.70 1.73
C PHE D 223 35.57 47.17 2.78
N PHE D 224 34.28 47.11 2.44
CA PHE D 224 33.21 47.65 3.26
C PHE D 224 32.33 46.55 3.86
N GLY D 225 31.82 46.81 5.06
CA GLY D 225 30.79 45.99 5.66
C GLY D 225 29.77 46.93 6.29
N GLN D 226 28.66 46.36 6.79
CA GLN D 226 27.56 47.16 7.37
C GLN D 226 27.07 46.44 8.62
N CYS D 227 26.61 47.19 9.63
CA CYS D 227 26.20 46.60 10.89
C CYS D 227 25.10 45.59 10.61
N SER D 228 25.28 44.37 11.16
CA SER D 228 24.44 43.23 10.83
C SER D 228 23.66 42.60 12.00
N GLU D 229 23.30 43.41 12.98
CA GLU D 229 22.28 43.02 13.96
C GLU D 229 21.52 44.26 14.28
N LEU D 230 20.18 44.22 14.12
CA LEU D 230 19.35 45.40 14.34
C LEU D 230 19.59 45.97 15.73
N CYS D 231 19.93 47.26 15.80
CA CYS D 231 20.47 47.87 17.01
C CYS D 231 19.85 49.24 17.27
N GLY D 232 18.73 49.50 16.58
CA GLY D 232 17.98 50.72 16.78
C GLY D 232 17.91 51.58 15.54
N ILE D 233 17.66 52.86 15.77
CA ILE D 233 17.27 53.79 14.71
C ILE D 233 18.29 53.98 13.58
N SER D 234 19.57 53.84 13.89
CA SER D 234 20.61 54.08 12.89
C SER D 234 21.44 52.84 12.57
N HIS D 235 20.78 51.69 12.71
CA HIS D 235 21.25 50.40 12.26
C HIS D 235 21.76 50.43 10.81
N ALA D 236 21.00 51.09 9.94
CA ALA D 236 21.33 51.20 8.52
C ALA D 236 22.51 52.13 8.26
N TYR D 237 22.95 52.82 9.31
CA TYR D 237 23.88 53.95 9.13
C TYR D 237 25.16 53.86 10.00
N MET D 238 25.71 52.67 10.22
CA MET D 238 27.01 52.56 10.92
C MET D 238 27.91 51.52 10.28
N PRO D 239 28.40 51.83 9.05
CA PRO D 239 29.20 50.85 8.32
C PRO D 239 30.65 50.70 8.79
N ILE D 240 31.40 49.91 8.05
CA ILE D 240 32.74 49.47 8.39
C ILE D 240 33.56 49.65 7.14
N THR D 241 34.69 50.35 7.26
CA THR D 241 35.71 50.42 6.20
C THR D 241 37.02 49.85 6.71
N VAL D 242 37.52 48.85 5.97
CA VAL D 242 38.84 48.32 6.21
C VAL D 242 39.70 48.67 4.99
N LYS D 243 40.89 49.20 5.25
CA LYS D 243 41.87 49.47 4.21
C LYS D 243 43.01 48.50 4.42
N VAL D 244 43.27 47.69 3.40
CA VAL D 244 44.35 46.73 3.42
C VAL D 244 45.50 47.32 2.60
N VAL D 245 46.65 47.52 3.24
CA VAL D 245 47.76 48.26 2.63
C VAL D 245 49.06 47.46 2.68
N SER D 246 50.12 47.99 2.06
CA SER D 246 51.45 47.36 2.13
C SER D 246 51.95 47.35 3.55
N GLU D 247 52.86 46.44 3.85
CA GLU D 247 53.49 46.41 5.17
C GLU D 247 54.06 47.78 5.54
N GLU D 248 54.64 48.45 4.54
CA GLU D 248 55.27 49.76 4.70
C GLU D 248 54.27 50.91 4.89
N ALA D 249 53.21 50.92 4.08
CA ALA D 249 52.13 51.88 4.29
C ALA D 249 51.48 51.72 5.67
N TYR D 250 51.37 50.48 6.14
CA TYR D 250 50.76 50.23 7.46
C TYR D 250 51.65 50.79 8.56
N ALA D 251 52.95 50.51 8.47
CA ALA D 251 53.93 51.07 9.41
C ALA D 251 53.95 52.60 9.40
N ALA D 252 53.91 53.20 8.22
CA ALA D 252 53.87 54.67 8.12
C ALA D 252 52.66 55.23 8.86
N TRP D 253 51.51 54.58 8.67
CA TRP D 253 50.25 54.92 9.35
C TRP D 253 50.41 54.81 10.87
N LEU D 254 50.99 53.72 11.33
CA LEU D 254 51.37 53.57 12.75
C LEU D 254 52.25 54.71 13.30
N GLU D 255 53.30 55.08 12.57
CA GLU D 255 54.24 56.13 13.05
C GLU D 255 53.55 57.48 13.16
N GLN D 256 52.67 57.77 12.19
CA GLN D 256 51.85 58.98 12.24
C GLN D 256 51.05 59.09 13.55
N HIS D 257 50.73 57.93 14.14
CA HIS D 257 49.97 57.87 15.39
C HIS D 257 50.84 57.86 16.65
N HIS D 258 52.15 57.65 16.48
CA HIS D 258 53.07 57.54 17.61
C HIS D 258 53.40 58.92 18.19
N HIS D 259 53.03 59.13 19.45
CA HIS D 259 53.37 60.37 20.15
C HIS D 259 54.67 60.18 20.90
N HIS D 260 55.62 61.09 20.68
CA HIS D 260 56.93 61.01 21.33
C HIS D 260 56.99 61.89 22.57
#